data_2X3H
#
_entry.id   2X3H
#
_cell.length_a   68.530
_cell.length_b   130.400
_cell.length_c   145.740
_cell.angle_alpha   90.00
_cell.angle_beta   90.00
_cell.angle_gamma   90.00
#
_symmetry.space_group_name_H-M   'P 21 21 21'
#
loop_
_entity.id
_entity.type
_entity.pdbx_description
1 polymer 'K5 LYASE'
2 non-polymer 'BROMIDE ION'
3 water water
#
_entity_poly.entity_id   1
_entity_poly.type   'polypeptide(L)'
_entity_poly.pdbx_seq_one_letter_code
;MGSSHHHHHHGMASMTGGQQMGRDLYDDDDKDPSSRSMAKLTKPKTEGILHKGQSLYEYLDARVLTSKPFGAAGDATTDD
TEVIAASLNSQKAVTISDGVFSSSGINSNYCNLDGRGSGVLSHRSSTGNYLVFNNPRTGRLSNITVESNKATDTTQGQQV
SLAGGSDVTVSDVNFSNVKGTGFSLIAYPNDAPPDGLMIKGIRGSYSGYATNKAAGCVLADSSVNSLIDNVIAKNYPQFG
AVELKGTASYNIVSNVIGADCQHVTYNGTEGPIAPSNNLIKGVMANNPKYAAVVAGKGSTNLISDVLVDYSTSDARQAHG
VTVEGSDNVINNVLMSGCDGTNSLGQRQTATIARFIGTANNNYASVFPSYSATGVITFESGSTRNFVEVKHPGRRNDLLS
SASTIDGAATIDGTSNSNVVHAPALGQYIGSMSGRFEWRIKSMSLPSGVLTSADKYRMLGDGAVSLAVGGGTSSQVRLFT
SDGTSRTVSLTNGNVRLSTSSTGYLQLGADAMTPDSTGTYALGSASRAWSGGFTQAAFTVTS
;
_entity_poly.pdbx_strand_id   A,B,C
#
loop_
_chem_comp.id
_chem_comp.type
_chem_comp.name
_chem_comp.formula
BR non-polymer 'BROMIDE ION' 'Br -1'
#
# COMPACT_ATOMS: atom_id res chain seq x y z
N PRO A 44 18.04 52.43 -40.33
CA PRO A 44 17.74 51.14 -40.98
C PRO A 44 16.67 50.40 -40.21
N LYS A 45 15.78 49.71 -40.95
CA LYS A 45 14.71 48.93 -40.35
C LYS A 45 14.81 47.48 -40.79
N THR A 46 14.27 46.58 -39.97
CA THR A 46 14.43 45.16 -40.23
C THR A 46 13.74 44.69 -41.53
N GLU A 47 12.76 45.44 -42.02
CA GLU A 47 12.17 45.10 -43.32
C GLU A 47 13.19 45.22 -44.44
N GLY A 48 14.22 46.06 -44.21
CA GLY A 48 15.21 46.38 -45.22
C GLY A 48 16.53 45.65 -45.03
N ILE A 49 16.50 44.56 -44.26
CA ILE A 49 17.71 43.76 -44.01
C ILE A 49 17.39 42.30 -44.30
N LEU A 50 18.37 41.55 -44.81
CA LEU A 50 18.18 40.12 -45.14
C LEU A 50 18.83 39.18 -44.11
N HIS A 51 18.16 38.06 -43.84
CA HIS A 51 18.71 36.99 -43.04
C HIS A 51 18.21 35.67 -43.60
N LYS A 52 19.15 34.84 -44.07
CA LYS A 52 18.82 33.51 -44.59
C LYS A 52 17.73 33.49 -45.68
N GLY A 53 17.77 34.45 -46.60
CA GLY A 53 16.91 34.37 -47.77
C GLY A 53 15.55 35.03 -47.65
N GLN A 54 15.31 35.69 -46.52
CA GLN A 54 14.08 36.44 -46.32
C GLN A 54 14.43 37.69 -45.54
N SER A 55 13.48 38.60 -45.38
CA SER A 55 13.75 39.81 -44.63
C SER A 55 13.94 39.44 -43.16
N LEU A 56 14.79 40.19 -42.49
CA LEU A 56 15.00 39.98 -41.08
C LEU A 56 13.70 40.20 -40.32
N TYR A 57 12.89 41.16 -40.78
CA TYR A 57 11.61 41.43 -40.12
C TYR A 57 10.78 40.15 -40.07
N GLU A 58 10.66 39.47 -41.20
CA GLU A 58 9.82 38.29 -41.28
C GLU A 58 10.43 37.13 -40.51
N TYR A 59 11.75 36.98 -40.59
CA TYR A 59 12.43 35.96 -39.79
C TYR A 59 12.07 36.14 -38.31
N LEU A 60 12.27 37.33 -37.79
CA LEU A 60 12.02 37.61 -36.39
C LEU A 60 10.54 37.40 -36.06
N ASP A 61 9.68 38.04 -36.85
CA ASP A 61 8.27 38.05 -36.50
C ASP A 61 7.64 36.67 -36.58
N ALA A 62 8.09 35.87 -37.55
CA ALA A 62 7.45 34.57 -37.80
C ALA A 62 8.04 33.41 -36.99
N ARG A 63 9.31 33.50 -36.62
CA ARG A 63 10.07 32.34 -36.15
C ARG A 63 10.56 32.39 -34.71
N VAL A 64 10.90 33.60 -34.26
CA VAL A 64 11.66 33.74 -33.03
C VAL A 64 10.75 33.68 -31.79
N LEU A 65 11.22 33.00 -30.75
CA LEU A 65 10.48 32.92 -29.49
C LEU A 65 10.81 34.12 -28.59
N THR A 66 9.81 34.60 -27.86
CA THR A 66 9.98 35.73 -26.96
C THR A 66 9.49 35.42 -25.56
N SER A 67 9.93 36.24 -24.59
CA SER A 67 9.60 36.03 -23.18
C SER A 67 8.16 36.42 -22.82
N LYS A 68 7.57 37.32 -23.60
CA LYS A 68 6.18 37.71 -23.44
C LYS A 68 5.62 38.19 -24.78
N PRO A 69 4.29 38.19 -24.92
CA PRO A 69 3.70 38.65 -26.18
C PRO A 69 3.99 40.12 -26.46
N PHE A 70 4.08 40.47 -27.75
CA PHE A 70 4.25 41.86 -28.14
C PHE A 70 3.12 42.72 -27.59
N GLY A 71 3.47 43.82 -26.92
CA GLY A 71 2.46 44.72 -26.40
C GLY A 71 2.11 44.49 -24.93
N ALA A 72 2.57 43.39 -24.36
CA ALA A 72 2.31 43.10 -22.94
C ALA A 72 3.35 43.81 -22.07
N ALA A 73 2.87 44.52 -21.05
CA ALA A 73 3.75 45.31 -20.19
C ALA A 73 4.44 44.46 -19.13
N GLY A 74 3.67 43.59 -18.47
CA GLY A 74 4.19 42.80 -17.36
C GLY A 74 4.70 43.60 -16.17
N ASP A 75 4.07 44.74 -15.91
CA ASP A 75 4.55 45.67 -14.88
C ASP A 75 3.59 45.78 -13.68
N ALA A 76 2.66 44.83 -13.60
CA ALA A 76 1.72 44.74 -12.49
C ALA A 76 0.69 45.87 -12.42
N THR A 77 0.75 46.82 -13.36
CA THR A 77 -0.18 47.96 -13.31
C THR A 77 -0.90 48.22 -14.64
N THR A 78 -0.16 48.12 -15.74
CA THR A 78 -0.75 48.28 -17.06
C THR A 78 -1.75 47.15 -17.30
N ASP A 79 -2.87 47.47 -17.92
CA ASP A 79 -3.87 46.45 -18.23
C ASP A 79 -3.43 45.65 -19.45
N ASP A 80 -3.07 44.40 -19.21
CA ASP A 80 -2.53 43.52 -20.25
C ASP A 80 -3.60 42.56 -20.78
N THR A 81 -4.87 42.78 -20.40
CA THR A 81 -5.93 41.84 -20.76
C THR A 81 -6.05 41.59 -22.27
N GLU A 82 -6.06 42.67 -23.05
CA GLU A 82 -6.27 42.55 -24.49
C GLU A 82 -5.23 41.66 -25.18
N VAL A 83 -3.97 41.94 -24.91
CA VAL A 83 -2.86 41.23 -25.52
C VAL A 83 -2.83 39.76 -25.10
N ILE A 84 -3.06 39.52 -23.81
CA ILE A 84 -3.02 38.15 -23.29
C ILE A 84 -4.20 37.33 -23.83
N ALA A 85 -5.39 37.94 -23.88
CA ALA A 85 -6.55 37.26 -24.43
C ALA A 85 -6.30 36.86 -25.89
N ALA A 86 -5.74 37.79 -26.66
CA ALA A 86 -5.44 37.52 -28.05
C ALA A 86 -4.47 36.35 -28.21
N SER A 87 -3.42 36.34 -27.40
CA SER A 87 -2.45 35.26 -27.45
C SER A 87 -3.09 33.91 -27.10
N LEU A 88 -3.87 33.89 -26.03
CA LEU A 88 -4.43 32.63 -25.56
C LEU A 88 -5.50 32.09 -26.51
N ASN A 89 -6.07 32.97 -27.34
CA ASN A 89 -7.07 32.55 -28.32
C ASN A 89 -6.45 32.13 -29.65
N SER A 90 -5.13 32.20 -29.74
CA SER A 90 -4.37 31.69 -30.90
C SER A 90 -4.14 30.19 -30.78
N GLN A 91 -3.54 29.61 -31.82
CA GLN A 91 -3.24 28.18 -31.83
C GLN A 91 -1.75 27.91 -31.60
N LYS A 92 -0.99 28.95 -31.30
CA LYS A 92 0.44 28.81 -31.02
C LYS A 92 0.67 28.53 -29.54
N ALA A 93 1.86 28.04 -29.23
CA ALA A 93 2.26 27.91 -27.84
C ALA A 93 2.62 29.29 -27.33
N VAL A 94 2.02 29.69 -26.23
CA VAL A 94 2.16 31.04 -25.71
C VAL A 94 3.14 31.03 -24.54
N THR A 95 4.01 32.02 -24.49
CA THR A 95 4.91 32.19 -23.35
C THR A 95 4.62 33.52 -22.68
N ILE A 96 4.30 33.47 -21.39
CA ILE A 96 4.07 34.68 -20.62
C ILE A 96 4.97 34.59 -19.38
N SER A 97 6.14 35.23 -19.48
CA SER A 97 7.15 35.10 -18.45
C SER A 97 7.81 36.43 -18.11
N ASP A 98 8.63 36.41 -17.06
CA ASP A 98 9.46 37.56 -16.65
C ASP A 98 8.64 38.81 -16.37
N GLY A 99 7.56 38.66 -15.60
CA GLY A 99 6.75 39.81 -15.22
C GLY A 99 5.50 39.44 -14.49
N VAL A 100 4.78 40.47 -14.04
CA VAL A 100 3.49 40.33 -13.42
C VAL A 100 2.47 40.99 -14.35
N PHE A 101 1.55 40.19 -14.85
CA PHE A 101 0.67 40.65 -15.93
C PHE A 101 -0.73 40.85 -15.42
N SER A 102 -1.05 42.13 -15.17
CA SER A 102 -2.37 42.49 -14.67
C SER A 102 -3.39 42.26 -15.76
N SER A 103 -4.41 41.46 -15.46
CA SER A 103 -5.37 41.07 -16.47
C SER A 103 -6.72 40.67 -15.87
N SER A 104 -7.80 41.10 -16.52
CA SER A 104 -9.15 40.78 -16.10
C SER A 104 -9.52 39.38 -16.62
N GLY A 105 -10.79 39.03 -16.52
CA GLY A 105 -11.26 37.71 -16.94
C GLY A 105 -10.99 37.45 -18.41
N ILE A 106 -10.62 36.21 -18.73
CA ILE A 106 -10.33 35.82 -20.10
C ILE A 106 -10.96 34.46 -20.40
N ASN A 107 -11.48 34.31 -21.61
CA ASN A 107 -12.01 33.03 -22.07
C ASN A 107 -11.31 32.60 -23.37
N SER A 108 -11.08 31.30 -23.52
CA SER A 108 -10.48 30.76 -24.75
C SER A 108 -10.87 29.30 -24.96
N ASN A 109 -10.93 28.87 -26.22
CA ASN A 109 -11.13 27.45 -26.54
C ASN A 109 -9.79 26.74 -26.67
N TYR A 110 -8.70 27.48 -26.47
CA TYR A 110 -7.33 26.94 -26.55
C TYR A 110 -6.55 27.21 -25.28
N CYS A 111 -5.73 26.24 -24.90
CA CYS A 111 -4.95 26.34 -23.68
C CYS A 111 -3.55 25.77 -23.95
N ASN A 112 -2.60 26.66 -24.28
CA ASN A 112 -1.19 26.25 -24.37
C ASN A 112 -0.32 27.41 -23.89
N LEU A 113 -0.04 27.41 -22.60
CA LEU A 113 0.60 28.53 -21.96
C LEU A 113 1.73 28.04 -21.05
N ASP A 114 2.87 28.70 -21.14
CA ASP A 114 4.04 28.38 -20.30
C ASP A 114 4.55 29.69 -19.71
N GLY A 115 4.81 29.68 -18.41
CA GLY A 115 5.32 30.86 -17.70
C GLY A 115 6.82 30.85 -17.38
N ARG A 116 7.52 29.80 -17.80
CA ARG A 116 8.96 29.66 -17.55
C ARG A 116 9.37 29.82 -16.08
N GLY A 117 8.43 29.61 -15.17
CA GLY A 117 8.64 29.78 -13.74
C GLY A 117 8.74 31.21 -13.25
N SER A 118 8.60 32.17 -14.15
CA SER A 118 8.75 33.58 -13.76
C SER A 118 7.55 34.45 -14.10
N GLY A 119 6.63 33.94 -14.91
CA GLY A 119 5.42 34.68 -15.23
C GLY A 119 4.39 34.58 -14.10
N VAL A 120 3.74 35.72 -13.81
CA VAL A 120 2.64 35.76 -12.86
C VAL A 120 1.42 36.35 -13.55
N LEU A 121 0.31 35.62 -13.58
CA LEU A 121 -0.94 36.16 -14.09
C LEU A 121 -1.72 36.71 -12.92
N SER A 122 -1.80 38.05 -12.84
CA SER A 122 -2.41 38.70 -11.69
C SER A 122 -3.79 39.24 -12.01
N HIS A 123 -4.82 38.63 -11.42
CA HIS A 123 -6.20 38.99 -11.69
C HIS A 123 -6.46 40.45 -11.31
N ARG A 124 -6.90 41.21 -12.30
CA ARG A 124 -7.11 42.67 -12.17
C ARG A 124 -8.48 43.02 -11.60
N SER A 125 -9.45 42.11 -11.75
CA SER A 125 -10.80 42.31 -11.23
C SER A 125 -10.84 41.89 -9.78
N SER A 126 -11.81 42.45 -9.04
CA SER A 126 -11.92 42.14 -7.61
C SER A 126 -12.96 41.07 -7.36
N THR A 127 -13.59 40.57 -8.42
CA THR A 127 -14.58 39.52 -8.29
C THR A 127 -14.69 38.70 -9.57
N GLY A 128 -15.31 37.53 -9.47
CA GLY A 128 -15.62 36.71 -10.64
C GLY A 128 -14.50 35.77 -11.03
N ASN A 129 -14.76 34.97 -12.08
CA ASN A 129 -13.78 34.02 -12.60
C ASN A 129 -12.63 34.71 -13.32
N TYR A 130 -11.46 34.07 -13.30
CA TYR A 130 -10.29 34.61 -13.97
C TYR A 130 -10.13 33.98 -15.35
N LEU A 131 -9.49 32.82 -15.42
CA LEU A 131 -9.19 32.17 -16.70
C LEU A 131 -10.20 31.05 -16.92
N VAL A 132 -10.89 31.11 -18.05
CA VAL A 132 -11.86 30.06 -18.38
C VAL A 132 -11.55 29.46 -19.75
N PHE A 133 -11.22 28.16 -19.74
CA PHE A 133 -10.92 27.45 -20.97
C PHE A 133 -12.09 26.56 -21.33
N ASN A 134 -12.71 26.83 -22.48
CA ASN A 134 -13.93 26.14 -22.85
C ASN A 134 -13.66 25.01 -23.80
N ASN A 135 -13.80 23.78 -23.29
CA ASN A 135 -13.62 22.57 -24.10
C ASN A 135 -12.33 22.50 -24.90
N PRO A 136 -11.19 22.77 -24.27
CA PRO A 136 -9.94 22.59 -24.99
C PRO A 136 -9.78 21.13 -25.43
N ARG A 137 -9.37 20.95 -26.68
CA ARG A 137 -9.06 19.64 -27.24
C ARG A 137 -7.54 19.48 -27.22
N THR A 138 -7.04 18.83 -26.16
CA THR A 138 -5.64 18.86 -25.77
C THR A 138 -5.28 20.25 -25.21
N GLY A 139 -4.27 20.31 -24.37
CA GLY A 139 -3.80 21.59 -23.86
C GLY A 139 -2.69 21.42 -22.85
N ARG A 140 -2.01 22.51 -22.56
CA ARG A 140 -0.92 22.52 -21.57
C ARG A 140 -0.97 23.86 -20.85
N LEU A 141 -0.98 23.84 -19.52
CA LEU A 141 -0.80 25.06 -18.75
C LEU A 141 0.30 24.77 -17.78
N SER A 142 1.43 25.47 -17.89
CA SER A 142 2.63 25.03 -17.16
C SER A 142 3.52 26.13 -16.64
N ASN A 143 4.21 25.84 -15.54
CA ASN A 143 5.33 26.67 -15.06
C ASN A 143 4.95 28.14 -14.87
N ILE A 144 3.87 28.38 -14.15
CA ILE A 144 3.34 29.75 -14.04
C ILE A 144 2.63 29.92 -12.70
N THR A 145 2.50 31.17 -12.27
CA THR A 145 1.75 31.50 -11.06
C THR A 145 0.47 32.22 -11.47
N VAL A 146 -0.63 31.89 -10.79
CA VAL A 146 -1.92 32.55 -10.98
C VAL A 146 -2.31 33.19 -9.66
N GLU A 147 -2.36 34.52 -9.64
CA GLU A 147 -2.63 35.27 -8.43
C GLU A 147 -4.03 35.86 -8.44
N SER A 148 -4.74 35.70 -7.35
CA SER A 148 -6.06 36.30 -7.23
C SER A 148 -5.96 37.64 -6.47
N ASN A 149 -7.00 38.48 -6.61
CA ASN A 149 -7.05 39.78 -5.93
C ASN A 149 -8.49 40.13 -5.54
N LYS A 150 -9.15 39.21 -4.85
CA LYS A 150 -10.57 39.34 -4.53
C LYS A 150 -10.82 40.45 -3.51
N ALA A 151 -11.95 41.14 -3.65
CA ALA A 151 -12.32 42.22 -2.72
C ALA A 151 -12.54 41.77 -1.27
N THR A 152 -13.17 40.62 -1.08
CA THR A 152 -13.53 40.16 0.26
C THR A 152 -13.26 38.69 0.45
N ASP A 153 -13.28 38.26 1.72
CA ASP A 153 -13.13 36.86 2.10
C ASP A 153 -14.35 35.99 1.77
N THR A 154 -15.39 36.60 1.19
CA THR A 154 -16.57 35.84 0.74
C THR A 154 -16.86 36.06 -0.74
N THR A 155 -15.90 36.62 -1.46
CA THR A 155 -16.05 36.86 -2.89
C THR A 155 -15.95 35.57 -3.69
N GLN A 156 -16.87 35.38 -4.63
CA GLN A 156 -16.94 34.17 -5.47
C GLN A 156 -16.09 34.27 -6.73
N GLY A 157 -15.37 33.20 -7.05
CA GLY A 157 -14.60 33.15 -8.27
C GLY A 157 -13.66 31.96 -8.34
N GLN A 158 -13.60 31.31 -9.50
CA GLN A 158 -12.60 30.27 -9.78
C GLN A 158 -11.36 30.95 -10.38
N GLN A 159 -10.17 30.46 -10.03
CA GLN A 159 -8.96 31.00 -10.65
C GLN A 159 -8.75 30.48 -12.08
N VAL A 160 -8.68 29.16 -12.23
CA VAL A 160 -8.59 28.54 -13.56
C VAL A 160 -9.69 27.49 -13.71
N SER A 161 -10.50 27.64 -14.75
CA SER A 161 -11.59 26.70 -15.06
C SER A 161 -11.30 25.96 -16.36
N LEU A 162 -11.40 24.65 -16.31
CA LEU A 162 -11.50 23.82 -17.51
C LEU A 162 -12.98 23.48 -17.65
N ALA A 163 -13.69 24.29 -18.42
CA ALA A 163 -15.12 24.12 -18.64
C ALA A 163 -15.25 23.10 -19.76
N GLY A 164 -15.18 21.83 -19.39
CA GLY A 164 -14.97 20.76 -20.34
C GLY A 164 -13.50 20.67 -20.71
N GLY A 165 -13.11 19.54 -21.27
CA GLY A 165 -11.75 19.41 -21.80
C GLY A 165 -11.30 17.98 -21.88
N SER A 166 -10.43 17.72 -22.84
CA SER A 166 -9.80 16.42 -22.96
C SER A 166 -8.30 16.57 -23.07
N ASP A 167 -7.57 15.67 -22.41
CA ASP A 167 -6.14 15.57 -22.61
C ASP A 167 -5.44 16.90 -22.35
N VAL A 168 -5.86 17.58 -21.29
CA VAL A 168 -5.21 18.80 -20.88
C VAL A 168 -4.25 18.49 -19.73
N THR A 169 -3.04 19.00 -19.83
CA THR A 169 -2.08 18.82 -18.74
C THR A 169 -1.82 20.15 -18.05
N VAL A 170 -2.02 20.18 -16.74
CA VAL A 170 -1.72 21.37 -15.95
C VAL A 170 -0.58 20.98 -15.03
N SER A 171 0.58 21.61 -15.19
CA SER A 171 1.74 21.15 -14.44
C SER A 171 2.61 22.26 -13.91
N ASP A 172 3.04 22.08 -12.66
CA ASP A 172 3.91 23.05 -12.02
C ASP A 172 3.32 24.45 -12.04
N VAL A 173 2.09 24.54 -11.55
CA VAL A 173 1.39 25.80 -11.39
C VAL A 173 1.23 26.15 -9.92
N ASN A 174 1.55 27.41 -9.59
CA ASN A 174 1.36 27.94 -8.23
C ASN A 174 0.20 28.91 -8.17
N PHE A 175 -0.74 28.65 -7.26
CA PHE A 175 -1.90 29.51 -7.09
C PHE A 175 -1.71 30.32 -5.82
N SER A 176 -1.76 31.65 -5.95
CA SER A 176 -1.43 32.52 -4.82
C SER A 176 -2.57 33.48 -4.48
N ASN A 177 -2.56 33.94 -3.21
CA ASN A 177 -3.53 34.90 -2.69
C ASN A 177 -4.97 34.42 -2.88
N VAL A 178 -5.17 33.13 -2.67
CA VAL A 178 -6.48 32.52 -2.90
C VAL A 178 -7.41 32.84 -1.73
N LYS A 179 -8.63 33.27 -2.04
CA LYS A 179 -9.61 33.70 -1.03
C LYS A 179 -11.05 33.39 -1.43
N GLY A 180 -11.98 33.62 -0.49
CA GLY A 180 -13.40 33.56 -0.77
C GLY A 180 -13.90 32.19 -1.14
N THR A 181 -14.96 32.16 -1.96
CA THR A 181 -15.54 30.89 -2.38
C THR A 181 -15.16 30.59 -3.82
N GLY A 182 -15.06 29.29 -4.11
CA GLY A 182 -14.61 28.81 -5.39
C GLY A 182 -13.33 28.01 -5.24
N PHE A 183 -12.70 27.72 -6.38
CA PHE A 183 -11.55 26.83 -6.43
C PHE A 183 -10.38 27.43 -7.20
N SER A 184 -9.19 26.99 -6.85
CA SER A 184 -8.00 27.40 -7.60
C SER A 184 -8.01 26.81 -9.00
N LEU A 185 -8.25 25.50 -9.08
CA LEU A 185 -8.32 24.82 -10.37
C LEU A 185 -9.53 23.91 -10.37
N ILE A 186 -10.45 24.12 -11.31
CA ILE A 186 -11.67 23.32 -11.37
C ILE A 186 -11.87 22.82 -12.80
N ALA A 187 -12.14 21.52 -12.93
CA ALA A 187 -12.54 20.95 -14.21
C ALA A 187 -13.94 20.39 -14.07
N TYR A 188 -14.81 20.66 -15.06
CA TYR A 188 -16.19 20.17 -14.99
C TYR A 188 -16.75 19.88 -16.37
N PRO A 189 -17.87 19.15 -16.45
CA PRO A 189 -18.45 18.84 -17.77
C PRO A 189 -19.04 20.07 -18.43
N ASN A 190 -18.87 20.18 -19.75
CA ASN A 190 -19.40 21.33 -20.48
C ASN A 190 -19.84 20.97 -21.90
N ASP A 191 -20.73 19.99 -22.02
CA ASP A 191 -21.14 19.19 -20.85
C ASP A 191 -20.84 17.68 -20.93
N ALA A 192 -19.78 17.33 -21.65
CA ALA A 192 -19.22 15.99 -21.61
C ALA A 192 -18.18 15.95 -20.49
N PRO A 193 -18.00 14.78 -19.86
CA PRO A 193 -17.02 14.62 -18.78
C PRO A 193 -15.62 15.04 -19.23
N PRO A 194 -14.89 15.77 -18.37
CA PRO A 194 -13.45 15.95 -18.58
C PRO A 194 -12.79 14.57 -18.62
N ASP A 195 -11.82 14.37 -19.52
CA ASP A 195 -11.31 13.00 -19.79
C ASP A 195 -9.82 13.10 -20.08
N GLY A 196 -9.02 12.31 -19.37
CA GLY A 196 -7.60 12.25 -19.69
C GLY A 196 -6.76 13.41 -19.19
N LEU A 197 -7.24 14.10 -18.17
CA LEU A 197 -6.50 15.25 -17.63
C LEU A 197 -5.28 14.75 -16.87
N MET A 198 -4.22 15.55 -16.90
CA MET A 198 -3.08 15.31 -16.01
C MET A 198 -2.83 16.59 -15.26
N ILE A 199 -3.04 16.54 -13.95
CA ILE A 199 -2.88 17.72 -13.11
C ILE A 199 -1.80 17.37 -12.10
N LYS A 200 -0.64 18.01 -12.22
CA LYS A 200 0.50 17.58 -11.42
C LYS A 200 1.38 18.74 -10.98
N GLY A 201 1.88 18.65 -9.76
CA GLY A 201 2.77 19.69 -9.26
C GLY A 201 2.03 20.99 -9.05
N ILE A 202 1.02 20.95 -8.19
CA ILE A 202 0.21 22.13 -7.94
C ILE A 202 0.42 22.61 -6.52
N ARG A 203 0.66 23.91 -6.37
CA ARG A 203 0.67 24.56 -5.05
C ARG A 203 -0.51 25.52 -4.93
N GLY A 204 -1.12 25.57 -3.75
CA GLY A 204 -2.21 26.52 -3.48
C GLY A 204 -2.03 27.07 -2.07
N SER A 205 -2.19 28.38 -1.92
CA SER A 205 -2.11 29.02 -0.62
C SER A 205 -3.36 29.88 -0.36
N TYR A 206 -4.21 29.41 0.54
CA TYR A 206 -5.47 30.07 0.84
C TYR A 206 -5.32 30.94 2.08
N SER A 207 -6.10 32.04 2.14
CA SER A 207 -6.19 32.79 3.40
C SER A 207 -7.65 33.18 3.69
N GLY A 208 -7.95 33.41 4.97
CA GLY A 208 -9.33 33.66 5.39
C GLY A 208 -10.10 32.38 5.62
N TYR A 209 -9.43 31.36 6.12
CA TYR A 209 -10.08 30.10 6.47
C TYR A 209 -11.28 30.33 7.38
N ALA A 210 -12.37 29.64 7.09
CA ALA A 210 -13.49 29.54 8.01
C ALA A 210 -14.12 28.17 7.83
N THR A 211 -14.54 27.57 8.94
CA THR A 211 -15.20 26.26 8.91
C THR A 211 -16.35 26.23 7.91
N ASN A 212 -16.34 25.22 7.04
CA ASN A 212 -17.40 24.94 6.08
C ASN A 212 -17.46 25.92 4.90
N LYS A 213 -16.49 26.83 4.80
CA LYS A 213 -16.49 27.75 3.66
C LYS A 213 -16.29 26.96 2.35
N ALA A 214 -17.06 27.31 1.33
CA ALA A 214 -17.11 26.56 0.07
C ALA A 214 -15.96 26.89 -0.87
N ALA A 215 -14.76 26.41 -0.52
CA ALA A 215 -13.59 26.61 -1.37
C ALA A 215 -12.68 25.39 -1.25
N GLY A 216 -11.88 25.18 -2.28
CA GLY A 216 -10.86 24.17 -2.29
C GLY A 216 -9.78 24.50 -3.29
N CYS A 217 -8.77 23.64 -3.37
CA CYS A 217 -7.65 23.87 -4.28
C CYS A 217 -7.96 23.29 -5.65
N VAL A 218 -7.94 21.97 -5.77
CA VAL A 218 -8.22 21.33 -7.06
C VAL A 218 -9.55 20.62 -6.94
N LEU A 219 -10.42 20.82 -7.94
CA LEU A 219 -11.69 20.09 -8.00
C LEU A 219 -11.83 19.44 -9.36
N ALA A 220 -12.00 18.12 -9.38
CA ALA A 220 -12.32 17.38 -10.60
C ALA A 220 -13.76 16.91 -10.49
N ASP A 221 -14.67 17.65 -11.15
CA ASP A 221 -16.09 17.34 -11.13
C ASP A 221 -16.42 16.42 -12.28
N SER A 222 -16.73 15.16 -11.95
CA SER A 222 -17.22 14.20 -12.93
C SER A 222 -16.20 13.85 -14.02
N SER A 223 -14.91 13.95 -13.71
CA SER A 223 -13.89 13.56 -14.69
C SER A 223 -13.73 12.05 -14.73
N VAL A 224 -13.16 11.57 -15.83
CA VAL A 224 -12.81 10.16 -15.98
C VAL A 224 -11.38 10.04 -16.51
N ASN A 225 -10.75 8.89 -16.23
CA ASN A 225 -9.41 8.59 -16.76
C ASN A 225 -8.42 9.73 -16.57
N SER A 226 -8.41 10.32 -15.38
CA SER A 226 -7.55 11.47 -15.12
C SER A 226 -6.62 11.25 -13.95
N LEU A 227 -5.49 11.95 -13.97
CA LEU A 227 -4.45 11.80 -12.94
C LEU A 227 -4.26 13.13 -12.23
N ILE A 228 -4.27 13.10 -10.90
CA ILE A 228 -3.96 14.29 -10.09
C ILE A 228 -2.84 13.87 -9.13
N ASP A 229 -1.67 14.49 -9.25
CA ASP A 229 -0.44 13.97 -8.61
C ASP A 229 0.41 15.14 -8.09
N ASN A 230 0.91 15.02 -6.86
CA ASN A 230 1.87 15.99 -6.32
C ASN A 230 1.23 17.38 -6.10
N VAL A 231 0.35 17.46 -5.11
CA VAL A 231 -0.37 18.71 -4.76
C VAL A 231 0.02 19.12 -3.34
N ILE A 232 0.28 20.41 -3.13
CA ILE A 232 0.57 20.93 -1.80
C ILE A 232 -0.36 22.11 -1.57
N ALA A 233 -1.31 21.93 -0.66
CA ALA A 233 -2.34 22.95 -0.45
C ALA A 233 -2.33 23.40 1.00
N LYS A 234 -2.40 24.71 1.22
CA LYS A 234 -2.35 25.26 2.56
C LYS A 234 -3.60 26.08 2.93
N ASN A 235 -4.21 25.71 4.05
CA ASN A 235 -5.27 26.49 4.69
C ASN A 235 -6.61 26.51 3.97
N TYR A 236 -6.85 25.56 3.09
CA TYR A 236 -8.15 25.53 2.41
C TYR A 236 -9.26 24.99 3.31
N PRO A 237 -10.49 25.49 3.12
CA PRO A 237 -11.61 25.05 3.96
C PRO A 237 -12.33 23.78 3.48
N GLN A 238 -13.64 23.85 3.26
CA GLN A 238 -14.45 22.62 3.13
C GLN A 238 -13.90 21.60 2.14
N PHE A 239 -13.55 22.06 0.95
CA PHE A 239 -13.19 21.11 -0.12
C PHE A 239 -11.71 20.77 -0.22
N GLY A 240 -10.93 21.35 0.68
CA GLY A 240 -9.56 20.89 0.93
C GLY A 240 -8.59 21.02 -0.23
N ALA A 241 -7.67 20.06 -0.32
CA ALA A 241 -6.61 20.07 -1.33
C ALA A 241 -7.09 19.50 -2.67
N VAL A 242 -7.79 18.36 -2.63
CA VAL A 242 -8.32 17.75 -3.83
C VAL A 242 -9.74 17.24 -3.57
N GLU A 243 -10.70 17.75 -4.34
CA GLU A 243 -12.06 17.19 -4.33
C GLU A 243 -12.35 16.44 -5.65
N LEU A 244 -12.88 15.22 -5.54
CA LEU A 244 -13.53 14.54 -6.65
C LEU A 244 -15.03 14.69 -6.41
N LYS A 245 -15.78 14.97 -7.47
CA LYS A 245 -17.18 15.31 -7.30
C LYS A 245 -18.09 14.63 -8.32
N GLY A 246 -19.33 14.38 -7.93
CA GLY A 246 -20.32 13.84 -8.86
C GLY A 246 -19.98 12.47 -9.37
N THR A 247 -20.07 12.28 -10.67
CA THR A 247 -19.87 10.98 -11.27
C THR A 247 -18.40 10.68 -11.60
N ALA A 248 -17.48 11.34 -10.89
CA ALA A 248 -16.05 11.08 -11.11
C ALA A 248 -15.74 9.60 -10.91
N SER A 249 -15.08 9.00 -11.91
CA SER A 249 -14.70 7.60 -11.84
C SER A 249 -13.40 7.36 -12.63
N TYR A 250 -12.63 6.35 -12.22
CA TYR A 250 -11.44 5.94 -12.97
C TYR A 250 -10.35 7.00 -12.95
N ASN A 251 -10.28 7.74 -11.83
CA ASN A 251 -9.21 8.71 -11.62
C ASN A 251 -8.22 8.16 -10.61
N ILE A 252 -6.98 8.64 -10.68
CA ILE A 252 -5.99 8.39 -9.63
C ILE A 252 -5.60 9.72 -9.01
N VAL A 253 -5.68 9.81 -7.69
CA VAL A 253 -5.23 11.00 -6.95
C VAL A 253 -4.07 10.51 -6.09
N SER A 254 -2.90 11.15 -6.18
CA SER A 254 -1.70 10.63 -5.54
C SER A 254 -0.83 11.74 -5.00
N ASN A 255 -0.18 11.49 -3.87
CA ASN A 255 0.82 12.42 -3.31
C ASN A 255 0.24 13.81 -3.05
N VAL A 256 -0.72 13.84 -2.13
CA VAL A 256 -1.39 15.09 -1.77
C VAL A 256 -1.00 15.48 -0.35
N ILE A 257 -0.47 16.70 -0.20
CA ILE A 257 -0.19 17.27 1.11
C ILE A 257 -1.18 18.41 1.38
N GLY A 258 -1.92 18.31 2.47
CA GLY A 258 -2.79 19.41 2.90
C GLY A 258 -2.34 19.83 4.28
N ALA A 259 -2.00 21.11 4.44
CA ALA A 259 -1.62 21.66 5.73
C ALA A 259 -2.69 22.62 6.23
N ASP A 260 -3.16 22.39 7.47
CA ASP A 260 -4.18 23.23 8.11
C ASP A 260 -5.45 23.43 7.27
N CYS A 261 -5.82 22.41 6.49
CA CYS A 261 -7.06 22.39 5.72
C CYS A 261 -8.20 21.79 6.54
N GLN A 262 -9.45 22.03 6.16
CA GLN A 262 -10.55 21.41 6.93
C GLN A 262 -10.54 19.90 6.71
N HIS A 263 -10.44 19.52 5.43
CA HIS A 263 -10.30 18.13 4.97
C HIS A 263 -9.17 18.17 3.94
N VAL A 264 -8.45 17.05 3.76
CA VAL A 264 -7.40 17.04 2.75
C VAL A 264 -7.89 16.55 1.39
N THR A 265 -8.44 15.33 1.32
CA THR A 265 -9.17 14.90 0.13
C THR A 265 -10.64 14.73 0.46
N TYR A 266 -11.49 15.04 -0.52
CA TYR A 266 -12.93 15.12 -0.29
C TYR A 266 -13.67 14.55 -1.50
N ASN A 267 -14.54 13.57 -1.27
CA ASN A 267 -15.41 13.07 -2.33
C ASN A 267 -16.83 13.56 -2.10
N GLY A 268 -17.31 14.43 -2.97
CA GLY A 268 -18.64 15.02 -2.76
C GLY A 268 -19.55 14.89 -3.96
N THR A 269 -20.81 15.24 -3.77
CA THR A 269 -21.75 15.26 -4.89
C THR A 269 -22.94 16.15 -4.60
N GLU A 270 -23.50 16.74 -5.66
CA GLU A 270 -24.76 17.47 -5.57
C GLU A 270 -25.87 16.68 -6.28
N GLY A 271 -25.55 15.46 -6.67
CA GLY A 271 -26.53 14.60 -7.35
C GLY A 271 -26.73 13.26 -6.65
N PRO A 272 -27.45 12.34 -7.31
CA PRO A 272 -27.72 11.03 -6.70
C PRO A 272 -26.54 10.06 -6.74
N ILE A 273 -25.53 10.38 -7.54
CA ILE A 273 -24.36 9.50 -7.69
C ILE A 273 -23.11 10.25 -7.24
N ALA A 274 -22.25 9.54 -6.50
CA ALA A 274 -21.01 10.13 -5.95
C ALA A 274 -19.78 9.44 -6.52
N PRO A 275 -18.61 10.05 -6.33
CA PRO A 275 -17.36 9.50 -6.88
C PRO A 275 -17.17 8.03 -6.50
N SER A 276 -16.87 7.22 -7.51
CA SER A 276 -16.81 5.77 -7.37
C SER A 276 -15.69 5.23 -8.25
N ASN A 277 -15.10 4.09 -7.88
CA ASN A 277 -14.05 3.51 -8.70
C ASN A 277 -12.85 4.45 -8.92
N ASN A 278 -12.45 5.17 -7.87
CA ASN A 278 -11.25 5.99 -7.91
C ASN A 278 -10.19 5.43 -6.97
N LEU A 279 -8.93 5.71 -7.31
CA LEU A 279 -7.81 5.32 -6.47
C LEU A 279 -7.22 6.59 -5.86
N ILE A 280 -7.11 6.62 -4.54
CA ILE A 280 -6.58 7.80 -3.85
C ILE A 280 -5.46 7.28 -2.96
N LYS A 281 -4.23 7.70 -3.25
CA LYS A 281 -3.08 7.05 -2.60
C LYS A 281 -1.97 8.03 -2.20
N GLY A 282 -1.53 7.93 -0.95
CA GLY A 282 -0.49 8.82 -0.45
C GLY A 282 -1.06 10.19 -0.08
N VAL A 283 -1.77 10.24 1.04
CA VAL A 283 -2.34 11.48 1.55
C VAL A 283 -1.61 11.89 2.82
N MET A 284 -1.05 13.09 2.83
CA MET A 284 -0.38 13.64 4.01
C MET A 284 -1.25 14.75 4.57
N ALA A 285 -1.84 14.50 5.74
CA ALA A 285 -2.73 15.45 6.39
C ALA A 285 -2.02 16.07 7.57
N ASN A 286 -1.40 17.22 7.32
CA ASN A 286 -0.70 17.96 8.34
C ASN A 286 -1.73 18.82 9.08
N ASN A 287 -2.26 18.28 10.18
CA ASN A 287 -3.15 19.03 11.06
C ASN A 287 -4.40 19.63 10.42
N PRO A 288 -5.24 18.75 9.88
CA PRO A 288 -6.50 19.23 9.35
C PRO A 288 -7.39 19.59 10.52
N LYS A 289 -8.53 20.22 10.22
CA LYS A 289 -9.43 20.68 11.28
C LYS A 289 -10.64 19.76 11.46
N TYR A 290 -10.80 18.77 10.59
CA TYR A 290 -11.90 17.81 10.74
C TYR A 290 -11.56 16.39 10.35
N ALA A 291 -11.03 16.20 9.13
CA ALA A 291 -10.69 14.85 8.68
C ALA A 291 -9.58 14.87 7.65
N ALA A 292 -8.79 13.80 7.59
CA ALA A 292 -7.83 13.67 6.50
C ALA A 292 -8.55 13.41 5.18
N VAL A 293 -9.44 12.41 5.19
CA VAL A 293 -10.10 11.95 3.98
C VAL A 293 -11.58 11.77 4.21
N VAL A 294 -12.39 12.40 3.35
CA VAL A 294 -13.83 12.18 3.35
C VAL A 294 -14.10 11.32 2.10
N ALA A 295 -14.31 10.02 2.32
CA ALA A 295 -14.46 9.06 1.21
C ALA A 295 -15.79 9.24 0.46
N GLY A 296 -16.78 9.84 1.14
CA GLY A 296 -18.06 10.15 0.50
C GLY A 296 -19.07 9.02 0.44
N LYS A 297 -20.10 9.25 -0.37
CA LYS A 297 -21.27 8.39 -0.46
C LYS A 297 -21.17 7.36 -1.58
N GLY A 298 -20.10 7.43 -2.37
CA GLY A 298 -19.90 6.53 -3.51
C GLY A 298 -19.36 5.16 -3.14
N SER A 299 -18.95 4.41 -4.16
CA SER A 299 -18.58 3.02 -3.95
C SER A 299 -17.32 2.59 -4.68
N THR A 300 -16.76 1.50 -4.20
CA THR A 300 -15.58 0.85 -4.79
C THR A 300 -14.42 1.82 -5.07
N ASN A 301 -14.16 2.74 -4.15
CA ASN A 301 -12.94 3.52 -4.16
C ASN A 301 -11.89 2.82 -3.33
N LEU A 302 -10.64 2.93 -3.77
CA LEU A 302 -9.51 2.35 -3.05
C LEU A 302 -8.66 3.50 -2.55
N ILE A 303 -8.65 3.67 -1.23
CA ILE A 303 -7.91 4.75 -0.57
C ILE A 303 -6.76 4.11 0.22
N SER A 304 -5.53 4.57 -0.01
CA SER A 304 -4.38 3.82 0.48
C SER A 304 -3.26 4.73 0.96
N ASP A 305 -2.76 4.47 2.18
CA ASP A 305 -1.60 5.18 2.76
C ASP A 305 -1.92 6.64 3.11
N VAL A 306 -2.55 6.80 4.27
CA VAL A 306 -3.04 8.08 4.76
C VAL A 306 -2.38 8.38 6.11
N LEU A 307 -1.59 9.46 6.15
CA LEU A 307 -0.88 9.79 7.39
C LEU A 307 -1.49 11.09 7.90
N VAL A 308 -1.97 11.06 9.14
CA VAL A 308 -2.62 12.26 9.69
C VAL A 308 -2.11 12.57 11.09
N ASP A 309 -1.74 13.84 11.31
CA ASP A 309 -1.31 14.32 12.62
C ASP A 309 -2.24 15.43 13.07
N TYR A 310 -2.62 15.40 14.35
CA TYR A 310 -3.44 16.46 14.95
C TYR A 310 -2.73 17.24 16.07
N SER A 311 -1.44 16.99 16.26
CA SER A 311 -0.71 17.54 17.42
C SER A 311 -0.74 19.05 17.55
N THR A 312 -0.93 19.78 16.45
CA THR A 312 -0.99 21.25 16.53
C THR A 312 -2.32 21.82 16.02
N SER A 313 -3.33 20.96 15.92
CA SER A 313 -4.62 21.34 15.34
C SER A 313 -5.63 21.83 16.37
N ASP A 314 -6.46 22.80 15.98
CA ASP A 314 -7.55 23.25 16.85
C ASP A 314 -8.86 22.48 16.62
N ALA A 315 -8.79 21.38 15.87
CA ALA A 315 -9.95 20.51 15.68
C ALA A 315 -10.59 20.16 17.03
N ARG A 316 -11.92 20.23 17.09
CA ARG A 316 -12.66 19.75 18.26
C ARG A 316 -13.09 18.31 18.10
N GLN A 317 -13.22 17.88 16.84
CA GLN A 317 -13.55 16.49 16.51
C GLN A 317 -12.59 16.01 15.43
N ALA A 318 -11.56 15.28 15.85
CA ALA A 318 -10.50 14.84 14.95
C ALA A 318 -10.87 13.51 14.32
N HIS A 319 -10.80 13.44 12.99
CA HIS A 319 -11.09 12.20 12.24
C HIS A 319 -9.95 11.78 11.33
N GLY A 320 -9.79 10.48 11.13
CA GLY A 320 -8.85 9.95 10.15
C GLY A 320 -9.56 9.94 8.80
N VAL A 321 -10.39 8.91 8.58
CA VAL A 321 -11.18 8.79 7.36
C VAL A 321 -12.67 8.61 7.72
N THR A 322 -13.55 9.30 6.98
CA THR A 322 -14.98 9.07 7.12
C THR A 322 -15.47 8.45 5.81
N VAL A 323 -16.49 7.62 5.92
CA VAL A 323 -17.05 7.00 4.71
C VAL A 323 -18.55 6.83 4.90
N GLU A 324 -19.31 7.19 3.86
CA GLU A 324 -20.77 7.08 3.91
C GLU A 324 -21.31 6.02 2.94
N GLY A 325 -20.50 5.65 1.95
CA GLY A 325 -20.92 4.77 0.87
C GLY A 325 -20.66 3.30 1.12
N SER A 326 -20.38 2.57 0.04
CA SER A 326 -20.30 1.10 0.13
C SER A 326 -19.14 0.50 -0.65
N ASP A 327 -18.63 -0.62 -0.15
CA ASP A 327 -17.61 -1.40 -0.83
C ASP A 327 -16.35 -0.61 -1.10
N ASN A 328 -16.04 0.35 -0.22
CA ASN A 328 -14.77 1.05 -0.29
C ASN A 328 -13.69 0.37 0.53
N VAL A 329 -12.43 0.62 0.16
CA VAL A 329 -11.30 0.05 0.87
C VAL A 329 -10.46 1.21 1.36
N ILE A 330 -10.14 1.22 2.64
CA ILE A 330 -9.36 2.30 3.23
C ILE A 330 -8.17 1.63 3.91
N ASN A 331 -7.01 1.67 3.27
CA ASN A 331 -5.85 0.91 3.75
C ASN A 331 -4.78 1.82 4.38
N ASN A 332 -4.31 1.41 5.55
CA ASN A 332 -3.19 2.06 6.22
C ASN A 332 -3.43 3.52 6.59
N VAL A 333 -4.35 3.75 7.52
CA VAL A 333 -4.56 5.06 8.11
C VAL A 333 -3.73 5.15 9.39
N LEU A 334 -2.69 5.97 9.37
CA LEU A 334 -1.85 6.17 10.54
C LEU A 334 -2.20 7.53 11.13
N MET A 335 -2.79 7.53 12.31
CA MET A 335 -3.22 8.79 12.93
C MET A 335 -2.57 9.00 14.29
N SER A 336 -2.13 10.22 14.56
CA SER A 336 -1.53 10.50 15.85
C SER A 336 -1.79 11.95 16.25
N GLY A 337 -1.35 12.33 17.45
CA GLY A 337 -1.49 13.71 17.88
C GLY A 337 -2.82 14.06 18.53
N CYS A 338 -3.55 13.05 18.99
CA CYS A 338 -4.80 13.26 19.72
C CYS A 338 -4.70 12.71 21.14
N ASP A 339 -4.53 13.60 22.12
CA ASP A 339 -4.43 13.14 23.51
C ASP A 339 -5.66 13.54 24.37
N GLY A 340 -6.71 13.99 23.69
CA GLY A 340 -7.95 14.35 24.35
C GLY A 340 -8.20 15.85 24.42
N THR A 341 -7.18 16.63 24.10
CA THR A 341 -7.32 18.08 24.03
C THR A 341 -6.70 18.62 22.74
N ASN A 342 -7.24 19.73 22.25
CA ASN A 342 -6.67 20.33 21.04
C ASN A 342 -5.56 21.35 21.34
N SER A 343 -5.13 22.07 20.32
CA SER A 343 -3.98 22.96 20.45
C SER A 343 -4.29 24.14 21.37
N LEU A 344 -5.58 24.37 21.61
CA LEU A 344 -6.03 25.48 22.44
C LEU A 344 -6.41 25.04 23.86
N GLY A 345 -6.21 23.76 24.16
CA GLY A 345 -6.53 23.22 25.49
C GLY A 345 -7.97 22.77 25.65
N GLN A 346 -8.74 22.83 24.56
CA GLN A 346 -10.14 22.46 24.53
C GLN A 346 -10.30 20.97 24.32
N ARG A 347 -11.45 20.40 24.70
CA ARG A 347 -11.66 18.97 24.55
C ARG A 347 -11.64 18.60 23.08
N GLN A 348 -11.04 17.47 22.75
CA GLN A 348 -10.98 17.02 21.36
C GLN A 348 -11.25 15.52 21.30
N THR A 349 -12.30 15.13 20.59
CA THR A 349 -12.54 13.71 20.36
C THR A 349 -11.73 13.21 19.19
N ALA A 350 -11.50 11.90 19.17
CA ALA A 350 -10.77 11.23 18.10
C ALA A 350 -11.63 10.11 17.52
N THR A 351 -11.57 9.98 16.19
CA THR A 351 -12.22 8.87 15.50
C THR A 351 -11.36 8.54 14.27
N ILE A 352 -10.67 7.40 14.27
CA ILE A 352 -9.78 7.11 13.14
C ILE A 352 -10.54 6.65 11.89
N ALA A 353 -11.68 6.00 12.11
CA ALA A 353 -12.55 5.59 11.00
C ALA A 353 -14.00 5.76 11.45
N ARG A 354 -14.78 6.51 10.67
CA ARG A 354 -16.17 6.78 10.99
C ARG A 354 -17.05 6.30 9.85
N PHE A 355 -17.99 5.41 10.17
CA PHE A 355 -18.87 4.81 9.18
C PHE A 355 -20.22 5.47 9.33
N ILE A 356 -20.48 6.38 8.39
CA ILE A 356 -21.59 7.30 8.49
C ILE A 356 -22.88 6.73 7.94
N GLY A 357 -23.97 6.92 8.66
CA GLY A 357 -25.28 6.57 8.13
C GLY A 357 -25.42 5.11 7.75
N THR A 358 -25.72 4.85 6.48
CA THR A 358 -25.91 3.48 6.01
C THR A 358 -24.63 2.86 5.41
N ALA A 359 -23.49 3.49 5.67
CA ALA A 359 -22.21 2.97 5.17
C ALA A 359 -22.16 1.47 5.37
N ASN A 360 -21.77 0.75 4.33
CA ASN A 360 -21.82 -0.71 4.35
C ASN A 360 -20.75 -1.38 3.51
N ASN A 361 -20.32 -2.55 3.96
CA ASN A 361 -19.42 -3.40 3.21
C ASN A 361 -18.06 -2.75 2.92
N ASN A 362 -17.66 -1.84 3.82
CA ASN A 362 -16.35 -1.19 3.70
C ASN A 362 -15.28 -1.90 4.50
N TYR A 363 -14.03 -1.64 4.16
CA TYR A 363 -12.88 -2.21 4.91
C TYR A 363 -11.99 -1.04 5.33
N ALA A 364 -11.45 -1.09 6.55
CA ALA A 364 -10.42 -0.10 6.94
C ALA A 364 -9.33 -0.77 7.74
N SER A 365 -8.08 -0.47 7.43
CA SER A 365 -6.97 -0.92 8.29
C SER A 365 -6.32 0.31 8.90
N VAL A 366 -6.21 0.31 10.23
CA VAL A 366 -5.93 1.54 10.96
C VAL A 366 -4.91 1.39 12.09
N PHE A 367 -4.25 2.50 12.39
CA PHE A 367 -3.20 2.58 13.41
C PHE A 367 -3.50 3.81 14.28
N PRO A 368 -4.33 3.65 15.33
CA PRO A 368 -4.66 4.74 16.26
C PRO A 368 -3.51 4.99 17.26
N SER A 369 -2.43 5.57 16.74
CA SER A 369 -1.24 5.85 17.54
C SER A 369 -1.40 7.13 18.35
N TYR A 370 -2.37 7.09 19.26
CA TYR A 370 -2.70 8.25 20.09
C TYR A 370 -3.42 7.78 21.35
N SER A 371 -3.47 8.64 22.36
CA SER A 371 -4.03 8.25 23.67
C SER A 371 -5.52 8.59 23.88
N ALA A 372 -6.09 9.48 23.06
CA ALA A 372 -7.53 9.75 23.13
C ALA A 372 -8.33 8.44 23.04
N THR A 373 -9.46 8.38 23.72
CA THR A 373 -10.20 7.10 23.84
C THR A 373 -10.95 6.65 22.58
N GLY A 374 -11.41 7.59 21.76
CA GLY A 374 -12.19 7.22 20.60
C GLY A 374 -11.33 6.61 19.51
N VAL A 375 -11.82 5.54 18.89
CA VAL A 375 -11.10 4.92 17.77
C VAL A 375 -12.06 4.69 16.58
N ILE A 376 -13.06 3.84 16.76
CA ILE A 376 -14.01 3.53 15.66
C ILE A 376 -15.41 4.03 15.99
N THR A 377 -16.09 4.61 14.99
CA THR A 377 -17.52 4.93 15.13
C THR A 377 -18.33 4.24 14.04
N PHE A 378 -19.24 3.36 14.45
CA PHE A 378 -20.19 2.71 13.55
C PHE A 378 -21.53 3.38 13.83
N GLU A 379 -22.05 4.14 12.88
CA GLU A 379 -23.34 4.79 13.10
C GLU A 379 -24.48 3.78 12.98
N SER A 380 -25.66 4.13 13.47
CA SER A 380 -26.65 3.10 13.73
C SER A 380 -27.14 2.28 12.53
N GLY A 381 -27.07 2.86 11.33
CA GLY A 381 -27.54 2.14 10.13
C GLY A 381 -26.41 1.42 9.39
N SER A 382 -25.19 1.47 9.93
CA SER A 382 -24.03 0.94 9.20
C SER A 382 -23.94 -0.57 9.35
N THR A 383 -23.53 -1.27 8.28
CA THR A 383 -23.49 -2.74 8.28
C THR A 383 -22.30 -3.30 7.51
N ARG A 384 -21.86 -4.50 7.91
CA ARG A 384 -20.85 -5.27 7.17
C ARG A 384 -19.54 -4.51 6.95
N ASN A 385 -19.21 -3.59 7.86
CA ASN A 385 -17.89 -2.92 7.81
C ASN A 385 -16.87 -3.66 8.68
N PHE A 386 -15.69 -3.93 8.11
CA PHE A 386 -14.63 -4.69 8.79
C PHE A 386 -13.45 -3.78 9.02
N VAL A 387 -13.08 -3.62 10.30
CA VAL A 387 -11.95 -2.77 10.67
C VAL A 387 -10.85 -3.64 11.25
N GLU A 388 -9.65 -3.55 10.69
CA GLU A 388 -8.47 -4.17 11.29
C GLU A 388 -7.63 -3.10 11.94
N VAL A 389 -7.58 -3.14 13.28
CA VAL A 389 -6.71 -2.28 14.06
C VAL A 389 -5.34 -2.96 14.06
N LYS A 390 -4.48 -2.52 13.13
CA LYS A 390 -3.22 -3.24 12.88
C LYS A 390 -2.18 -3.04 13.97
N HIS A 391 -2.23 -1.87 14.61
CA HIS A 391 -1.51 -1.68 15.86
C HIS A 391 -2.41 -0.89 16.81
N PRO A 392 -2.55 -1.36 18.05
CA PRO A 392 -3.51 -0.75 18.98
C PRO A 392 -2.99 0.51 19.72
N GLY A 393 -1.83 1.04 19.34
CA GLY A 393 -1.24 2.13 20.13
C GLY A 393 -0.86 1.59 21.50
N ARG A 394 -1.22 2.30 22.58
CA ARG A 394 -0.91 1.81 23.94
C ARG A 394 -2.04 0.99 24.55
N ARG A 395 -3.09 0.74 23.78
CA ARG A 395 -4.23 -0.01 24.31
C ARG A 395 -3.89 -1.49 24.44
N ASN A 396 -4.40 -2.12 25.50
CA ASN A 396 -4.20 -3.56 25.74
C ASN A 396 -5.46 -4.39 25.48
N ASP A 397 -6.58 -3.72 25.23
CA ASP A 397 -7.88 -4.38 25.12
C ASP A 397 -8.83 -3.36 24.49
N LEU A 398 -9.43 -3.71 23.34
CA LEU A 398 -10.28 -2.73 22.67
C LEU A 398 -11.64 -2.58 23.34
N LEU A 399 -11.89 -3.36 24.39
CA LEU A 399 -13.19 -3.36 25.04
C LEU A 399 -13.17 -2.81 26.47
N SER A 400 -11.97 -2.49 26.97
CA SER A 400 -11.86 -2.03 28.35
C SER A 400 -12.50 -0.65 28.51
N SER A 401 -12.36 0.19 27.48
CA SER A 401 -13.09 1.47 27.41
C SER A 401 -14.31 1.32 26.51
N ALA A 402 -15.48 1.72 26.99
CA ALA A 402 -16.67 1.66 26.14
C ALA A 402 -16.60 2.68 25.00
N SER A 403 -15.61 3.58 25.07
CA SER A 403 -15.44 4.62 24.05
C SER A 403 -14.65 4.19 22.83
N THR A 404 -13.86 3.12 22.96
CA THR A 404 -13.02 2.69 21.84
C THR A 404 -13.83 2.38 20.59
N ILE A 405 -14.92 1.64 20.78
CA ILE A 405 -15.83 1.33 19.68
C ILE A 405 -17.19 1.96 19.97
N ASP A 406 -17.49 3.06 19.29
CA ASP A 406 -18.78 3.70 19.42
C ASP A 406 -19.72 3.03 18.43
N GLY A 407 -20.86 2.54 18.90
CA GLY A 407 -21.76 1.80 18.03
C GLY A 407 -21.50 0.31 18.11
N ALA A 408 -21.01 -0.13 19.26
CA ALA A 408 -20.66 -1.55 19.43
C ALA A 408 -21.86 -2.49 19.25
N ALA A 409 -23.08 -1.99 19.47
CA ALA A 409 -24.24 -2.87 19.30
C ALA A 409 -24.42 -3.33 17.85
N THR A 410 -23.76 -2.64 16.92
CA THR A 410 -23.83 -3.02 15.50
C THR A 410 -22.97 -4.24 15.19
N ILE A 411 -22.15 -4.63 16.16
CA ILE A 411 -21.40 -5.89 16.04
C ILE A 411 -22.30 -6.94 16.66
N ASP A 412 -23.13 -7.56 15.82
CA ASP A 412 -24.20 -8.42 16.33
C ASP A 412 -24.12 -9.87 15.85
N GLY A 413 -23.04 -10.19 15.11
CA GLY A 413 -22.81 -11.56 14.67
C GLY A 413 -23.78 -12.06 13.60
N THR A 414 -24.65 -11.18 13.10
CA THR A 414 -25.53 -11.52 11.98
C THR A 414 -24.82 -11.25 10.64
N SER A 415 -25.50 -11.53 9.54
CA SER A 415 -24.93 -11.21 8.23
C SER A 415 -24.77 -9.69 8.01
N ASN A 416 -25.40 -8.89 8.87
CA ASN A 416 -25.25 -7.43 8.80
C ASN A 416 -24.19 -6.87 9.76
N SER A 417 -23.57 -7.76 10.53
CA SER A 417 -22.62 -7.35 11.57
C SER A 417 -21.47 -6.47 11.06
N ASN A 418 -21.10 -5.48 11.85
CA ASN A 418 -19.78 -4.86 11.71
C ASN A 418 -18.78 -5.75 12.48
N VAL A 419 -17.49 -5.60 12.22
CA VAL A 419 -16.48 -6.47 12.81
C VAL A 419 -15.22 -5.66 13.09
N VAL A 420 -14.61 -5.88 14.24
CA VAL A 420 -13.30 -5.28 14.56
C VAL A 420 -12.31 -6.34 15.02
N HIS A 421 -11.13 -6.38 14.38
CA HIS A 421 -10.01 -7.23 14.84
C HIS A 421 -8.84 -6.37 15.32
N ALA A 422 -8.14 -6.86 16.33
CA ALA A 422 -6.85 -6.25 16.77
C ALA A 422 -5.85 -7.39 16.99
N PRO A 423 -5.21 -7.83 15.90
CA PRO A 423 -4.35 -9.03 15.95
C PRO A 423 -3.21 -8.96 16.99
N ALA A 424 -2.60 -7.79 17.21
CA ALA A 424 -1.51 -7.70 18.21
C ALA A 424 -1.99 -8.05 19.60
N LEU A 425 -3.28 -7.82 19.84
CA LEU A 425 -3.91 -8.11 21.13
C LEU A 425 -4.55 -9.49 21.14
N GLY A 426 -4.48 -10.20 20.03
CA GLY A 426 -5.15 -11.49 19.92
C GLY A 426 -6.66 -11.38 20.03
N GLN A 427 -7.23 -10.24 19.62
CA GLN A 427 -8.63 -9.92 19.93
C GLN A 427 -9.48 -9.83 18.67
N TYR A 428 -10.52 -10.65 18.62
CA TYR A 428 -11.40 -10.76 17.43
C TYR A 428 -12.83 -10.51 17.86
N ILE A 429 -13.41 -9.40 17.39
CA ILE A 429 -14.72 -8.95 17.88
C ILE A 429 -15.74 -8.95 16.74
N GLY A 430 -16.55 -10.00 16.70
CA GLY A 430 -17.59 -10.12 15.67
C GLY A 430 -17.22 -11.01 14.51
N SER A 431 -18.23 -11.66 13.93
CA SER A 431 -18.03 -12.38 12.67
C SER A 431 -19.30 -12.29 11.83
N MET A 432 -19.16 -11.96 10.55
CA MET A 432 -20.31 -11.82 9.66
C MET A 432 -20.93 -13.16 9.27
N SER A 433 -20.25 -14.26 9.59
CA SER A 433 -20.79 -15.61 9.35
C SER A 433 -21.48 -16.17 10.58
N GLY A 434 -21.36 -15.47 11.70
CA GLY A 434 -21.87 -15.93 12.98
C GLY A 434 -21.02 -16.99 13.65
N ARG A 435 -19.81 -17.22 13.11
CA ARG A 435 -18.92 -18.23 13.69
C ARG A 435 -17.46 -17.94 13.35
N PHE A 436 -16.56 -18.67 14.03
CA PHE A 436 -15.16 -18.77 13.65
C PHE A 436 -14.88 -20.21 13.34
N GLU A 437 -14.23 -20.45 12.20
CA GLU A 437 -13.99 -21.81 11.76
C GLU A 437 -12.65 -21.96 11.09
N TRP A 438 -11.94 -23.01 11.48
CA TRP A 438 -10.62 -23.35 10.95
C TRP A 438 -10.71 -24.75 10.35
N ARG A 439 -10.02 -24.95 9.23
CA ARG A 439 -9.79 -26.31 8.73
C ARG A 439 -8.38 -26.43 8.20
N ILE A 440 -7.75 -27.58 8.43
CA ILE A 440 -6.38 -27.77 7.99
C ILE A 440 -6.29 -27.90 6.47
N LYS A 441 -7.37 -28.40 5.85
CA LYS A 441 -7.42 -28.63 4.41
C LYS A 441 -8.88 -28.59 3.95
N SER A 442 -9.09 -28.54 2.64
CA SER A 442 -10.44 -28.67 2.12
C SER A 442 -11.04 -29.98 2.60
N MET A 443 -12.30 -29.94 3.01
CA MET A 443 -12.93 -31.16 3.48
C MET A 443 -14.42 -31.02 3.42
N SER A 444 -15.10 -32.16 3.44
CA SER A 444 -16.54 -32.15 3.56
C SER A 444 -16.88 -32.50 5.00
N LEU A 445 -18.03 -32.02 5.44
CA LEU A 445 -18.52 -32.35 6.78
C LEU A 445 -19.76 -33.22 6.68
N PRO A 446 -20.00 -34.05 7.70
CA PRO A 446 -21.18 -34.89 7.71
C PRO A 446 -22.43 -34.03 7.85
N SER A 447 -23.46 -34.37 7.09
CA SER A 447 -24.72 -33.64 7.14
C SER A 447 -25.39 -33.86 8.50
N GLY A 448 -26.11 -32.85 8.95
CA GLY A 448 -26.94 -32.97 10.16
C GLY A 448 -26.23 -33.11 11.49
N VAL A 449 -25.01 -32.58 11.57
CA VAL A 449 -24.27 -32.59 12.83
C VAL A 449 -24.08 -31.18 13.40
N LEU A 450 -23.39 -30.31 12.67
CA LEU A 450 -23.12 -28.96 13.13
C LEU A 450 -24.34 -28.06 12.89
N THR A 451 -24.58 -27.13 13.81
CA THR A 451 -25.68 -26.19 13.72
C THR A 451 -25.19 -24.78 14.08
N SER A 452 -26.11 -23.83 14.17
CA SER A 452 -25.76 -22.46 14.55
C SER A 452 -25.12 -22.40 15.93
N ALA A 453 -25.33 -23.42 16.75
CA ALA A 453 -24.73 -23.42 18.09
C ALA A 453 -23.22 -23.57 17.98
N ASP A 454 -22.78 -24.25 16.93
CA ASP A 454 -21.35 -24.52 16.73
C ASP A 454 -20.69 -23.29 16.15
N LYS A 455 -20.44 -22.35 17.05
CA LYS A 455 -19.92 -21.03 16.72
C LYS A 455 -18.40 -21.02 16.59
N TYR A 456 -17.78 -22.10 17.07
CA TYR A 456 -16.34 -22.31 16.97
C TYR A 456 -16.09 -23.70 16.42
N ARG A 457 -15.31 -23.82 15.35
CA ARG A 457 -15.11 -25.11 14.67
C ARG A 457 -13.65 -25.30 14.33
N MET A 458 -13.07 -26.39 14.82
CA MET A 458 -11.68 -26.72 14.55
C MET A 458 -11.66 -28.09 13.88
N LEU A 459 -11.43 -28.07 12.56
CA LEU A 459 -11.77 -29.21 11.70
C LEU A 459 -10.55 -29.84 11.06
N GLY A 460 -10.67 -31.14 10.82
CA GLY A 460 -9.65 -31.88 10.07
C GLY A 460 -10.11 -33.29 9.74
N ASP A 461 -9.34 -33.95 8.87
CA ASP A 461 -9.53 -35.37 8.52
C ASP A 461 -8.71 -36.21 9.50
N GLY A 462 -8.96 -37.52 9.53
CA GLY A 462 -8.13 -38.45 10.32
C GLY A 462 -8.21 -38.18 11.81
N ALA A 463 -7.08 -38.30 12.51
CA ALA A 463 -7.03 -37.88 13.92
C ALA A 463 -6.96 -36.35 14.07
N VAL A 464 -7.84 -35.78 14.89
CA VAL A 464 -7.82 -34.34 15.14
C VAL A 464 -7.78 -34.12 16.65
N SER A 465 -6.74 -33.46 17.12
CA SER A 465 -6.55 -33.17 18.54
C SER A 465 -6.34 -31.69 18.77
N LEU A 466 -7.09 -31.13 19.73
CA LEU A 466 -6.91 -29.75 20.21
C LEU A 466 -6.11 -29.85 21.52
N ALA A 467 -4.87 -29.40 21.48
CA ALA A 467 -3.99 -29.48 22.64
C ALA A 467 -4.02 -28.15 23.39
N VAL A 468 -4.25 -28.19 24.70
CA VAL A 468 -4.30 -26.99 25.53
C VAL A 468 -3.31 -27.14 26.67
N GLY A 469 -2.39 -26.19 26.81
CA GLY A 469 -1.52 -26.20 27.98
C GLY A 469 -0.07 -25.90 27.70
N GLY A 470 0.81 -26.64 28.37
CA GLY A 470 2.25 -26.42 28.26
C GLY A 470 2.84 -25.77 29.50
N GLY A 471 1.98 -25.57 30.50
CA GLY A 471 2.40 -24.97 31.77
C GLY A 471 2.27 -25.91 32.97
N THR A 472 1.63 -25.42 34.03
CA THR A 472 1.54 -26.18 35.28
C THR A 472 0.15 -26.73 35.54
N SER A 473 -0.88 -26.10 34.96
CA SER A 473 -2.24 -26.67 34.98
C SER A 473 -2.95 -26.29 33.69
N SER A 474 -3.87 -27.13 33.23
CA SER A 474 -4.54 -26.90 31.94
C SER A 474 -6.01 -27.29 32.03
N GLN A 475 -6.89 -26.51 31.44
CA GLN A 475 -8.31 -26.85 31.52
C GLN A 475 -9.15 -26.26 30.40
N VAL A 476 -10.34 -26.85 30.23
CA VAL A 476 -11.45 -26.21 29.52
C VAL A 476 -12.45 -25.75 30.57
N ARG A 477 -12.79 -24.45 30.53
CA ARG A 477 -13.83 -23.90 31.42
C ARG A 477 -15.09 -23.64 30.62
N LEU A 478 -16.15 -24.38 30.93
CA LEU A 478 -17.45 -24.11 30.33
C LEU A 478 -18.18 -23.15 31.26
N PHE A 479 -18.76 -22.07 30.74
CA PHE A 479 -19.45 -21.14 31.62
C PHE A 479 -20.61 -20.46 30.91
N THR A 480 -21.53 -19.92 31.72
CA THR A 480 -22.75 -19.28 31.20
C THR A 480 -22.91 -17.86 31.75
N SER A 481 -23.87 -17.11 31.21
CA SER A 481 -24.03 -15.69 31.52
C SER A 481 -24.41 -15.44 32.98
N ASP A 482 -25.03 -16.44 33.60
CA ASP A 482 -25.36 -16.32 35.04
C ASP A 482 -24.17 -16.54 35.99
N GLY A 483 -22.98 -16.76 35.44
CA GLY A 483 -21.77 -16.96 36.24
C GLY A 483 -21.43 -18.41 36.59
N THR A 484 -22.30 -19.34 36.23
CA THR A 484 -22.00 -20.76 36.47
C THR A 484 -20.77 -21.17 35.66
N SER A 485 -19.81 -21.83 36.31
CA SER A 485 -18.55 -22.25 35.72
C SER A 485 -18.28 -23.70 36.11
N ARG A 486 -17.90 -24.55 35.13
CA ARG A 486 -17.53 -25.93 35.42
C ARG A 486 -16.32 -26.26 34.57
N THR A 487 -15.34 -26.98 35.14
CA THR A 487 -14.11 -27.24 34.39
C THR A 487 -13.82 -28.72 34.17
N VAL A 488 -13.14 -29.01 33.05
CA VAL A 488 -12.45 -30.27 32.86
C VAL A 488 -10.98 -29.87 32.89
N SER A 489 -10.28 -30.25 33.96
CA SER A 489 -8.94 -29.75 34.20
C SER A 489 -7.91 -30.86 34.39
N LEU A 490 -6.65 -30.51 34.18
CA LEU A 490 -5.51 -31.35 34.52
C LEU A 490 -4.81 -30.64 35.68
N THR A 491 -5.05 -31.17 36.88
CA THR A 491 -4.74 -30.50 38.14
C THR A 491 -3.95 -31.46 39.01
N ASN A 492 -2.74 -31.07 39.41
CA ASN A 492 -1.87 -31.99 40.18
C ASN A 492 -1.67 -33.33 39.48
N GLY A 493 -1.71 -33.31 38.14
CA GLY A 493 -1.40 -34.49 37.34
C GLY A 493 -2.54 -35.45 37.08
N ASN A 494 -3.76 -35.08 37.49
CA ASN A 494 -4.95 -35.90 37.23
C ASN A 494 -6.06 -35.08 36.58
N VAL A 495 -6.91 -35.74 35.78
CA VAL A 495 -8.14 -35.07 35.32
C VAL A 495 -9.12 -34.85 36.48
N ARG A 496 -9.67 -33.63 36.56
CA ARG A 496 -10.79 -33.33 37.47
C ARG A 496 -12.00 -32.84 36.69
N LEU A 497 -13.17 -33.38 37.03
CA LEU A 497 -14.44 -32.99 36.40
C LEU A 497 -15.33 -32.30 37.44
N SER A 498 -15.66 -31.03 37.20
CA SER A 498 -16.46 -30.27 38.18
C SER A 498 -17.87 -30.83 38.35
N THR A 499 -18.25 -31.06 39.61
CA THR A 499 -19.59 -31.51 39.95
C THR A 499 -20.41 -30.38 40.53
N SER A 500 -19.74 -29.30 40.93
CA SER A 500 -20.43 -28.12 41.49
C SER A 500 -19.47 -26.94 41.40
N SER A 501 -19.79 -25.81 42.05
CA SER A 501 -18.88 -24.66 42.04
C SER A 501 -17.53 -24.99 42.67
N THR A 502 -17.55 -25.92 43.63
CA THR A 502 -16.33 -26.29 44.36
C THR A 502 -15.97 -27.79 44.32
N GLY A 503 -16.93 -28.62 43.92
CA GLY A 503 -16.75 -30.08 43.99
C GLY A 503 -16.24 -30.64 42.68
N TYR A 504 -15.70 -31.86 42.74
CA TYR A 504 -15.20 -32.53 41.54
C TYR A 504 -15.08 -34.02 41.73
N LEU A 505 -15.00 -34.72 40.60
CA LEU A 505 -14.53 -36.09 40.55
C LEU A 505 -13.08 -36.06 40.06
N GLN A 506 -12.21 -36.74 40.79
CA GLN A 506 -10.79 -36.84 40.41
C GLN A 506 -10.50 -38.19 39.80
N LEU A 507 -10.00 -38.18 38.57
CA LEU A 507 -9.67 -39.43 37.87
C LEU A 507 -8.22 -39.77 38.17
N GLY A 508 -7.99 -40.38 39.33
CA GLY A 508 -6.64 -40.81 39.69
C GLY A 508 -6.24 -42.05 38.93
N ALA A 509 -4.96 -42.40 39.00
CA ALA A 509 -4.45 -43.54 38.25
C ALA A 509 -5.07 -44.87 38.67
N ASP A 510 -5.45 -44.97 39.95
CA ASP A 510 -5.96 -46.24 40.48
C ASP A 510 -7.41 -46.16 40.95
N ALA A 511 -7.97 -44.96 40.98
CA ALA A 511 -9.33 -44.79 41.48
C ALA A 511 -9.91 -43.47 41.06
N MET A 512 -11.22 -43.46 40.81
CA MET A 512 -11.96 -42.21 40.68
C MET A 512 -12.50 -41.87 42.05
N THR A 513 -12.21 -40.67 42.53
CA THR A 513 -12.63 -40.26 43.86
C THR A 513 -13.35 -38.91 43.87
N PRO A 514 -14.26 -38.73 44.85
CA PRO A 514 -14.89 -37.43 45.03
C PRO A 514 -13.93 -36.51 45.79
N ASP A 515 -14.12 -35.19 45.69
CA ASP A 515 -13.23 -34.23 46.37
C ASP A 515 -13.32 -34.35 47.89
N SER A 516 -14.49 -34.75 48.37
CA SER A 516 -14.69 -34.88 49.81
C SER A 516 -15.42 -36.18 50.12
N THR A 517 -15.19 -36.70 51.33
CA THR A 517 -15.69 -38.03 51.68
C THR A 517 -17.12 -38.04 52.22
N GLY A 518 -17.87 -39.08 51.88
CA GLY A 518 -19.22 -39.27 52.41
C GLY A 518 -20.29 -38.27 52.03
N THR A 519 -20.12 -37.60 50.89
CA THR A 519 -21.06 -36.54 50.49
C THR A 519 -21.61 -36.65 49.07
N TYR A 520 -20.97 -37.47 48.22
CA TYR A 520 -21.33 -37.56 46.80
C TYR A 520 -21.78 -38.97 46.46
N ALA A 521 -22.89 -39.08 45.72
CA ALA A 521 -23.48 -40.40 45.40
C ALA A 521 -23.29 -40.81 43.94
N LEU A 522 -23.28 -42.12 43.70
CA LEU A 522 -23.35 -42.65 42.34
C LEU A 522 -24.78 -43.16 42.11
N GLY A 523 -25.54 -42.36 41.37
CA GLY A 523 -26.95 -42.69 41.10
C GLY A 523 -27.87 -41.99 42.08
N SER A 524 -29.17 -41.97 41.76
CA SER A 524 -30.16 -41.40 42.67
C SER A 524 -31.40 -42.29 42.66
N ALA A 525 -32.33 -42.03 43.59
CA ALA A 525 -33.51 -42.88 43.68
C ALA A 525 -34.27 -42.93 42.35
N SER A 526 -34.32 -41.78 41.67
CA SER A 526 -35.05 -41.66 40.42
C SER A 526 -34.24 -41.96 39.17
N ARG A 527 -32.92 -42.01 39.32
CA ARG A 527 -32.01 -42.32 38.21
C ARG A 527 -30.95 -43.29 38.71
N ALA A 528 -31.31 -44.57 38.75
CA ALA A 528 -30.48 -45.62 39.30
C ALA A 528 -29.78 -46.38 38.17
N TRP A 529 -28.59 -46.94 38.44
CA TRP A 529 -27.92 -47.81 37.46
C TRP A 529 -28.76 -49.04 37.19
N SER A 530 -28.53 -49.71 36.06
CA SER A 530 -29.17 -51.00 35.85
C SER A 530 -28.50 -52.03 36.77
N GLY A 531 -27.21 -51.82 37.03
CA GLY A 531 -26.38 -52.77 37.75
C GLY A 531 -24.93 -52.40 37.51
N GLY A 532 -24.01 -53.31 37.81
CA GLY A 532 -22.58 -53.06 37.56
C GLY A 532 -21.77 -54.31 37.86
N PHE A 533 -20.46 -54.19 37.69
CA PHE A 533 -19.57 -55.34 37.84
C PHE A 533 -18.32 -54.91 38.57
N THR A 534 -17.99 -55.63 39.63
CA THR A 534 -16.85 -55.28 40.48
C THR A 534 -16.19 -56.57 40.95
N GLN A 535 -14.86 -56.62 40.93
CA GLN A 535 -14.16 -57.87 41.24
C GLN A 535 -14.31 -58.23 42.71
N ALA A 536 -14.27 -57.21 43.57
CA ALA A 536 -14.57 -57.36 45.00
C ALA A 536 -15.76 -56.48 45.35
N ALA A 537 -16.65 -56.97 46.22
CA ALA A 537 -17.76 -56.16 46.68
C ALA A 537 -17.27 -54.81 47.20
N PHE A 538 -18.05 -53.75 46.99
CA PHE A 538 -17.65 -52.44 47.52
C PHE A 538 -17.54 -52.49 49.04
N THR A 539 -16.56 -51.76 49.57
CA THR A 539 -16.33 -51.67 50.99
C THR A 539 -17.19 -50.59 51.63
N VAL A 540 -17.92 -50.95 52.67
CA VAL A 540 -18.75 -49.99 53.37
C VAL A 540 -17.95 -49.38 54.51
N THR A 541 -17.71 -48.08 54.43
CA THR A 541 -16.78 -47.40 55.34
C THR A 541 -17.47 -46.81 56.56
N PRO B 44 21.28 45.06 -47.21
CA PRO B 44 22.24 44.64 -46.20
C PRO B 44 21.87 43.28 -45.62
N LYS B 45 22.87 42.43 -45.41
CA LYS B 45 22.66 41.12 -44.79
C LYS B 45 23.12 41.14 -43.33
N THR B 46 22.52 40.29 -42.50
CA THR B 46 22.89 40.25 -41.08
C THR B 46 24.38 39.93 -40.83
N GLU B 47 25.06 39.31 -41.80
CA GLU B 47 26.49 39.00 -41.65
C GLU B 47 27.36 40.28 -41.64
N GLY B 48 26.80 41.38 -42.11
CA GLY B 48 27.51 42.66 -42.13
C GLY B 48 27.07 43.61 -41.04
N ILE B 49 26.32 43.09 -40.07
CA ILE B 49 25.82 43.91 -38.96
C ILE B 49 26.36 43.35 -37.66
N LEU B 50 26.58 44.22 -36.67
CA LEU B 50 27.11 43.78 -35.39
C LEU B 50 26.10 43.88 -34.24
N HIS B 51 26.05 42.84 -33.41
CA HIS B 51 25.33 42.92 -32.14
C HIS B 51 26.31 42.67 -31.00
N LYS B 52 26.57 43.71 -30.21
CA LYS B 52 27.54 43.62 -29.13
C LYS B 52 28.89 43.09 -29.61
N GLY B 53 29.34 43.59 -30.76
CA GLY B 53 30.68 43.27 -31.26
C GLY B 53 30.81 41.91 -31.91
N GLN B 54 29.69 41.26 -32.18
CA GLN B 54 29.74 39.99 -32.89
C GLN B 54 28.77 40.01 -34.05
N SER B 55 29.02 39.15 -35.02
CA SER B 55 28.17 39.04 -36.20
C SER B 55 26.70 38.82 -35.79
N LEU B 56 25.80 39.62 -36.36
CA LEU B 56 24.37 39.42 -36.08
C LEU B 56 23.89 38.10 -36.70
N TYR B 57 24.44 37.73 -37.85
CA TYR B 57 24.11 36.43 -38.45
C TYR B 57 24.37 35.30 -37.46
N GLU B 58 25.60 35.21 -36.96
CA GLU B 58 25.96 34.12 -36.06
C GLU B 58 25.18 34.15 -34.72
N TYR B 59 24.94 35.34 -34.17
CA TYR B 59 24.14 35.45 -32.93
C TYR B 59 22.74 34.89 -33.15
N LEU B 60 22.07 35.29 -34.24
CA LEU B 60 20.75 34.77 -34.53
C LEU B 60 20.78 33.25 -34.72
N ASP B 61 21.73 32.78 -35.50
CA ASP B 61 21.70 31.39 -35.92
C ASP B 61 22.08 30.45 -34.78
N ALA B 62 22.98 30.90 -33.92
CA ALA B 62 23.47 30.04 -32.85
C ALA B 62 22.71 30.18 -31.55
N ARG B 63 22.30 31.40 -31.19
CA ARG B 63 21.84 31.68 -29.83
C ARG B 63 20.34 31.96 -29.67
N VAL B 64 19.68 32.41 -30.74
CA VAL B 64 18.28 32.84 -30.63
C VAL B 64 17.30 31.69 -30.93
N LEU B 65 16.42 31.41 -29.99
CA LEU B 65 15.51 30.25 -30.09
C LEU B 65 14.36 30.49 -31.06
N THR B 66 13.98 29.45 -31.79
CA THR B 66 12.87 29.54 -32.73
C THR B 66 11.87 28.41 -32.49
N SER B 67 10.67 28.58 -33.03
CA SER B 67 9.59 27.59 -32.83
C SER B 67 9.79 26.29 -33.60
N LYS B 68 10.58 26.33 -34.66
CA LYS B 68 10.85 25.15 -35.47
C LYS B 68 12.18 25.32 -36.21
N PRO B 69 12.79 24.19 -36.64
CA PRO B 69 14.05 24.25 -37.39
C PRO B 69 13.87 25.03 -38.68
N PHE B 70 14.87 25.83 -39.02
CA PHE B 70 14.81 26.57 -40.28
C PHE B 70 14.73 25.56 -41.42
N GLY B 71 13.82 25.79 -42.34
CA GLY B 71 13.66 24.90 -43.49
C GLY B 71 12.52 23.92 -43.34
N ALA B 72 12.00 23.78 -42.13
CA ALA B 72 10.85 22.91 -41.88
C ALA B 72 9.54 23.66 -42.15
N ALA B 73 8.63 23.06 -42.91
CA ALA B 73 7.37 23.73 -43.25
C ALA B 73 6.32 23.65 -42.15
N GLY B 74 6.15 22.45 -41.57
CA GLY B 74 5.15 22.27 -40.53
C GLY B 74 3.72 22.45 -41.00
N ASP B 75 3.45 22.11 -42.27
CA ASP B 75 2.14 22.33 -42.90
C ASP B 75 1.37 21.02 -43.13
N ALA B 76 1.85 19.95 -42.52
CA ALA B 76 1.24 18.61 -42.65
C ALA B 76 1.38 17.97 -44.04
N THR B 77 1.96 18.67 -45.00
CA THR B 77 2.00 18.16 -46.36
C THR B 77 3.39 18.11 -46.98
N THR B 78 4.18 19.14 -46.72
CA THR B 78 5.58 19.20 -47.16
C THR B 78 6.41 18.14 -46.45
N ASP B 79 7.29 17.49 -47.20
CA ASP B 79 8.15 16.46 -46.60
C ASP B 79 9.26 17.14 -45.82
N ASP B 80 9.15 17.09 -44.49
CA ASP B 80 10.12 17.73 -43.59
C ASP B 80 11.20 16.76 -43.06
N THR B 81 11.23 15.54 -43.59
CA THR B 81 12.16 14.52 -43.08
C THR B 81 13.62 14.97 -43.01
N GLU B 82 14.11 15.51 -44.12
CA GLU B 82 15.52 15.89 -44.23
C GLU B 82 15.95 16.85 -43.14
N VAL B 83 15.18 17.92 -43.01
CA VAL B 83 15.47 18.98 -42.05
C VAL B 83 15.35 18.48 -40.61
N ILE B 84 14.30 17.74 -40.33
CA ILE B 84 14.12 17.22 -38.97
C ILE B 84 15.21 16.22 -38.59
N ALA B 85 15.56 15.32 -39.52
CA ALA B 85 16.61 14.35 -39.26
C ALA B 85 17.93 15.06 -38.96
N ALA B 86 18.23 16.11 -39.72
CA ALA B 86 19.45 16.86 -39.49
C ALA B 86 19.48 17.46 -38.09
N SER B 87 18.35 18.03 -37.68
CA SER B 87 18.23 18.66 -36.38
C SER B 87 18.42 17.65 -35.26
N LEU B 88 17.72 16.52 -35.36
CA LEU B 88 17.80 15.52 -34.30
C LEU B 88 19.18 14.89 -34.19
N ASN B 89 19.94 14.92 -35.28
CA ASN B 89 21.29 14.35 -35.30
C ASN B 89 22.36 15.37 -34.87
N SER B 90 21.95 16.60 -34.63
CA SER B 90 22.82 17.60 -34.02
C SER B 90 22.92 17.34 -32.51
N GLN B 91 23.79 18.07 -31.82
CA GLN B 91 23.94 17.89 -30.38
C GLN B 91 23.29 19.04 -29.62
N LYS B 92 22.43 19.79 -30.30
CA LYS B 92 21.72 20.89 -29.66
C LYS B 92 20.31 20.46 -29.29
N ALA B 93 19.71 21.17 -28.34
CA ALA B 93 18.30 20.96 -28.02
C ALA B 93 17.43 21.42 -29.18
N VAL B 94 16.57 20.52 -29.66
CA VAL B 94 15.74 20.79 -30.83
C VAL B 94 14.33 21.15 -30.40
N THR B 95 13.77 22.19 -31.00
CA THR B 95 12.38 22.57 -30.77
C THR B 95 11.59 22.38 -32.06
N ILE B 96 10.55 21.57 -32.00
CA ILE B 96 9.67 21.35 -33.15
C ILE B 96 8.25 21.60 -32.67
N SER B 97 7.74 22.80 -32.92
CA SER B 97 6.48 23.22 -32.35
C SER B 97 5.65 24.02 -33.33
N ASP B 98 4.41 24.31 -32.93
CA ASP B 98 3.50 25.16 -33.69
C ASP B 98 3.28 24.65 -35.11
N GLY B 99 3.04 23.35 -35.24
CA GLY B 99 2.70 22.80 -36.55
C GLY B 99 2.66 21.29 -36.59
N VAL B 100 2.24 20.76 -37.73
CA VAL B 100 2.23 19.32 -37.97
C VAL B 100 3.32 19.06 -39.00
N PHE B 101 4.29 18.21 -38.63
CA PHE B 101 5.49 18.04 -39.41
C PHE B 101 5.53 16.66 -40.04
N SER B 102 5.18 16.60 -41.33
CA SER B 102 5.18 15.33 -42.06
C SER B 102 6.61 14.83 -42.24
N SER B 103 6.89 13.63 -41.75
CA SER B 103 8.24 13.09 -41.81
C SER B 103 8.28 11.57 -41.86
N SER B 104 9.19 11.03 -42.65
CA SER B 104 9.40 9.60 -42.75
C SER B 104 10.25 9.09 -41.58
N GLY B 105 10.64 7.82 -41.63
CA GLY B 105 11.49 7.26 -40.59
C GLY B 105 12.77 8.05 -40.40
N ILE B 106 13.18 8.22 -39.13
CA ILE B 106 14.42 8.91 -38.79
C ILE B 106 15.22 8.12 -37.77
N ASN B 107 16.53 8.02 -37.99
CA ASN B 107 17.48 7.46 -37.01
C ASN B 107 18.33 8.60 -36.47
N SER B 108 18.57 8.60 -35.16
CA SER B 108 19.51 9.55 -34.55
C SER B 108 20.29 8.92 -33.40
N ASN B 109 21.51 9.40 -33.20
CA ASN B 109 22.34 8.99 -32.06
C ASN B 109 22.14 9.92 -30.86
N TYR B 110 21.34 10.97 -31.06
CA TYR B 110 21.03 11.95 -30.03
C TYR B 110 19.53 12.15 -29.88
N CYS B 111 19.09 12.34 -28.64
CA CYS B 111 17.67 12.49 -28.33
C CYS B 111 17.48 13.72 -27.42
N ASN B 112 17.23 14.87 -28.01
CA ASN B 112 16.87 16.06 -27.23
C ASN B 112 15.89 16.91 -28.02
N LEU B 113 14.61 16.65 -27.80
CA LEU B 113 13.54 17.21 -28.62
C LEU B 113 12.39 17.66 -27.73
N ASP B 114 11.86 18.86 -27.99
CA ASP B 114 10.77 19.43 -27.21
C ASP B 114 9.76 20.01 -28.21
N GLY B 115 8.49 19.69 -28.02
CA GLY B 115 7.45 20.19 -28.91
C GLY B 115 6.61 21.35 -28.38
N ARG B 116 6.96 21.84 -27.19
CA ARG B 116 6.27 22.96 -26.55
C ARG B 116 4.74 22.78 -26.49
N GLY B 117 4.28 21.54 -26.49
CA GLY B 117 2.83 21.23 -26.45
C GLY B 117 2.04 21.52 -27.73
N SER B 118 2.72 21.95 -28.79
CA SER B 118 2.03 22.29 -30.03
C SER B 118 2.60 21.60 -31.28
N GLY B 119 3.75 20.97 -31.13
CA GLY B 119 4.37 20.24 -32.24
C GLY B 119 3.74 18.87 -32.39
N VAL B 120 3.45 18.51 -33.63
CA VAL B 120 3.03 17.14 -33.95
C VAL B 120 3.97 16.56 -35.00
N LEU B 121 4.59 15.41 -34.68
CA LEU B 121 5.38 14.65 -35.65
C LEU B 121 4.46 13.60 -36.27
N SER B 122 4.17 13.77 -37.57
CA SER B 122 3.20 12.92 -38.25
C SER B 122 3.90 12.00 -39.25
N HIS B 123 3.88 10.71 -38.98
CA HIS B 123 4.61 9.76 -39.80
C HIS B 123 4.10 9.74 -41.24
N ARG B 124 5.00 10.02 -42.18
CA ARG B 124 4.65 10.19 -43.59
C ARG B 124 4.56 8.84 -44.31
N SER B 125 5.24 7.84 -43.77
CA SER B 125 5.25 6.50 -44.33
C SER B 125 4.07 5.72 -43.79
N SER B 126 3.60 4.74 -44.56
CA SER B 126 2.48 3.93 -44.10
C SER B 126 2.93 2.60 -43.52
N THR B 127 4.24 2.40 -43.43
CA THR B 127 4.81 1.20 -42.83
C THR B 127 6.13 1.48 -42.13
N GLY B 128 6.54 0.55 -41.26
CA GLY B 128 7.88 0.60 -40.65
C GLY B 128 7.96 1.45 -39.41
N ASN B 129 9.12 1.42 -38.76
CA ASN B 129 9.35 2.27 -37.60
C ASN B 129 9.41 3.76 -37.94
N TYR B 130 9.07 4.59 -36.96
CA TYR B 130 9.11 6.04 -37.16
C TYR B 130 10.42 6.62 -36.61
N LEU B 131 10.44 6.95 -35.32
CA LEU B 131 11.62 7.58 -34.75
C LEU B 131 12.43 6.54 -34.01
N VAL B 132 13.71 6.41 -34.37
CA VAL B 132 14.59 5.45 -33.73
C VAL B 132 15.83 6.15 -33.16
N PHE B 133 16.00 6.06 -31.85
CA PHE B 133 17.14 6.70 -31.19
C PHE B 133 18.12 5.60 -30.82
N ASN B 134 19.33 5.68 -31.35
CA ASN B 134 20.29 4.59 -31.21
C ASN B 134 21.30 4.85 -30.10
N ASN B 135 21.16 4.10 -29.02
CA ASN B 135 22.02 4.22 -27.83
C ASN B 135 22.27 5.64 -27.35
N PRO B 136 21.20 6.42 -27.16
CA PRO B 136 21.48 7.76 -26.65
C PRO B 136 22.08 7.69 -25.24
N ARG B 137 23.13 8.48 -25.00
CA ARG B 137 23.69 8.60 -23.67
C ARG B 137 23.15 9.89 -23.08
N THR B 138 22.17 9.73 -22.20
CA THR B 138 21.29 10.80 -21.75
C THR B 138 20.39 11.25 -22.88
N GLY B 139 19.27 11.86 -22.53
CA GLY B 139 18.31 12.30 -23.54
C GLY B 139 17.06 12.85 -22.91
N ARG B 140 16.33 13.62 -23.70
CA ARG B 140 15.03 14.12 -23.26
C ARG B 140 14.14 14.24 -24.49
N LEU B 141 12.94 13.67 -24.39
CA LEU B 141 11.93 13.79 -25.44
C LEU B 141 10.69 14.28 -24.72
N SER B 142 10.22 15.48 -25.03
CA SER B 142 9.18 16.07 -24.19
C SER B 142 8.15 16.94 -24.90
N ASN B 143 6.96 17.04 -24.29
CA ASN B 143 5.95 18.01 -24.69
C ASN B 143 5.61 17.97 -26.17
N ILE B 144 5.32 16.78 -26.69
CA ILE B 144 5.14 16.66 -28.13
C ILE B 144 4.13 15.55 -28.43
N THR B 145 3.54 15.59 -29.62
CA THR B 145 2.65 14.51 -30.06
C THR B 145 3.28 13.74 -31.20
N VAL B 146 3.16 12.41 -31.17
CA VAL B 146 3.67 11.57 -32.26
C VAL B 146 2.51 10.79 -32.85
N GLU B 147 2.27 10.96 -34.15
CA GLU B 147 1.09 10.40 -34.82
C GLU B 147 1.52 9.39 -35.87
N SER B 148 0.86 8.23 -35.91
CA SER B 148 1.09 7.24 -36.97
C SER B 148 0.12 7.42 -38.12
N ASN B 149 0.46 6.83 -39.27
CA ASN B 149 -0.44 6.77 -40.41
C ASN B 149 -0.24 5.44 -41.13
N LYS B 150 -0.41 4.35 -40.37
CA LYS B 150 -0.19 3.01 -40.90
C LYS B 150 -1.22 2.62 -41.95
N ALA B 151 -0.78 1.82 -42.91
CA ALA B 151 -1.59 1.38 -44.03
C ALA B 151 -2.77 0.49 -43.63
N THR B 152 -2.53 -0.44 -42.69
CA THR B 152 -3.54 -1.42 -42.31
C THR B 152 -3.53 -1.69 -40.81
N ASP B 153 -4.58 -2.37 -40.34
CA ASP B 153 -4.72 -2.69 -38.92
C ASP B 153 -3.74 -3.78 -38.45
N THR B 154 -2.93 -4.31 -39.36
CA THR B 154 -1.91 -5.30 -38.98
C THR B 154 -0.50 -4.86 -39.36
N THR B 155 -0.36 -3.60 -39.75
CA THR B 155 0.94 -3.05 -40.12
C THR B 155 1.88 -2.98 -38.93
N GLN B 156 3.10 -3.51 -39.08
CA GLN B 156 4.10 -3.50 -38.01
C GLN B 156 4.88 -2.18 -37.97
N GLY B 157 5.12 -1.69 -36.75
CA GLY B 157 6.04 -0.56 -36.56
C GLY B 157 5.93 0.05 -35.18
N GLN B 158 7.08 0.46 -34.64
CA GLN B 158 7.15 1.19 -33.36
C GLN B 158 7.09 2.69 -33.63
N GLN B 159 6.41 3.45 -32.78
CA GLN B 159 6.35 4.90 -32.97
C GLN B 159 7.67 5.54 -32.55
N VAL B 160 8.09 5.24 -31.33
CA VAL B 160 9.37 5.75 -30.82
C VAL B 160 10.14 4.58 -30.21
N SER B 161 11.38 4.41 -30.64
CA SER B 161 12.25 3.32 -30.15
C SER B 161 13.48 3.93 -29.48
N LEU B 162 13.76 3.46 -28.26
CA LEU B 162 15.08 3.67 -27.68
C LEU B 162 15.86 2.37 -27.86
N ALA B 163 16.64 2.31 -28.94
CA ALA B 163 17.43 1.14 -29.28
C ALA B 163 18.70 1.18 -28.46
N GLY B 164 18.58 0.73 -27.22
CA GLY B 164 19.60 0.96 -26.22
C GLY B 164 19.40 2.37 -25.69
N GLY B 165 19.91 2.62 -24.50
CA GLY B 165 19.85 3.96 -23.95
C GLY B 165 20.12 3.99 -22.48
N SER B 166 20.76 5.07 -22.02
CA SER B 166 20.87 5.32 -20.58
C SER B 166 20.41 6.73 -20.24
N ASP B 167 19.72 6.87 -19.11
CA ASP B 167 19.35 8.17 -18.56
C ASP B 167 18.58 9.06 -19.55
N VAL B 168 17.70 8.42 -20.31
CA VAL B 168 16.79 9.15 -21.19
C VAL B 168 15.48 9.38 -20.47
N THR B 169 14.96 10.62 -20.56
CA THR B 169 13.68 10.96 -19.99
C THR B 169 12.72 11.28 -21.11
N VAL B 170 11.57 10.61 -21.11
CA VAL B 170 10.51 10.85 -22.07
C VAL B 170 9.34 11.35 -21.23
N SER B 171 8.90 12.59 -21.47
CA SER B 171 7.92 13.20 -20.58
C SER B 171 6.86 14.02 -21.30
N ASP B 172 5.60 13.81 -20.92
CA ASP B 172 4.49 14.56 -21.49
C ASP B 172 4.44 14.41 -22.99
N VAL B 173 4.40 13.15 -23.42
CA VAL B 173 4.26 12.83 -24.83
C VAL B 173 2.89 12.19 -25.09
N ASN B 174 2.22 12.62 -26.16
CA ASN B 174 0.94 12.06 -26.58
C ASN B 174 1.11 11.27 -27.87
N PHE B 175 0.72 10.00 -27.84
CA PHE B 175 0.79 9.12 -29.03
C PHE B 175 -0.59 8.99 -29.63
N SER B 176 -0.72 9.29 -30.93
CA SER B 176 -2.03 9.37 -31.56
C SER B 176 -2.10 8.48 -32.79
N ASN B 177 -3.32 8.06 -33.11
CA ASN B 177 -3.59 7.22 -34.29
C ASN B 177 -2.76 5.94 -34.32
N VAL B 178 -2.60 5.33 -33.15
CA VAL B 178 -1.77 4.14 -33.00
C VAL B 178 -2.53 2.93 -33.53
N LYS B 179 -1.88 2.13 -34.37
CA LYS B 179 -2.52 0.98 -35.03
C LYS B 179 -1.55 -0.18 -35.20
N GLY B 180 -2.11 -1.32 -35.64
CA GLY B 180 -1.29 -2.46 -36.05
C GLY B 180 -0.53 -3.12 -34.92
N THR B 181 0.59 -3.76 -35.27
CA THR B 181 1.44 -4.44 -34.29
C THR B 181 2.66 -3.58 -33.98
N GLY B 182 3.15 -3.67 -32.74
CA GLY B 182 4.24 -2.82 -32.28
C GLY B 182 3.77 -1.94 -31.13
N PHE B 183 4.61 -0.97 -30.77
CA PHE B 183 4.41 -0.20 -29.55
C PHE B 183 4.54 1.28 -29.80
N SER B 184 3.91 2.07 -28.95
CA SER B 184 4.06 3.52 -29.03
C SER B 184 5.45 3.96 -28.61
N LEU B 185 5.89 3.43 -27.48
CA LEU B 185 7.22 3.73 -26.95
C LEU B 185 7.85 2.43 -26.51
N ILE B 186 8.99 2.09 -27.09
CA ILE B 186 9.69 0.85 -26.74
C ILE B 186 11.16 1.11 -26.41
N ALA B 187 11.65 0.53 -25.32
CA ALA B 187 13.08 0.58 -25.00
C ALA B 187 13.60 -0.85 -24.96
N TYR B 188 14.76 -1.10 -25.58
CA TYR B 188 15.30 -2.46 -25.59
C TYR B 188 16.83 -2.45 -25.62
N PRO B 189 17.46 -3.59 -25.29
CA PRO B 189 18.93 -3.66 -25.28
C PRO B 189 19.50 -3.58 -26.69
N ASN B 190 20.65 -2.92 -26.82
CA ASN B 190 21.29 -2.78 -28.12
C ASN B 190 22.77 -2.49 -27.96
N ASP B 191 23.51 -3.31 -27.20
CA ASP B 191 23.15 -4.63 -26.71
C ASP B 191 23.01 -4.67 -25.18
N ALA B 192 23.20 -3.52 -24.52
CA ALA B 192 23.18 -3.45 -23.06
C ALA B 192 21.78 -3.12 -22.56
N PRO B 193 21.41 -3.62 -21.37
CA PRO B 193 20.08 -3.22 -20.87
C PRO B 193 19.91 -1.70 -20.78
N PRO B 194 18.74 -1.18 -21.20
CA PRO B 194 18.40 0.21 -20.91
C PRO B 194 18.45 0.43 -19.39
N ASP B 195 18.93 1.61 -18.96
CA ASP B 195 19.28 1.82 -17.55
C ASP B 195 18.97 3.28 -17.22
N GLY B 196 18.21 3.48 -16.15
CA GLY B 196 17.95 4.83 -15.67
C GLY B 196 16.96 5.64 -16.49
N LEU B 197 16.07 4.97 -17.23
CA LEU B 197 15.05 5.69 -17.97
C LEU B 197 14.00 6.30 -17.03
N MET B 198 13.47 7.45 -17.43
CA MET B 198 12.32 8.02 -16.76
C MET B 198 11.26 8.27 -17.82
N ILE B 199 10.18 7.50 -17.79
CA ILE B 199 9.12 7.62 -18.77
C ILE B 199 7.89 8.10 -18.01
N LYS B 200 7.45 9.34 -18.26
CA LYS B 200 6.39 9.90 -17.43
C LYS B 200 5.42 10.83 -18.15
N GLY B 201 4.14 10.76 -17.79
CA GLY B 201 3.15 11.60 -18.44
C GLY B 201 2.95 11.19 -19.89
N ILE B 202 2.53 9.94 -20.08
CA ILE B 202 2.37 9.43 -21.42
C ILE B 202 0.88 9.16 -21.68
N ARG B 203 0.38 9.66 -22.81
CA ARG B 203 -0.97 9.29 -23.29
C ARG B 203 -0.85 8.49 -24.57
N GLY B 204 -1.68 7.46 -24.72
CA GLY B 204 -1.77 6.76 -25.99
C GLY B 204 -3.21 6.37 -26.30
N SER B 205 -3.57 6.47 -27.58
CA SER B 205 -4.89 6.05 -28.03
C SER B 205 -4.76 5.13 -29.22
N TYR B 206 -5.15 3.87 -29.04
CA TYR B 206 -5.04 2.84 -30.06
C TYR B 206 -6.36 2.66 -30.81
N SER B 207 -6.29 2.33 -32.09
CA SER B 207 -7.54 2.00 -32.77
C SER B 207 -7.39 0.68 -33.53
N GLY B 208 -8.51 -0.01 -33.72
CA GLY B 208 -8.45 -1.33 -34.36
C GLY B 208 -8.16 -2.44 -33.37
N TYR B 209 -8.65 -2.29 -32.14
CA TYR B 209 -8.46 -3.33 -31.13
C TYR B 209 -8.92 -4.68 -31.65
N ALA B 210 -8.13 -5.71 -31.37
CA ALA B 210 -8.57 -7.09 -31.53
C ALA B 210 -7.90 -7.95 -30.46
N THR B 211 -8.63 -8.94 -29.97
CA THR B 211 -8.11 -9.81 -28.91
C THR B 211 -6.79 -10.42 -29.33
N ASN B 212 -5.80 -10.34 -28.43
CA ASN B 212 -4.48 -10.94 -28.59
C ASN B 212 -3.57 -10.25 -29.60
N LYS B 213 -4.02 -9.15 -30.21
CA LYS B 213 -3.15 -8.47 -31.17
C LYS B 213 -1.89 -7.95 -30.47
N ALA B 214 -0.74 -8.14 -31.12
CA ALA B 214 0.56 -7.86 -30.51
C ALA B 214 0.93 -6.36 -30.54
N ALA B 215 0.28 -5.59 -29.67
CA ALA B 215 0.57 -4.16 -29.55
C ALA B 215 0.39 -3.72 -28.10
N GLY B 216 1.04 -2.62 -27.76
CA GLY B 216 0.91 -2.03 -26.42
C GLY B 216 1.38 -0.59 -26.48
N CYS B 217 1.24 0.13 -25.37
CA CYS B 217 1.63 1.53 -25.32
C CYS B 217 3.11 1.69 -25.00
N VAL B 218 3.51 1.42 -23.75
CA VAL B 218 4.90 1.48 -23.34
C VAL B 218 5.47 0.08 -23.12
N LEU B 219 6.63 -0.21 -23.71
CA LEU B 219 7.33 -1.48 -23.48
C LEU B 219 8.75 -1.21 -23.01
N ALA B 220 9.08 -1.69 -21.82
CA ALA B 220 10.45 -1.66 -21.31
C ALA B 220 10.98 -3.09 -21.37
N ASP B 221 11.77 -3.38 -22.41
CA ASP B 221 12.31 -4.73 -22.59
C ASP B 221 13.67 -4.81 -21.91
N SER B 222 13.73 -5.55 -20.80
CA SER B 222 15.00 -5.83 -20.14
C SER B 222 15.71 -4.59 -19.56
N SER B 223 14.93 -3.58 -19.20
CA SER B 223 15.49 -2.38 -18.57
C SER B 223 15.76 -2.64 -17.12
N VAL B 224 16.69 -1.86 -16.57
CA VAL B 224 16.93 -1.87 -15.13
C VAL B 224 16.90 -0.45 -14.60
N ASN B 225 16.62 -0.32 -13.29
CA ASN B 225 16.72 0.97 -12.58
C ASN B 225 15.96 2.09 -13.30
N SER B 226 14.76 1.78 -13.78
CA SER B 226 13.98 2.73 -14.57
C SER B 226 12.60 2.99 -13.95
N LEU B 227 12.05 4.18 -14.23
CA LEU B 227 10.77 4.63 -13.67
C LEU B 227 9.79 4.85 -14.81
N ILE B 228 8.58 4.31 -14.67
CA ILE B 228 7.48 4.57 -15.61
C ILE B 228 6.30 5.05 -14.77
N ASP B 229 5.86 6.30 -14.95
CA ASP B 229 4.92 6.93 -14.01
C ASP B 229 3.91 7.74 -14.81
N ASN B 230 2.64 7.69 -14.43
CA ASN B 230 1.60 8.56 -15.00
C ASN B 230 1.35 8.29 -16.48
N VAL B 231 0.70 7.16 -16.74
CA VAL B 231 0.42 6.73 -18.10
C VAL B 231 -1.10 6.59 -18.24
N ILE B 232 -1.66 7.10 -19.33
CA ILE B 232 -3.10 6.93 -19.61
C ILE B 232 -3.22 6.35 -21.00
N ALA B 233 -3.60 5.07 -21.09
CA ALA B 233 -3.62 4.33 -22.35
C ALA B 233 -5.02 3.84 -22.65
N LYS B 234 -5.45 4.03 -23.89
CA LYS B 234 -6.82 3.68 -24.31
C LYS B 234 -6.89 2.69 -25.47
N ASN B 235 -7.62 1.59 -25.23
CA ASN B 235 -7.97 0.61 -26.27
C ASN B 235 -6.80 -0.24 -26.80
N TYR B 236 -5.71 -0.34 -26.04
CA TYR B 236 -4.62 -1.23 -26.46
C TYR B 236 -4.92 -2.73 -26.24
N PRO B 237 -4.40 -3.60 -27.12
CA PRO B 237 -4.63 -5.03 -27.02
C PRO B 237 -3.67 -5.78 -26.10
N GLN B 238 -3.01 -6.81 -26.60
CA GLN B 238 -2.36 -7.80 -25.72
C GLN B 238 -1.45 -7.20 -24.67
N PHE B 239 -0.60 -6.26 -25.07
CA PHE B 239 0.42 -5.78 -24.14
C PHE B 239 0.04 -4.51 -23.37
N GLY B 240 -1.20 -4.06 -23.55
CA GLY B 240 -1.84 -3.08 -22.66
C GLY B 240 -1.15 -1.73 -22.58
N ALA B 241 -1.21 -1.11 -21.40
CA ALA B 241 -0.64 0.22 -21.16
C ALA B 241 0.87 0.16 -20.92
N VAL B 242 1.32 -0.79 -20.08
CA VAL B 242 2.73 -0.92 -19.80
C VAL B 242 3.11 -2.40 -19.76
N GLU B 243 4.07 -2.78 -20.62
CA GLU B 243 4.68 -4.11 -20.51
C GLU B 243 6.12 -4.02 -20.01
N LEU B 244 6.49 -4.86 -19.04
CA LEU B 244 7.90 -5.12 -18.70
C LEU B 244 8.20 -6.47 -19.32
N LYS B 245 9.39 -6.62 -19.92
CA LYS B 245 9.67 -7.83 -20.68
C LYS B 245 11.09 -8.37 -20.41
N GLY B 246 11.23 -9.69 -20.54
CA GLY B 246 12.54 -10.34 -20.47
C GLY B 246 13.16 -10.22 -19.08
N THR B 247 14.41 -9.79 -19.03
CA THR B 247 15.15 -9.71 -17.77
C THR B 247 14.90 -8.39 -17.01
N ALA B 248 13.84 -7.67 -17.37
CA ALA B 248 13.49 -6.39 -16.69
C ALA B 248 13.47 -6.59 -15.19
N SER B 249 14.25 -5.76 -14.48
CA SER B 249 14.35 -5.88 -13.03
C SER B 249 14.69 -4.52 -12.43
N TYR B 250 14.27 -4.32 -11.19
CA TYR B 250 14.59 -3.08 -10.44
C TYR B 250 13.98 -1.83 -11.07
N ASN B 251 12.80 -2.02 -11.67
CA ASN B 251 12.01 -0.91 -12.19
C ASN B 251 10.83 -0.59 -11.27
N ILE B 252 10.33 0.64 -11.35
CA ILE B 252 9.09 1.03 -10.67
C ILE B 252 8.12 1.50 -11.73
N VAL B 253 6.93 0.89 -11.75
CA VAL B 253 5.83 1.31 -12.62
C VAL B 253 4.72 1.82 -11.72
N SER B 254 4.25 3.03 -11.96
CA SER B 254 3.27 3.63 -11.05
C SER B 254 2.25 4.52 -11.75
N ASN B 255 1.04 4.57 -11.18
CA ASN B 255 -0.01 5.48 -11.66
C ASN B 255 -0.34 5.23 -13.12
N VAL B 256 -0.86 4.04 -13.40
CA VAL B 256 -1.15 3.65 -14.75
C VAL B 256 -2.66 3.49 -14.91
N ILE B 257 -3.23 4.22 -15.86
CA ILE B 257 -4.66 4.08 -16.19
C ILE B 257 -4.79 3.45 -17.56
N GLY B 258 -5.46 2.30 -17.62
CA GLY B 258 -5.78 1.67 -18.90
C GLY B 258 -7.29 1.57 -19.02
N ALA B 259 -7.84 2.09 -20.11
CA ALA B 259 -9.27 2.05 -20.38
C ALA B 259 -9.53 1.17 -21.61
N ASP B 260 -10.44 0.21 -21.48
CA ASP B 260 -10.80 -0.68 -22.59
C ASP B 260 -9.60 -1.42 -23.21
N CYS B 261 -8.57 -1.69 -22.40
CA CYS B 261 -7.40 -2.46 -22.85
C CYS B 261 -7.60 -3.96 -22.59
N GLN B 262 -6.84 -4.83 -23.26
CA GLN B 262 -7.00 -6.26 -22.97
C GLN B 262 -6.44 -6.57 -21.58
N HIS B 263 -5.24 -6.08 -21.32
CA HIS B 263 -4.60 -6.11 -20.01
C HIS B 263 -4.12 -4.69 -19.74
N VAL B 264 -3.99 -4.27 -18.49
CA VAL B 264 -3.44 -2.93 -18.23
C VAL B 264 -1.92 -2.95 -18.04
N THR B 265 -1.43 -3.75 -17.10
CA THR B 265 0.01 -4.02 -17.05
C THR B 265 0.30 -5.48 -17.35
N TYR B 266 1.42 -5.73 -18.00
CA TYR B 266 1.74 -7.08 -18.48
C TYR B 266 3.23 -7.35 -18.31
N ASN B 267 3.54 -8.50 -17.69
CA ASN B 267 4.94 -8.94 -17.57
C ASN B 267 5.16 -10.15 -18.48
N GLY B 268 5.95 -9.97 -19.53
CA GLY B 268 6.12 -11.04 -20.53
C GLY B 268 7.58 -11.39 -20.74
N THR B 269 7.81 -12.48 -21.50
CA THR B 269 9.17 -12.83 -21.89
C THR B 269 9.16 -13.74 -23.11
N GLU B 270 10.24 -13.65 -23.88
CA GLU B 270 10.53 -14.58 -24.97
C GLU B 270 11.77 -15.44 -24.67
N GLY B 271 12.29 -15.35 -23.45
CA GLY B 271 13.50 -16.07 -23.04
C GLY B 271 13.26 -16.86 -21.77
N PRO B 272 14.34 -17.40 -21.19
CA PRO B 272 14.26 -18.29 -20.02
C PRO B 272 13.99 -17.56 -18.70
N ILE B 273 14.22 -16.24 -18.68
CA ILE B 273 14.04 -15.42 -17.49
C ILE B 273 12.96 -14.37 -17.77
N ALA B 274 12.08 -14.15 -16.78
CA ALA B 274 10.97 -13.21 -16.93
C ALA B 274 11.13 -12.05 -15.93
N PRO B 275 10.34 -10.98 -16.10
CA PRO B 275 10.50 -9.80 -15.23
C PRO B 275 10.40 -10.15 -13.75
N SER B 276 11.37 -9.66 -12.98
CA SER B 276 11.52 -10.05 -11.57
C SER B 276 12.02 -8.84 -10.80
N ASN B 277 11.71 -8.76 -9.51
CA ASN B 277 12.21 -7.65 -8.68
C ASN B 277 11.74 -6.28 -9.20
N ASN B 278 10.49 -6.21 -9.65
CA ASN B 278 9.92 -4.93 -10.03
C ASN B 278 8.77 -4.52 -9.10
N LEU B 279 8.58 -3.21 -8.96
CA LEU B 279 7.50 -2.70 -8.14
C LEU B 279 6.46 -2.10 -9.10
N ILE B 280 5.23 -2.55 -9.00
CA ILE B 280 4.15 -2.03 -9.85
C ILE B 280 3.06 -1.57 -8.92
N LYS B 281 2.79 -0.27 -8.92
CA LYS B 281 1.86 0.25 -7.92
C LYS B 281 0.93 1.36 -8.39
N GLY B 282 -0.35 1.20 -8.06
CA GLY B 282 -1.34 2.17 -8.48
C GLY B 282 -1.76 1.91 -9.91
N VAL B 283 -2.56 0.86 -10.09
CA VAL B 283 -3.07 0.51 -11.41
C VAL B 283 -4.57 0.70 -11.46
N MET B 284 -5.03 1.53 -12.39
CA MET B 284 -6.46 1.78 -12.59
C MET B 284 -6.90 1.06 -13.85
N ALA B 285 -7.70 0.01 -13.71
CA ALA B 285 -8.16 -0.77 -14.85
C ALA B 285 -9.63 -0.45 -15.14
N ASN B 286 -9.84 0.50 -16.02
CA ASN B 286 -11.18 0.90 -16.41
C ASN B 286 -11.66 -0.07 -17.50
N ASN B 287 -12.38 -1.10 -17.07
CA ASN B 287 -13.00 -2.06 -17.97
C ASN B 287 -12.08 -2.74 -18.97
N PRO B 288 -11.09 -3.48 -18.47
CA PRO B 288 -10.23 -4.26 -19.37
C PRO B 288 -11.04 -5.42 -19.93
N LYS B 289 -10.48 -6.09 -20.93
CA LYS B 289 -11.17 -7.21 -21.59
C LYS B 289 -10.71 -8.58 -21.10
N TYR B 290 -9.63 -8.65 -20.31
CA TYR B 290 -9.19 -9.93 -19.74
C TYR B 290 -8.69 -9.84 -18.30
N ALA B 291 -7.76 -8.92 -18.04
CA ALA B 291 -7.20 -8.79 -16.69
C ALA B 291 -6.65 -7.40 -16.43
N ALA B 292 -6.62 -6.98 -15.18
CA ALA B 292 -5.96 -5.71 -14.86
C ALA B 292 -4.45 -5.88 -14.96
N VAL B 293 -3.93 -6.92 -14.28
CA VAL B 293 -2.51 -7.14 -14.20
C VAL B 293 -2.14 -8.58 -14.52
N VAL B 294 -1.22 -8.76 -15.46
CA VAL B 294 -0.63 -10.07 -15.71
C VAL B 294 0.77 -10.04 -15.09
N ALA B 295 0.93 -10.73 -13.95
CA ALA B 295 2.16 -10.62 -13.17
C ALA B 295 3.29 -11.43 -13.81
N GLY B 296 2.93 -12.44 -14.61
CA GLY B 296 3.90 -13.17 -15.43
C GLY B 296 4.58 -14.34 -14.77
N LYS B 297 5.65 -14.84 -15.41
CA LYS B 297 6.32 -16.06 -15.00
C LYS B 297 7.50 -15.79 -14.06
N GLY B 298 7.78 -14.52 -13.81
CA GLY B 298 8.94 -14.14 -13.00
C GLY B 298 8.70 -14.17 -11.51
N SER B 299 9.63 -13.59 -10.76
CA SER B 299 9.59 -13.74 -9.32
C SER B 299 9.86 -12.44 -8.56
N THR B 300 9.48 -12.45 -7.28
CA THR B 300 9.72 -11.35 -6.33
C THR B 300 9.38 -9.97 -6.90
N ASN B 301 8.26 -9.88 -7.60
CA ASN B 301 7.65 -8.58 -7.93
C ASN B 301 6.64 -8.21 -6.85
N LEU B 302 6.52 -6.92 -6.60
CA LEU B 302 5.61 -6.40 -5.60
C LEU B 302 4.61 -5.56 -6.37
N ILE B 303 3.37 -6.03 -6.45
CA ILE B 303 2.27 -5.34 -7.15
C ILE B 303 1.32 -4.83 -6.06
N SER B 304 1.00 -3.54 -6.10
CA SER B 304 0.26 -2.94 -4.98
C SER B 304 -0.78 -1.92 -5.46
N ASP B 305 -2.01 -2.05 -4.96
CA ASP B 305 -3.11 -1.08 -5.18
C ASP B 305 -3.60 -1.12 -6.64
N VAL B 306 -4.47 -2.09 -6.88
CA VAL B 306 -4.98 -2.36 -8.22
C VAL B 306 -6.51 -2.23 -8.14
N LEU B 307 -7.09 -1.28 -8.89
CA LEU B 307 -8.55 -1.08 -8.88
C LEU B 307 -9.06 -1.47 -10.25
N VAL B 308 -9.99 -2.42 -10.30
CA VAL B 308 -10.51 -2.88 -11.58
C VAL B 308 -12.05 -2.93 -11.59
N ASP B 309 -12.64 -2.37 -12.65
CA ASP B 309 -14.10 -2.41 -12.81
C ASP B 309 -14.40 -3.09 -14.16
N TYR B 310 -15.41 -3.96 -14.16
CA TYR B 310 -15.89 -4.67 -15.34
C TYR B 310 -17.32 -4.29 -15.73
N SER B 311 -17.89 -3.30 -15.04
CA SER B 311 -19.33 -2.98 -15.24
C SER B 311 -19.78 -2.72 -16.68
N THR B 312 -18.87 -2.22 -17.53
CA THR B 312 -19.24 -1.95 -18.92
C THR B 312 -18.37 -2.70 -19.94
N SER B 313 -17.73 -3.79 -19.49
CA SER B 313 -16.80 -4.55 -20.31
C SER B 313 -17.46 -5.75 -21.00
N ASP B 314 -17.00 -6.04 -22.22
CA ASP B 314 -17.49 -7.21 -22.93
C ASP B 314 -16.67 -8.47 -22.62
N ALA B 315 -15.78 -8.38 -21.63
CA ALA B 315 -14.98 -9.56 -21.21
C ALA B 315 -15.86 -10.81 -21.00
N ARG B 316 -15.46 -11.95 -21.55
CA ARG B 316 -16.12 -13.21 -21.23
C ARG B 316 -15.51 -13.89 -20.01
N GLN B 317 -14.25 -13.56 -19.71
CA GLN B 317 -13.55 -14.12 -18.55
C GLN B 317 -12.83 -12.95 -17.90
N ALA B 318 -13.42 -12.46 -16.82
CA ALA B 318 -12.92 -11.26 -16.15
C ALA B 318 -11.92 -11.63 -15.05
N HIS B 319 -10.73 -11.02 -15.07
CA HIS B 319 -9.70 -11.32 -14.08
C HIS B 319 -9.20 -10.07 -13.40
N GLY B 320 -8.82 -10.23 -12.14
CA GLY B 320 -8.14 -9.15 -11.42
C GLY B 320 -6.66 -9.20 -11.75
N VAL B 321 -5.93 -10.08 -11.07
CA VAL B 321 -4.51 -10.29 -11.31
C VAL B 321 -4.26 -11.77 -11.58
N THR B 322 -3.43 -12.08 -12.59
CA THR B 322 -2.99 -13.46 -12.79
C THR B 322 -1.50 -13.53 -12.48
N VAL B 323 -1.04 -14.71 -12.06
CA VAL B 323 0.38 -14.86 -11.80
C VAL B 323 0.79 -16.30 -12.09
N GLU B 324 1.94 -16.45 -12.74
CA GLU B 324 2.45 -17.78 -13.12
C GLU B 324 3.76 -18.14 -12.41
N GLY B 325 4.48 -17.13 -11.91
CA GLY B 325 5.80 -17.34 -11.29
C GLY B 325 5.74 -17.56 -9.79
N SER B 326 6.78 -17.11 -9.09
CA SER B 326 6.91 -17.45 -7.68
C SER B 326 7.32 -16.26 -6.81
N ASP B 327 6.89 -16.29 -5.55
CA ASP B 327 7.34 -15.33 -4.55
C ASP B 327 6.94 -13.88 -4.91
N ASN B 328 5.84 -13.72 -5.63
CA ASN B 328 5.29 -12.40 -5.91
C ASN B 328 4.29 -11.97 -4.85
N VAL B 329 4.13 -10.65 -4.71
CA VAL B 329 3.21 -10.11 -3.72
C VAL B 329 2.21 -9.29 -4.49
N ILE B 330 0.92 -9.58 -4.29
CA ILE B 330 -0.13 -8.88 -4.98
C ILE B 330 -1.05 -8.27 -3.92
N ASN B 331 -0.90 -6.98 -3.66
CA ASN B 331 -1.51 -6.34 -2.50
C ASN B 331 -2.69 -5.43 -2.90
N ASN B 332 -3.83 -5.60 -2.22
CA ASN B 332 -4.98 -4.72 -2.40
C ASN B 332 -5.56 -4.67 -3.81
N VAL B 333 -6.13 -5.79 -4.26
CA VAL B 333 -6.86 -5.85 -5.53
C VAL B 333 -8.34 -5.66 -5.26
N LEU B 334 -8.90 -4.52 -5.66
CA LEU B 334 -10.34 -4.24 -5.49
C LEU B 334 -11.00 -4.40 -6.84
N MET B 335 -11.90 -5.38 -6.95
CA MET B 335 -12.56 -5.67 -8.23
C MET B 335 -14.07 -5.62 -8.10
N SER B 336 -14.73 -5.00 -9.09
CA SER B 336 -16.17 -4.94 -9.09
C SER B 336 -16.73 -4.97 -10.51
N GLY B 337 -18.05 -5.07 -10.60
CA GLY B 337 -18.74 -4.99 -11.89
C GLY B 337 -18.92 -6.32 -12.60
N CYS B 338 -18.90 -7.42 -11.86
CA CYS B 338 -19.05 -8.77 -12.41
C CYS B 338 -20.27 -9.44 -11.77
N ASP B 339 -21.36 -9.50 -12.52
CA ASP B 339 -22.61 -10.08 -12.01
C ASP B 339 -22.98 -11.40 -12.67
N GLY B 340 -22.06 -11.94 -13.47
CA GLY B 340 -22.31 -13.19 -14.16
C GLY B 340 -22.53 -13.02 -15.65
N THR B 341 -22.75 -11.78 -16.08
CA THR B 341 -22.92 -11.45 -17.49
C THR B 341 -22.02 -10.28 -17.88
N ASN B 342 -21.62 -10.24 -19.16
CA ASN B 342 -20.87 -9.08 -19.66
C ASN B 342 -21.81 -7.98 -20.15
N SER B 343 -21.24 -6.96 -20.79
CA SER B 343 -22.01 -5.79 -21.17
C SER B 343 -23.03 -6.09 -22.26
N LEU B 344 -22.85 -7.22 -22.94
CA LEU B 344 -23.75 -7.63 -24.02
C LEU B 344 -24.73 -8.71 -23.58
N GLY B 345 -24.71 -9.09 -22.30
CA GLY B 345 -25.62 -10.14 -21.82
C GLY B 345 -25.13 -11.58 -21.99
N GLN B 346 -23.87 -11.74 -22.40
CA GLN B 346 -23.26 -13.07 -22.50
C GLN B 346 -22.73 -13.50 -21.13
N ARG B 347 -22.54 -14.79 -20.91
CA ARG B 347 -22.01 -15.24 -19.63
C ARG B 347 -20.58 -14.74 -19.44
N GLN B 348 -20.26 -14.38 -18.20
CA GLN B 348 -18.95 -13.86 -17.86
C GLN B 348 -18.51 -14.49 -16.54
N THR B 349 -17.36 -15.16 -16.56
CA THR B 349 -16.80 -15.67 -15.31
C THR B 349 -15.95 -14.58 -14.65
N ALA B 350 -15.75 -14.73 -13.34
CA ALA B 350 -14.93 -13.79 -12.55
C ALA B 350 -13.86 -14.54 -11.80
N THR B 351 -12.67 -13.97 -11.77
CA THR B 351 -11.56 -14.53 -11.01
C THR B 351 -10.70 -13.36 -10.56
N ILE B 352 -10.72 -13.03 -9.27
CA ILE B 352 -9.96 -11.88 -8.79
C ILE B 352 -8.45 -12.17 -8.72
N ALA B 353 -8.11 -13.43 -8.47
CA ALA B 353 -6.71 -13.84 -8.46
C ALA B 353 -6.62 -15.24 -9.06
N ARG B 354 -5.75 -15.41 -10.06
CA ARG B 354 -5.60 -16.70 -10.73
C ARG B 354 -4.15 -17.13 -10.65
N PHE B 355 -3.91 -18.31 -10.11
CA PHE B 355 -2.56 -18.85 -9.93
C PHE B 355 -2.35 -19.92 -10.97
N ILE B 356 -1.57 -19.56 -11.99
CA ILE B 356 -1.45 -20.32 -13.23
C ILE B 356 -0.32 -21.34 -13.16
N GLY B 357 -0.58 -22.54 -13.69
CA GLY B 357 0.46 -23.53 -13.87
C GLY B 357 1.09 -23.94 -12.56
N THR B 358 2.41 -23.75 -12.46
CA THR B 358 3.13 -24.12 -11.24
C THR B 358 3.34 -22.92 -10.31
N ALA B 359 2.58 -21.84 -10.53
CA ALA B 359 2.67 -20.65 -9.67
C ALA B 359 2.82 -21.07 -8.21
N ASN B 360 3.82 -20.52 -7.53
CA ASN B 360 4.09 -20.97 -6.16
C ASN B 360 4.60 -19.87 -5.23
N ASN B 361 4.25 -19.99 -3.94
CA ASN B 361 4.79 -19.11 -2.90
C ASN B 361 4.43 -17.63 -3.11
N ASN B 362 3.27 -17.40 -3.74
CA ASN B 362 2.75 -16.04 -3.94
C ASN B 362 1.77 -15.64 -2.84
N TYR B 363 1.56 -14.33 -2.72
CA TYR B 363 0.61 -13.77 -1.76
C TYR B 363 -0.34 -12.85 -2.51
N ALA B 364 -1.63 -12.88 -2.15
CA ALA B 364 -2.57 -11.90 -2.70
C ALA B 364 -3.57 -11.47 -1.63
N SER B 365 -3.84 -10.17 -1.53
CA SER B 365 -4.92 -9.66 -0.68
C SER B 365 -5.96 -9.03 -1.59
N VAL B 366 -7.21 -9.47 -1.45
CA VAL B 366 -8.22 -9.19 -2.46
C VAL B 366 -9.58 -8.82 -1.90
N PHE B 367 -10.34 -8.05 -2.68
CA PHE B 367 -11.67 -7.55 -2.34
C PHE B 367 -12.60 -7.82 -3.53
N PRO B 368 -13.23 -9.02 -3.56
CA PRO B 368 -14.16 -9.39 -4.65
C PRO B 368 -15.54 -8.75 -4.45
N SER B 369 -15.62 -7.45 -4.72
CA SER B 369 -16.82 -6.67 -4.48
C SER B 369 -17.79 -6.79 -5.65
N TYR B 370 -18.25 -8.01 -5.88
CA TYR B 370 -19.14 -8.31 -6.99
C TYR B 370 -19.91 -9.60 -6.69
N SER B 371 -20.94 -9.87 -7.48
CA SER B 371 -21.87 -10.98 -7.17
C SER B 371 -21.58 -12.28 -7.91
N ALA B 372 -20.84 -12.20 -9.01
CA ALA B 372 -20.42 -13.42 -9.73
C ALA B 372 -19.80 -14.41 -8.74
N THR B 373 -20.01 -15.70 -8.98
CA THR B 373 -19.57 -16.72 -8.03
C THR B 373 -18.06 -16.92 -7.92
N GLY B 374 -17.33 -16.77 -9.02
CA GLY B 374 -15.89 -17.08 -9.01
C GLY B 374 -15.10 -16.02 -8.26
N VAL B 375 -14.17 -16.46 -7.41
CA VAL B 375 -13.28 -15.55 -6.71
C VAL B 375 -11.80 -15.94 -6.91
N ILE B 376 -11.39 -17.12 -6.41
CA ILE B 376 -9.99 -17.56 -6.56
C ILE B 376 -9.93 -18.78 -7.47
N THR B 377 -8.91 -18.84 -8.33
CA THR B 377 -8.63 -20.03 -9.12
C THR B 377 -7.19 -20.44 -8.83
N PHE B 378 -7.04 -21.62 -8.21
CA PHE B 378 -5.74 -22.26 -8.04
C PHE B 378 -5.66 -23.36 -9.10
N GLU B 379 -4.79 -23.20 -10.10
CA GLU B 379 -4.63 -24.28 -11.09
C GLU B 379 -3.99 -25.46 -10.35
N SER B 380 -4.17 -26.67 -10.88
CA SER B 380 -3.86 -27.87 -10.10
C SER B 380 -2.38 -28.01 -9.73
N GLY B 381 -1.48 -27.39 -10.49
CA GLY B 381 -0.04 -27.50 -10.20
C GLY B 381 0.47 -26.41 -9.27
N SER B 382 -0.42 -25.51 -8.85
CA SER B 382 -0.02 -24.36 -8.01
C SER B 382 0.14 -24.75 -6.54
N THR B 383 1.13 -24.18 -5.85
CA THR B 383 1.42 -24.58 -4.46
C THR B 383 1.83 -23.39 -3.59
N ARG B 384 1.56 -23.49 -2.29
CA ARG B 384 2.06 -22.52 -1.32
C ARG B 384 1.64 -21.05 -1.60
N ASN B 385 0.48 -20.88 -2.23
CA ASN B 385 -0.05 -19.53 -2.45
C ASN B 385 -1.04 -19.19 -1.35
N PHE B 386 -0.91 -17.99 -0.80
CA PHE B 386 -1.76 -17.57 0.32
C PHE B 386 -2.60 -16.39 -0.13
N VAL B 387 -3.92 -16.54 -0.04
CA VAL B 387 -4.84 -15.46 -0.38
C VAL B 387 -5.61 -15.01 0.86
N GLU B 388 -5.58 -13.71 1.12
CA GLU B 388 -6.43 -13.13 2.15
C GLU B 388 -7.55 -12.39 1.46
N VAL B 389 -8.78 -12.87 1.66
CA VAL B 389 -9.96 -12.18 1.14
C VAL B 389 -10.33 -11.18 2.23
N LYS B 390 -9.89 -9.92 2.05
CA LYS B 390 -9.96 -8.95 3.13
C LYS B 390 -11.37 -8.39 3.32
N HIS B 391 -12.18 -8.40 2.27
CA HIS B 391 -13.62 -8.22 2.43
C HIS B 391 -14.33 -9.15 1.45
N PRO B 392 -15.29 -9.94 1.94
CA PRO B 392 -15.95 -10.98 1.14
C PRO B 392 -17.09 -10.47 0.25
N GLY B 393 -17.27 -9.16 0.15
CA GLY B 393 -18.43 -8.63 -0.56
C GLY B 393 -19.69 -8.99 0.18
N ARG B 394 -20.68 -9.57 -0.53
CA ARG B 394 -21.92 -9.99 0.12
C ARG B 394 -21.90 -11.45 0.58
N ARG B 395 -20.78 -12.14 0.38
CA ARG B 395 -20.69 -13.56 0.77
C ARG B 395 -20.58 -13.75 2.27
N ASN B 396 -21.21 -14.82 2.78
CA ASN B 396 -21.18 -15.13 4.21
C ASN B 396 -20.35 -16.37 4.49
N ASP B 397 -19.88 -17.03 3.44
CA ASP B 397 -19.19 -18.31 3.55
C ASP B 397 -18.45 -18.57 2.25
N LEU B 398 -17.13 -18.71 2.29
CA LEU B 398 -16.37 -18.91 1.06
C LEU B 398 -16.49 -20.34 0.52
N LEU B 399 -17.19 -21.20 1.26
CA LEU B 399 -17.27 -22.62 0.93
C LEU B 399 -18.65 -23.08 0.51
N SER B 400 -19.65 -22.21 0.66
CA SER B 400 -21.03 -22.61 0.37
C SER B 400 -21.24 -22.88 -1.10
N SER B 401 -20.62 -22.06 -1.95
CA SER B 401 -20.55 -22.37 -3.38
C SER B 401 -19.21 -23.00 -3.74
N ALA B 402 -19.24 -24.16 -4.42
CA ALA B 402 -18.01 -24.80 -4.85
C ALA B 402 -17.23 -23.94 -5.85
N SER B 403 -17.89 -22.95 -6.43
CA SER B 403 -17.24 -22.12 -7.44
C SER B 403 -16.42 -20.97 -6.87
N THR B 404 -16.62 -20.64 -5.61
CA THR B 404 -15.88 -19.53 -5.01
C THR B 404 -14.37 -19.76 -5.08
N ILE B 405 -13.95 -20.97 -4.71
CA ILE B 405 -12.54 -21.34 -4.76
C ILE B 405 -12.41 -22.50 -5.74
N ASP B 406 -12.00 -22.21 -6.96
CA ASP B 406 -11.76 -23.24 -7.96
C ASP B 406 -10.38 -23.82 -7.69
N GLY B 407 -10.23 -25.14 -7.74
CA GLY B 407 -8.95 -25.76 -7.41
C GLY B 407 -8.81 -25.99 -5.91
N ALA B 408 -9.94 -26.18 -5.23
CA ALA B 408 -9.92 -26.36 -3.78
C ALA B 408 -9.15 -27.59 -3.27
N ALA B 409 -8.96 -28.61 -4.10
CA ALA B 409 -8.18 -29.78 -3.66
C ALA B 409 -6.69 -29.44 -3.41
N THR B 410 -6.25 -28.31 -3.94
CA THR B 410 -4.86 -27.87 -3.72
C THR B 410 -4.68 -27.31 -2.33
N ILE B 411 -5.78 -27.09 -1.61
CA ILE B 411 -5.68 -26.74 -0.19
C ILE B 411 -5.68 -28.07 0.54
N ASP B 412 -4.49 -28.63 0.76
CA ASP B 412 -4.38 -30.00 1.24
C ASP B 412 -3.70 -30.16 2.60
N GLY B 413 -3.33 -29.04 3.22
CA GLY B 413 -2.75 -29.07 4.56
C GLY B 413 -1.32 -29.57 4.61
N THR B 414 -0.70 -29.84 3.46
CA THR B 414 0.70 -30.24 3.40
C THR B 414 1.60 -29.02 3.25
N SER B 415 2.91 -29.26 3.20
CA SER B 415 3.84 -28.16 2.99
C SER B 415 3.67 -27.52 1.60
N ASN B 416 2.92 -28.17 0.71
CA ASN B 416 2.64 -27.58 -0.60
C ASN B 416 1.27 -26.90 -0.68
N SER B 417 0.54 -26.88 0.44
CA SER B 417 -0.84 -26.38 0.44
C SER B 417 -0.95 -24.92 -0.04
N ASN B 418 -1.99 -24.63 -0.81
CA ASN B 418 -2.52 -23.26 -0.92
C ASN B 418 -3.39 -22.97 0.31
N VAL B 419 -3.68 -21.70 0.57
CA VAL B 419 -4.40 -21.33 1.79
C VAL B 419 -5.27 -20.12 1.46
N VAL B 420 -6.47 -20.06 2.01
CA VAL B 420 -7.34 -18.89 1.85
C VAL B 420 -7.92 -18.51 3.21
N HIS B 421 -7.78 -17.24 3.59
CA HIS B 421 -8.42 -16.72 4.81
C HIS B 421 -9.47 -15.68 4.42
N ALA B 422 -10.58 -15.62 5.18
CA ALA B 422 -11.57 -14.55 5.06
C ALA B 422 -11.88 -14.04 6.48
N PRO B 423 -11.01 -13.17 7.00
CA PRO B 423 -11.12 -12.75 8.42
C PRO B 423 -12.49 -12.18 8.85
N ALA B 424 -13.16 -11.43 7.98
CA ALA B 424 -14.47 -10.83 8.35
C ALA B 424 -15.53 -11.90 8.61
N LEU B 425 -15.34 -13.07 7.99
CA LEU B 425 -16.22 -14.23 8.17
C LEU B 425 -15.66 -15.20 9.19
N GLY B 426 -14.52 -14.85 9.80
CA GLY B 426 -13.87 -15.73 10.80
C GLY B 426 -13.48 -17.07 10.21
N GLN B 427 -13.13 -17.07 8.93
CA GLN B 427 -12.99 -18.32 8.18
C GLN B 427 -11.54 -18.53 7.71
N TYR B 428 -10.96 -19.65 8.12
CA TYR B 428 -9.54 -19.94 7.84
C TYR B 428 -9.46 -21.31 7.17
N ILE B 429 -8.99 -21.32 5.92
CA ILE B 429 -9.09 -22.51 5.08
C ILE B 429 -7.70 -22.94 4.64
N GLY B 430 -7.16 -23.91 5.36
CA GLY B 430 -5.85 -24.46 5.05
C GLY B 430 -4.72 -23.89 5.89
N SER B 431 -3.69 -24.70 6.12
CA SER B 431 -2.46 -24.24 6.74
C SER B 431 -1.26 -24.98 6.14
N MET B 432 -0.21 -24.23 5.79
CA MET B 432 0.98 -24.85 5.19
C MET B 432 1.85 -25.61 6.21
N SER B 433 1.57 -25.42 7.50
CA SER B 433 2.27 -26.16 8.57
C SER B 433 1.52 -27.41 8.99
N GLY B 434 0.29 -27.57 8.48
CA GLY B 434 -0.57 -28.69 8.89
C GLY B 434 -1.25 -28.50 10.23
N ARG B 435 -1.17 -27.30 10.76
CA ARG B 435 -1.81 -27.00 12.04
C ARG B 435 -2.04 -25.50 12.23
N PHE B 436 -2.86 -25.18 13.24
CA PHE B 436 -2.97 -23.81 13.77
C PHE B 436 -2.45 -23.86 15.19
N GLU B 437 -1.58 -22.93 15.54
CA GLU B 437 -1.01 -22.91 16.89
C GLU B 437 -0.88 -21.48 17.39
N TRP B 438 -1.24 -21.30 18.66
CA TRP B 438 -1.15 -20.01 19.35
C TRP B 438 -0.28 -20.22 20.58
N ARG B 439 0.55 -19.24 20.89
CA ARG B 439 1.17 -19.21 22.22
C ARG B 439 1.15 -17.80 22.76
N ILE B 440 0.89 -17.65 24.06
CA ILE B 440 0.85 -16.34 24.69
C ILE B 440 2.23 -15.67 24.73
N LYS B 441 3.27 -16.50 24.83
CA LYS B 441 4.65 -16.04 24.93
C LYS B 441 5.59 -17.10 24.38
N SER B 442 6.83 -16.71 24.12
CA SER B 442 7.86 -17.67 23.76
C SER B 442 8.00 -18.72 24.87
N MET B 443 8.10 -19.98 24.47
CA MET B 443 8.20 -21.09 25.42
C MET B 443 8.66 -22.34 24.70
N SER B 444 9.26 -23.25 25.46
CA SER B 444 9.61 -24.54 24.89
C SER B 444 8.47 -25.51 25.17
N LEU B 445 8.46 -26.60 24.41
CA LEU B 445 7.59 -27.73 24.67
C LEU B 445 8.46 -28.96 24.93
N PRO B 446 8.04 -29.82 25.87
CA PRO B 446 8.80 -31.05 26.04
C PRO B 446 8.65 -31.87 24.78
N SER B 447 9.72 -32.52 24.33
CA SER B 447 9.61 -33.27 23.08
C SER B 447 8.84 -34.56 23.28
N GLY B 448 8.27 -35.08 22.21
CA GLY B 448 7.60 -36.37 22.24
C GLY B 448 6.26 -36.37 22.98
N VAL B 449 5.63 -35.20 23.06
CA VAL B 449 4.28 -35.10 23.60
C VAL B 449 3.27 -34.79 22.49
N LEU B 450 3.40 -33.62 21.87
CA LEU B 450 2.50 -33.27 20.77
C LEU B 450 2.93 -33.97 19.49
N THR B 451 1.96 -34.33 18.65
CA THR B 451 2.24 -35.00 17.37
C THR B 451 1.51 -34.28 16.24
N SER B 452 1.62 -34.84 15.04
CA SER B 452 0.93 -34.28 13.89
C SER B 452 -0.59 -34.29 14.05
N ALA B 453 -1.10 -35.12 14.98
CA ALA B 453 -2.54 -35.16 15.27
C ALA B 453 -2.99 -33.89 15.99
N ASP B 454 -2.06 -33.26 16.71
CA ASP B 454 -2.38 -32.02 17.43
C ASP B 454 -2.37 -30.86 16.44
N LYS B 455 -3.47 -30.78 15.71
CA LYS B 455 -3.63 -29.85 14.61
C LYS B 455 -4.08 -28.48 15.09
N TYR B 456 -4.47 -28.40 16.37
CA TYR B 456 -4.85 -27.15 17.00
C TYR B 456 -4.16 -27.10 18.35
N ARG B 457 -3.40 -26.01 18.60
CA ARG B 457 -2.60 -25.90 19.82
C ARG B 457 -2.79 -24.55 20.45
N MET B 458 -3.21 -24.56 21.72
CA MET B 458 -3.37 -23.32 22.46
C MET B 458 -2.49 -23.40 23.68
N LEU B 459 -1.38 -22.65 23.65
CA LEU B 459 -0.25 -22.86 24.58
C LEU B 459 0.02 -21.67 25.48
N GLY B 460 0.58 -21.98 26.65
CA GLY B 460 1.04 -20.94 27.57
C GLY B 460 1.79 -21.58 28.72
N ASP B 461 2.33 -20.75 29.61
CA ASP B 461 2.96 -21.25 30.82
C ASP B 461 1.99 -21.10 31.98
N GLY B 462 2.37 -21.61 33.15
CA GLY B 462 1.50 -21.50 34.31
C GLY B 462 0.14 -22.14 34.09
N ALA B 463 -0.90 -21.49 34.62
CA ALA B 463 -2.27 -21.96 34.40
C ALA B 463 -2.76 -21.51 33.03
N VAL B 464 -3.26 -22.47 32.25
CA VAL B 464 -3.78 -22.20 30.92
C VAL B 464 -5.19 -22.76 30.81
N SER B 465 -6.16 -21.87 30.62
CA SER B 465 -7.57 -22.23 30.56
C SER B 465 -8.16 -21.73 29.26
N LEU B 466 -8.86 -22.63 28.58
CA LEU B 466 -9.65 -22.28 27.41
C LEU B 466 -11.10 -22.15 27.89
N ALA B 467 -11.61 -20.93 27.87
CA ALA B 467 -12.97 -20.64 28.33
C ALA B 467 -13.94 -20.59 27.15
N VAL B 468 -15.02 -21.36 27.23
CA VAL B 468 -16.03 -21.45 26.17
C VAL B 468 -17.40 -21.11 26.77
N GLY B 469 -18.05 -20.10 26.21
CA GLY B 469 -19.41 -19.79 26.64
C GLY B 469 -19.71 -18.32 26.79
N GLY B 470 -20.48 -18.00 27.82
CA GLY B 470 -21.00 -16.65 28.00
C GLY B 470 -22.50 -16.52 27.78
N GLY B 471 -23.17 -17.64 27.42
CA GLY B 471 -24.60 -17.63 27.12
C GLY B 471 -25.43 -18.51 28.03
N THR B 472 -26.29 -19.33 27.43
CA THR B 472 -27.22 -20.16 28.19
C THR B 472 -26.77 -21.62 28.32
N SER B 473 -25.99 -22.10 27.37
CA SER B 473 -25.39 -23.41 27.49
C SER B 473 -24.06 -23.40 26.74
N SER B 474 -23.13 -24.24 27.19
CA SER B 474 -21.79 -24.24 26.61
C SER B 474 -21.29 -25.66 26.50
N GLN B 475 -20.55 -25.98 25.43
CA GLN B 475 -20.09 -27.35 25.26
C GLN B 475 -18.90 -27.49 24.31
N VAL B 476 -18.20 -28.62 24.45
CA VAL B 476 -17.28 -29.11 23.42
C VAL B 476 -17.98 -30.28 22.75
N ARG B 477 -18.09 -30.22 21.43
CA ARG B 477 -18.67 -31.30 20.63
C ARG B 477 -17.54 -32.00 19.89
N LEU B 478 -17.28 -33.26 20.23
CA LEU B 478 -16.34 -34.06 19.46
C LEU B 478 -17.11 -34.81 18.41
N PHE B 479 -16.63 -34.82 17.16
CA PHE B 479 -17.40 -35.49 16.12
C PHE B 479 -16.53 -36.05 15.01
N THR B 480 -17.06 -37.02 14.28
CA THR B 480 -16.29 -37.70 13.25
C THR B 480 -17.04 -37.72 11.91
N SER B 481 -16.33 -38.15 10.86
CA SER B 481 -16.82 -38.05 9.48
C SER B 481 -18.07 -38.89 9.20
N ASP B 482 -18.29 -39.92 10.02
CA ASP B 482 -19.49 -40.76 9.89
C ASP B 482 -20.74 -40.15 10.51
N GLY B 483 -20.59 -38.98 11.12
CA GLY B 483 -21.72 -38.30 11.75
C GLY B 483 -21.88 -38.55 13.25
N THR B 484 -21.01 -39.37 13.83
CA THR B 484 -21.06 -39.62 15.26
C THR B 484 -20.65 -38.35 16.01
N SER B 485 -21.41 -37.99 17.04
CA SER B 485 -21.16 -36.78 17.81
C SER B 485 -21.30 -37.10 19.31
N ARG B 486 -20.39 -36.58 20.13
CA ARG B 486 -20.50 -36.72 21.60
C ARG B 486 -20.10 -35.40 22.22
N THR B 487 -20.80 -34.99 23.27
CA THR B 487 -20.52 -33.68 23.88
C THR B 487 -20.13 -33.76 25.36
N VAL B 488 -19.27 -32.82 25.76
CA VAL B 488 -19.09 -32.46 27.16
C VAL B 488 -19.73 -31.09 27.30
N SER B 489 -20.85 -31.04 28.02
CA SER B 489 -21.66 -29.82 28.02
C SER B 489 -21.98 -29.31 29.41
N LEU B 490 -22.29 -28.03 29.50
CA LEU B 490 -22.84 -27.42 30.70
C LEU B 490 -24.30 -27.08 30.40
N THR B 491 -25.20 -27.89 30.96
CA THR B 491 -26.58 -27.96 30.56
C THR B 491 -27.43 -27.89 31.83
N ASN B 492 -28.31 -26.90 31.92
CA ASN B 492 -29.08 -26.69 33.15
C ASN B 492 -28.19 -26.58 34.40
N GLY B 493 -26.98 -26.07 34.21
CA GLY B 493 -26.11 -25.80 35.34
C GLY B 493 -25.27 -26.98 35.82
N ASN B 494 -25.32 -28.11 35.09
CA ASN B 494 -24.48 -29.27 35.41
C ASN B 494 -23.70 -29.75 34.20
N VAL B 495 -22.53 -30.33 34.44
CA VAL B 495 -21.81 -30.99 33.35
C VAL B 495 -22.56 -32.26 32.94
N ARG B 496 -22.70 -32.47 31.63
CA ARG B 496 -23.17 -33.76 31.11
C ARG B 496 -22.15 -34.33 30.14
N LEU B 497 -21.90 -35.64 30.25
CA LEU B 497 -20.95 -36.36 29.40
C LEU B 497 -21.71 -37.38 28.58
N SER B 498 -21.68 -37.24 27.25
CA SER B 498 -22.47 -38.12 26.39
C SER B 498 -21.99 -39.55 26.47
N THR B 499 -22.95 -40.47 26.64
CA THR B 499 -22.67 -41.92 26.59
C THR B 499 -23.16 -42.58 25.29
N SER B 500 -23.98 -41.85 24.53
CA SER B 500 -24.50 -42.32 23.25
C SER B 500 -25.08 -41.12 22.50
N SER B 501 -25.78 -41.37 21.40
CA SER B 501 -26.36 -40.28 20.64
C SER B 501 -27.32 -39.46 21.49
N THR B 502 -27.98 -40.12 22.44
CA THR B 502 -29.01 -39.46 23.26
C THR B 502 -28.74 -39.52 24.78
N GLY B 503 -27.91 -40.45 25.20
CA GLY B 503 -27.70 -40.69 26.63
C GLY B 503 -26.54 -39.89 27.20
N TYR B 504 -26.52 -39.73 28.52
CA TYR B 504 -25.45 -39.01 29.18
C TYR B 504 -25.30 -39.40 30.64
N LEU B 505 -24.15 -39.09 31.20
CA LEU B 505 -23.97 -39.00 32.65
C LEU B 505 -24.03 -37.52 33.05
N GLN B 506 -24.80 -37.22 34.08
CA GLN B 506 -24.95 -35.86 34.58
C GLN B 506 -24.23 -35.71 35.91
N LEU B 507 -23.31 -34.76 35.97
CA LEU B 507 -22.53 -34.55 37.19
C LEU B 507 -23.25 -33.49 38.01
N GLY B 508 -24.24 -33.93 38.79
CA GLY B 508 -24.96 -33.03 39.68
C GLY B 508 -24.14 -32.70 40.91
N ALA B 509 -24.59 -31.71 41.67
CA ALA B 509 -23.83 -31.29 42.86
C ALA B 509 -23.77 -32.39 43.93
N ASP B 510 -24.81 -33.23 43.98
CA ASP B 510 -24.89 -34.26 45.02
C ASP B 510 -24.71 -35.69 44.51
N ALA B 511 -24.89 -35.90 43.21
CA ALA B 511 -24.80 -37.23 42.65
C ALA B 511 -24.48 -37.19 41.17
N MET B 512 -23.77 -38.22 40.70
CA MET B 512 -23.60 -38.46 39.27
C MET B 512 -24.69 -39.43 38.86
N THR B 513 -25.51 -39.03 37.89
CA THR B 513 -26.68 -39.84 37.50
C THR B 513 -26.74 -40.14 36.00
N PRO B 514 -27.30 -41.30 35.65
CA PRO B 514 -27.58 -41.56 34.23
C PRO B 514 -28.81 -40.77 33.77
N ASP B 515 -28.95 -40.57 32.47
CA ASP B 515 -30.09 -39.80 31.95
C ASP B 515 -31.41 -40.50 32.17
N SER B 516 -31.35 -41.83 32.24
CA SER B 516 -32.56 -42.63 32.44
C SER B 516 -32.31 -43.73 33.46
N THR B 517 -33.37 -44.15 34.15
CA THR B 517 -33.21 -45.10 35.24
C THR B 517 -33.23 -46.56 34.77
N GLY B 518 -32.43 -47.38 35.44
CA GLY B 518 -32.44 -48.82 35.25
C GLY B 518 -31.90 -49.31 33.92
N THR B 519 -31.11 -48.48 33.24
CA THR B 519 -30.62 -48.83 31.90
C THR B 519 -29.10 -48.84 31.70
N TYR B 520 -28.37 -48.14 32.56
CA TYR B 520 -26.93 -47.93 32.36
C TYR B 520 -26.12 -48.62 33.47
N ALA B 521 -25.07 -49.36 33.08
CA ALA B 521 -24.26 -50.09 34.08
C ALA B 521 -22.91 -49.44 34.37
N LEU B 522 -22.41 -49.66 35.58
CA LEU B 522 -21.04 -49.26 35.90
C LEU B 522 -20.18 -50.51 35.90
N GLY B 523 -19.39 -50.67 34.85
CA GLY B 523 -18.55 -51.86 34.68
C GLY B 523 -19.20 -52.87 33.74
N SER B 524 -18.41 -53.86 33.34
CA SER B 524 -18.94 -54.97 32.56
C SER B 524 -18.32 -56.26 33.07
N ALA B 525 -18.84 -57.39 32.60
CA ALA B 525 -18.33 -58.68 33.02
C ALA B 525 -16.83 -58.79 32.76
N SER B 526 -16.40 -58.30 31.61
CA SER B 526 -15.00 -58.40 31.19
C SER B 526 -14.14 -57.22 31.66
N ARG B 527 -14.80 -56.14 32.08
CA ARG B 527 -14.11 -54.93 32.55
C ARG B 527 -14.77 -54.42 33.84
N ALA B 528 -14.38 -55.03 34.96
CA ALA B 528 -14.98 -54.79 36.27
C ALA B 528 -14.05 -53.91 37.11
N TRP B 529 -14.62 -53.21 38.08
CA TRP B 529 -13.82 -52.38 38.99
C TRP B 529 -12.98 -53.32 39.85
N SER B 530 -11.90 -52.81 40.44
CA SER B 530 -11.22 -53.58 41.47
C SER B 530 -12.14 -53.71 42.71
N GLY B 531 -12.89 -52.66 42.98
CA GLY B 531 -13.74 -52.54 44.14
C GLY B 531 -14.11 -51.08 44.30
N GLY B 532 -14.49 -50.68 45.52
CA GLY B 532 -14.94 -49.31 45.72
C GLY B 532 -15.23 -49.08 47.19
N PHE B 533 -15.54 -47.83 47.50
CA PHE B 533 -15.67 -47.40 48.90
C PHE B 533 -16.84 -46.45 49.06
N THR B 534 -17.74 -46.78 49.97
CA THR B 534 -18.98 -46.03 50.14
C THR B 534 -19.37 -46.00 51.61
N GLN B 535 -19.78 -44.83 52.10
CA GLN B 535 -20.07 -44.71 53.53
C GLN B 535 -21.29 -45.55 53.92
N ALA B 536 -22.33 -45.51 53.09
CA ALA B 536 -23.49 -46.38 53.24
C ALA B 536 -23.58 -47.30 52.02
N ALA B 537 -23.97 -48.55 52.24
CA ALA B 537 -24.12 -49.49 51.13
C ALA B 537 -25.03 -48.90 50.05
N PHE B 538 -24.73 -49.20 48.78
CA PHE B 538 -25.61 -48.74 47.69
C PHE B 538 -27.00 -49.30 47.90
N THR B 539 -27.99 -48.47 47.65
CA THR B 539 -29.40 -48.85 47.77
C THR B 539 -29.84 -49.62 46.53
N VAL B 540 -30.44 -50.79 46.74
CA VAL B 540 -30.91 -51.63 45.64
C VAL B 540 -32.38 -51.32 45.46
N THR B 541 -32.74 -50.73 44.33
CA THR B 541 -34.09 -50.18 44.14
C THR B 541 -35.05 -51.20 43.55
N PRO C 44 26.92 48.65 -39.55
CA PRO C 44 25.78 48.99 -38.70
C PRO C 44 25.75 48.15 -37.44
N LYS C 45 25.19 48.71 -36.37
CA LYS C 45 25.08 48.02 -35.10
C LYS C 45 23.60 47.95 -34.72
N THR C 46 23.22 46.91 -33.99
CA THR C 46 21.81 46.72 -33.60
C THR C 46 21.17 47.88 -32.83
N GLU C 47 21.96 48.62 -32.05
CA GLU C 47 21.49 49.81 -31.33
C GLU C 47 20.97 50.89 -32.28
N GLY C 48 21.43 50.84 -33.54
CA GLY C 48 21.05 51.84 -34.53
C GLY C 48 20.05 51.36 -35.58
N ILE C 49 19.39 50.24 -35.27
CA ILE C 49 18.41 49.62 -36.18
C ILE C 49 17.07 49.49 -35.47
N LEU C 50 15.97 49.67 -36.20
CA LEU C 50 14.64 49.54 -35.60
C LEU C 50 13.95 48.27 -36.06
N HIS C 51 13.26 47.63 -35.12
CA HIS C 51 12.40 46.50 -35.44
C HIS C 51 11.02 46.85 -34.89
N LYS C 52 10.02 46.87 -35.77
CA LYS C 52 8.68 47.27 -35.33
C LYS C 52 8.72 48.58 -34.54
N GLY C 53 9.57 49.52 -34.96
CA GLY C 53 9.63 50.86 -34.39
C GLY C 53 10.39 50.99 -33.08
N GLN C 54 10.97 49.89 -32.61
CA GLN C 54 11.71 49.89 -31.35
C GLN C 54 13.14 49.37 -31.57
N SER C 55 14.02 49.63 -30.61
CA SER C 55 15.43 49.23 -30.76
C SER C 55 15.62 47.73 -31.02
N LEU C 56 16.32 47.39 -32.10
CA LEU C 56 16.63 45.98 -32.34
C LEU C 56 17.55 45.45 -31.24
N TYR C 57 18.50 46.28 -30.79
CA TYR C 57 19.39 45.86 -29.70
C TYR C 57 18.58 45.43 -28.48
N GLU C 58 17.63 46.25 -28.08
CA GLU C 58 16.83 45.95 -26.91
C GLU C 58 15.96 44.71 -27.12
N TYR C 59 15.44 44.54 -28.34
CA TYR C 59 14.65 43.35 -28.65
C TYR C 59 15.49 42.08 -28.47
N LEU C 60 16.72 42.11 -28.97
CA LEU C 60 17.62 40.96 -28.88
C LEU C 60 18.14 40.72 -27.47
N ASP C 61 18.28 41.80 -26.72
CA ASP C 61 18.92 41.72 -25.41
C ASP C 61 17.91 41.39 -24.31
N ALA C 62 16.67 41.85 -24.49
CA ALA C 62 15.68 41.79 -23.40
C ALA C 62 14.45 40.95 -23.70
N ARG C 63 14.15 40.70 -24.98
CA ARG C 63 12.86 40.12 -25.33
C ARG C 63 12.94 38.70 -25.91
N VAL C 64 13.89 38.46 -26.80
CA VAL C 64 13.96 37.16 -27.43
C VAL C 64 14.49 36.13 -26.44
N LEU C 65 14.08 34.89 -26.61
CA LEU C 65 14.62 33.80 -25.81
C LEU C 65 15.94 33.34 -26.42
N THR C 66 16.93 33.08 -25.59
CA THR C 66 18.22 32.63 -26.05
C THR C 66 18.59 31.29 -25.45
N SER C 67 19.56 30.60 -26.07
CA SER C 67 20.01 29.29 -25.57
C SER C 67 20.94 29.42 -24.37
N LYS C 68 21.61 30.56 -24.25
CA LYS C 68 22.53 30.80 -23.14
C LYS C 68 22.68 32.30 -22.91
N PRO C 69 23.14 32.70 -21.71
CA PRO C 69 23.31 34.12 -21.44
C PRO C 69 24.37 34.73 -22.33
N PHE C 70 24.16 35.97 -22.76
CA PHE C 70 25.14 36.58 -23.61
C PHE C 70 26.46 36.66 -22.86
N GLY C 71 27.53 36.26 -23.54
CA GLY C 71 28.86 36.38 -22.94
C GLY C 71 29.32 35.09 -22.30
N ALA C 72 28.41 34.13 -22.14
CA ALA C 72 28.79 32.78 -21.70
C ALA C 72 29.31 31.98 -22.88
N ALA C 73 30.43 31.29 -22.69
CA ALA C 73 31.06 30.53 -23.76
C ALA C 73 30.45 29.12 -23.92
N GLY C 74 30.28 28.44 -22.81
CA GLY C 74 29.76 27.07 -22.82
C GLY C 74 30.67 26.07 -23.51
N ASP C 75 31.98 26.31 -23.42
CA ASP C 75 32.97 25.51 -24.16
C ASP C 75 33.84 24.68 -23.22
N ALA C 76 33.42 24.56 -21.97
CA ALA C 76 34.06 23.70 -20.97
C ALA C 76 35.42 24.20 -20.50
N THR C 77 35.88 25.34 -21.03
CA THR C 77 37.21 25.84 -20.68
C THR C 77 37.22 27.32 -20.24
N THR C 78 36.49 28.17 -20.97
CA THR C 78 36.35 29.57 -20.58
C THR C 78 35.63 29.67 -19.23
N ASP C 79 36.12 30.56 -18.36
CA ASP C 79 35.49 30.78 -17.05
C ASP C 79 34.19 31.58 -17.23
N ASP C 80 33.05 30.89 -17.15
CA ASP C 80 31.74 31.54 -17.30
C ASP C 80 31.12 32.00 -15.98
N THR C 81 31.88 31.96 -14.89
CA THR C 81 31.32 32.24 -13.56
C THR C 81 30.61 33.58 -13.43
N GLU C 82 31.30 34.63 -13.85
CA GLU C 82 30.78 35.98 -13.72
C GLU C 82 29.44 36.21 -14.44
N VAL C 83 29.36 35.76 -15.70
CA VAL C 83 28.15 35.91 -16.51
C VAL C 83 27.02 35.09 -15.91
N ILE C 84 27.32 33.86 -15.52
CA ILE C 84 26.30 32.99 -14.94
C ILE C 84 25.79 33.52 -13.60
N ALA C 85 26.72 33.95 -12.75
CA ALA C 85 26.34 34.50 -11.45
C ALA C 85 25.44 35.72 -11.61
N ALA C 86 25.77 36.57 -12.59
CA ALA C 86 24.96 37.75 -12.86
C ALA C 86 23.57 37.35 -13.27
N SER C 87 23.47 36.37 -14.16
CA SER C 87 22.16 35.93 -14.62
C SER C 87 21.34 35.31 -13.49
N LEU C 88 21.96 34.46 -12.69
CA LEU C 88 21.24 33.79 -11.62
C LEU C 88 20.72 34.76 -10.58
N ASN C 89 21.46 35.86 -10.39
CA ASN C 89 21.07 36.88 -9.42
C ASN C 89 20.06 37.89 -9.94
N SER C 90 19.67 37.73 -11.21
CA SER C 90 18.57 38.51 -11.76
C SER C 90 17.24 37.89 -11.34
N GLN C 91 16.14 38.57 -11.64
CA GLN C 91 14.84 38.05 -11.29
C GLN C 91 14.15 37.46 -12.52
N LYS C 92 14.94 37.26 -13.57
CA LYS C 92 14.43 36.67 -14.82
C LYS C 92 14.67 35.17 -14.85
N ALA C 93 13.86 34.47 -15.64
CA ALA C 93 14.12 33.08 -15.94
C ALA C 93 15.41 32.97 -16.76
N VAL C 94 16.35 32.15 -16.28
CA VAL C 94 17.64 31.97 -16.96
C VAL C 94 17.66 30.66 -17.73
N THR C 95 18.09 30.70 -18.98
CA THR C 95 18.32 29.49 -19.75
C THR C 95 19.81 29.27 -19.96
N ILE C 96 20.32 28.10 -19.54
CA ILE C 96 21.73 27.77 -19.74
C ILE C 96 21.76 26.42 -20.42
N SER C 97 21.88 26.43 -21.75
CA SER C 97 21.74 25.20 -22.53
C SER C 97 22.79 25.07 -23.64
N ASP C 98 22.81 23.89 -24.27
CA ASP C 98 23.64 23.66 -25.46
C ASP C 98 25.13 23.90 -25.18
N GLY C 99 25.63 23.37 -24.08
CA GLY C 99 27.06 23.50 -23.81
C GLY C 99 27.43 23.08 -22.40
N VAL C 100 28.73 23.09 -22.13
CA VAL C 100 29.29 22.74 -20.83
C VAL C 100 29.88 24.03 -20.28
N PHE C 101 29.33 24.51 -19.16
CA PHE C 101 29.65 25.83 -18.67
C PHE C 101 30.53 25.76 -17.44
N SER C 102 31.82 26.02 -17.64
CA SER C 102 32.79 25.97 -16.55
C SER C 102 32.58 27.16 -15.63
N SER C 103 32.32 26.88 -14.36
CA SER C 103 31.95 27.93 -13.43
C SER C 103 32.31 27.54 -12.00
N SER C 104 32.86 28.49 -11.25
CA SER C 104 33.23 28.26 -9.86
C SER C 104 31.99 28.40 -8.98
N GLY C 105 32.19 28.40 -7.66
CA GLY C 105 31.09 28.59 -6.72
C GLY C 105 30.28 29.85 -7.01
N ILE C 106 28.96 29.74 -6.85
CA ILE C 106 28.02 30.85 -7.04
C ILE C 106 26.98 30.91 -5.93
N ASN C 107 26.79 32.10 -5.36
CA ASN C 107 25.69 32.39 -4.44
C ASN C 107 24.63 33.22 -5.15
N SER C 108 23.37 32.83 -4.99
CA SER C 108 22.27 33.66 -5.49
C SER C 108 21.05 33.68 -4.57
N ASN C 109 20.33 34.80 -4.57
CA ASN C 109 19.10 34.90 -3.79
C ASN C 109 17.89 34.48 -4.63
N TYR C 110 18.14 34.17 -5.90
CA TYR C 110 17.07 33.77 -6.80
C TYR C 110 17.43 32.45 -7.49
N CYS C 111 16.42 31.61 -7.72
CA CYS C 111 16.61 30.31 -8.33
C CYS C 111 15.56 30.11 -9.43
N ASN C 112 15.93 30.45 -10.67
CA ASN C 112 15.05 30.15 -11.82
C ASN C 112 15.92 29.89 -13.04
N LEU C 113 16.22 28.61 -13.25
CA LEU C 113 17.24 28.18 -14.18
C LEU C 113 16.74 26.95 -14.90
N ASP C 114 16.89 26.94 -16.22
CA ASP C 114 16.50 25.80 -17.05
C ASP C 114 17.61 25.46 -18.04
N GLY C 115 17.91 24.19 -18.19
CA GLY C 115 18.98 23.76 -19.07
C GLY C 115 18.55 23.15 -20.40
N ARG C 116 17.23 23.09 -20.63
CA ARG C 116 16.65 22.51 -21.86
C ARG C 116 17.19 21.10 -22.16
N GLY C 117 17.65 20.39 -21.14
CA GLY C 117 18.19 19.04 -21.32
C GLY C 117 19.56 18.95 -21.98
N SER C 118 20.16 20.10 -22.31
CA SER C 118 21.49 20.11 -22.94
C SER C 118 22.55 20.94 -22.21
N GLY C 119 22.15 21.72 -21.20
CA GLY C 119 23.09 22.51 -20.41
C GLY C 119 23.78 21.65 -19.37
N VAL C 120 25.09 21.84 -19.23
CA VAL C 120 25.85 21.20 -18.16
C VAL C 120 26.59 22.28 -17.37
N LEU C 121 26.31 22.37 -16.07
CA LEU C 121 27.07 23.27 -15.21
C LEU C 121 28.22 22.47 -14.61
N SER C 122 29.43 22.81 -15.01
CA SER C 122 30.58 22.02 -14.63
C SER C 122 31.46 22.79 -13.64
N HIS C 123 31.52 22.31 -12.40
CA HIS C 123 32.22 23.00 -11.33
C HIS C 123 33.71 23.14 -11.66
N ARG C 124 34.15 24.39 -11.73
CA ARG C 124 35.50 24.76 -12.16
C ARG C 124 36.51 24.61 -11.03
N SER C 125 35.99 24.61 -9.81
CA SER C 125 36.81 24.50 -8.61
C SER C 125 36.90 23.04 -8.21
N SER C 126 38.00 22.66 -7.56
CA SER C 126 38.19 21.26 -7.19
C SER C 126 37.82 21.05 -5.73
N THR C 127 37.34 22.12 -5.08
CA THR C 127 36.91 22.05 -3.68
C THR C 127 35.71 22.97 -3.41
N GLY C 128 35.02 22.72 -2.30
CA GLY C 128 33.99 23.63 -1.84
C GLY C 128 32.62 23.39 -2.46
N ASN C 129 31.65 24.14 -1.95
CA ASN C 129 30.30 24.09 -2.50
C ASN C 129 30.26 24.71 -3.89
N TYR C 130 29.25 24.30 -4.68
CA TYR C 130 29.10 24.81 -6.04
C TYR C 130 28.00 25.87 -6.10
N LEU C 131 26.75 25.45 -6.30
CA LEU C 131 25.63 26.38 -6.38
C LEU C 131 24.93 26.50 -5.03
N VAL C 132 24.82 27.71 -4.51
CA VAL C 132 24.15 27.94 -3.25
C VAL C 132 23.06 28.98 -3.41
N PHE C 133 21.82 28.58 -3.15
CA PHE C 133 20.69 29.51 -3.24
C PHE C 133 20.24 29.91 -1.85
N ASN C 134 20.29 31.20 -1.56
CA ASN C 134 20.03 31.67 -0.21
C ASN C 134 18.59 32.12 -0.06
N ASN C 135 17.83 31.33 0.71
CA ASN C 135 16.44 31.67 1.02
C ASN C 135 15.58 32.10 -0.17
N PRO C 136 15.62 31.31 -1.26
CA PRO C 136 14.78 31.65 -2.40
C PRO C 136 13.30 31.56 -2.04
N ARG C 137 12.53 32.55 -2.46
CA ARG C 137 11.11 32.57 -2.23
C ARG C 137 10.45 32.23 -3.55
N THR C 138 10.05 30.99 -3.67
CA THR C 138 9.72 30.39 -4.93
C THR C 138 10.96 30.21 -5.79
N GLY C 139 10.87 29.28 -6.70
CA GLY C 139 11.94 29.07 -7.64
C GLY C 139 11.77 27.79 -8.43
N ARG C 140 12.63 27.63 -9.42
CA ARG C 140 12.58 26.49 -10.30
C ARG C 140 13.98 26.21 -10.83
N LEU C 141 14.47 24.99 -10.65
CA LEU C 141 15.74 24.57 -11.22
C LEU C 141 15.44 23.30 -12.00
N SER C 142 15.61 23.33 -13.32
CA SER C 142 15.03 22.26 -14.15
C SER C 142 15.83 21.88 -15.40
N ASN C 143 15.68 20.61 -15.79
CA ASN C 143 16.19 20.15 -17.08
C ASN C 143 17.65 20.48 -17.31
N ILE C 144 18.50 20.14 -16.36
CA ILE C 144 19.91 20.51 -16.45
C ILE C 144 20.76 19.45 -15.77
N THR C 145 22.06 19.41 -16.12
CA THR C 145 23.04 18.53 -15.48
C THR C 145 24.00 19.36 -14.65
N VAL C 146 24.27 18.92 -13.42
CA VAL C 146 25.27 19.56 -12.56
C VAL C 146 26.41 18.57 -12.34
N GLU C 147 27.62 18.95 -12.74
CA GLU C 147 28.79 18.04 -12.73
C GLU C 147 29.83 18.55 -11.74
N SER C 148 30.33 17.67 -10.87
CA SER C 148 31.40 18.04 -9.94
C SER C 148 32.76 17.73 -10.53
N ASN C 149 33.80 18.36 -9.97
CA ASN C 149 35.17 18.05 -10.37
C ASN C 149 36.09 18.08 -9.15
N LYS C 150 35.70 17.36 -8.11
CA LYS C 150 36.41 17.36 -6.83
C LYS C 150 37.81 16.76 -6.95
N ALA C 151 38.76 17.34 -6.21
CA ALA C 151 40.17 16.92 -6.23
C ALA C 151 40.41 15.49 -5.75
N THR C 152 39.71 15.09 -4.68
CA THR C 152 39.92 13.78 -4.08
C THR C 152 38.62 13.13 -3.68
N ASP C 153 38.68 11.85 -3.30
CA ASP C 153 37.50 11.12 -2.86
C ASP C 153 37.07 11.49 -1.43
N THR C 154 37.79 12.39 -0.77
CA THR C 154 37.35 12.89 0.53
C THR C 154 37.08 14.40 0.53
N THR C 155 37.03 15.00 -0.65
CA THR C 155 36.75 16.42 -0.77
C THR C 155 35.31 16.74 -0.35
N GLN C 156 35.15 17.69 0.58
CA GLN C 156 33.84 18.12 1.04
C GLN C 156 33.19 19.13 0.10
N GLY C 157 31.89 19.01 -0.10
CA GLY C 157 31.16 20.03 -0.85
C GLY C 157 29.81 19.52 -1.34
N GLN C 158 28.84 20.43 -1.33
CA GLN C 158 27.48 20.13 -1.83
C GLN C 158 27.40 20.61 -3.26
N GLN C 159 26.67 19.90 -4.10
CA GLN C 159 26.53 20.35 -5.49
C GLN C 159 25.52 21.50 -5.60
N VAL C 160 24.29 21.26 -5.14
CA VAL C 160 23.28 22.32 -5.06
C VAL C 160 22.74 22.42 -3.64
N SER C 161 22.77 23.61 -3.08
CA SER C 161 22.24 23.88 -1.74
C SER C 161 21.06 24.85 -1.78
N LEU C 162 19.94 24.45 -1.19
CA LEU C 162 18.90 25.41 -0.86
C LEU C 162 19.11 25.78 0.61
N ALA C 163 19.81 26.90 0.82
CA ALA C 163 20.11 27.39 2.16
C ALA C 163 18.88 28.15 2.65
N GLY C 164 17.92 27.40 3.18
CA GLY C 164 16.56 27.89 3.34
C GLY C 164 15.88 27.90 1.98
N GLY C 165 14.56 27.96 1.99
CA GLY C 165 13.79 28.11 0.76
C GLY C 165 12.35 27.75 0.95
N SER C 166 11.48 28.38 0.17
CA SER C 166 10.08 28.00 0.15
C SER C 166 9.59 27.85 -1.28
N ASP C 167 8.76 26.84 -1.52
CA ASP C 167 8.12 26.66 -2.81
C ASP C 167 9.11 26.63 -4.00
N VAL C 168 10.24 25.97 -3.79
CA VAL C 168 11.20 25.77 -4.87
C VAL C 168 10.97 24.39 -5.48
N THR C 169 10.94 24.33 -6.81
CA THR C 169 10.82 23.07 -7.51
C THR C 169 12.12 22.75 -8.24
N VAL C 170 12.69 21.59 -7.92
CA VAL C 170 13.87 21.11 -8.61
C VAL C 170 13.42 19.88 -9.37
N SER C 171 13.50 19.93 -10.70
CA SER C 171 12.86 18.89 -11.50
C SER C 171 13.73 18.50 -12.70
N ASP C 172 13.88 17.20 -12.89
CA ASP C 172 14.62 16.67 -14.02
C ASP C 172 16.06 17.15 -14.07
N VAL C 173 16.74 16.98 -12.95
CA VAL C 173 18.14 17.37 -12.83
C VAL C 173 18.98 16.13 -12.67
N ASN C 174 20.09 16.09 -13.40
CA ASN C 174 21.05 15.00 -13.36
C ASN C 174 22.32 15.47 -12.68
N PHE C 175 22.71 14.77 -11.62
CA PHE C 175 23.95 15.09 -10.88
C PHE C 175 25.02 14.09 -11.27
N SER C 176 26.14 14.57 -11.80
CA SER C 176 27.16 13.68 -12.33
C SER C 176 28.54 13.90 -11.70
N ASN C 177 29.38 12.87 -11.79
CA ASN C 177 30.73 12.89 -11.24
C ASN C 177 30.73 13.25 -9.76
N VAL C 178 29.75 12.71 -9.03
CA VAL C 178 29.58 13.01 -7.61
C VAL C 178 30.62 12.22 -6.82
N LYS C 179 31.31 12.90 -5.91
CA LYS C 179 32.39 12.30 -5.12
C LYS C 179 32.49 12.90 -3.71
N GLY C 180 33.36 12.31 -2.90
CA GLY C 180 33.69 12.90 -1.59
C GLY C 180 32.55 12.94 -0.60
N THR C 181 32.63 13.90 0.32
CA THR C 181 31.62 14.05 1.36
C THR C 181 30.70 15.22 1.02
N GLY C 182 29.43 15.10 1.40
CA GLY C 182 28.43 16.09 1.03
C GLY C 182 27.35 15.43 0.19
N PHE C 183 26.50 16.27 -0.40
CA PHE C 183 25.27 15.83 -1.04
C PHE C 183 25.12 16.45 -2.41
N SER C 184 24.44 15.76 -3.32
CA SER C 184 24.11 16.33 -4.61
C SER C 184 23.12 17.47 -4.45
N LEU C 185 22.04 17.24 -3.71
CA LEU C 185 21.03 18.28 -3.48
C LEU C 185 20.69 18.30 -2.00
N ILE C 186 20.90 19.45 -1.35
CA ILE C 186 20.62 19.57 0.09
C ILE C 186 19.76 20.80 0.36
N ALA C 187 18.73 20.62 1.16
CA ALA C 187 17.90 21.71 1.62
C ALA C 187 17.97 21.73 3.14
N TYR C 188 18.19 22.91 3.71
CA TYR C 188 18.31 23.03 5.17
C TYR C 188 17.76 24.36 5.68
N PRO C 189 17.48 24.43 6.99
CA PRO C 189 16.99 25.70 7.55
C PRO C 189 18.04 26.82 7.57
N ASN C 190 17.60 28.03 7.25
CA ASN C 190 18.48 29.19 7.24
C ASN C 190 17.77 30.51 7.59
N ASP C 191 17.08 30.60 8.71
CA ASP C 191 17.01 29.61 9.77
C ASP C 191 15.61 28.99 9.92
N ALA C 192 14.71 29.39 9.05
CA ALA C 192 13.37 28.76 8.96
C ALA C 192 13.45 27.45 8.18
N PRO C 193 12.62 26.47 8.56
CA PRO C 193 12.57 25.20 7.82
C PRO C 193 12.24 25.40 6.33
N PRO C 194 12.90 24.61 5.45
CA PRO C 194 12.43 24.57 4.06
C PRO C 194 10.97 24.11 4.02
N ASP C 195 10.14 24.70 3.16
CA ASP C 195 8.69 24.48 3.19
C ASP C 195 8.15 24.44 1.76
N GLY C 196 7.41 23.40 1.42
CA GLY C 196 6.74 23.33 0.13
C GLY C 196 7.63 23.05 -1.07
N LEU C 197 8.76 22.40 -0.82
CA LEU C 197 9.64 22.03 -1.92
C LEU C 197 9.04 20.89 -2.74
N MET C 198 9.37 20.89 -4.03
CA MET C 198 9.07 19.74 -4.89
C MET C 198 10.36 19.36 -5.58
N ILE C 199 10.86 18.18 -5.24
CA ILE C 199 12.10 17.66 -5.79
C ILE C 199 11.69 16.42 -6.56
N LYS C 200 11.78 16.46 -7.89
CA LYS C 200 11.23 15.38 -8.72
C LYS C 200 12.09 15.06 -9.93
N GLY C 201 12.25 13.78 -10.23
CA GLY C 201 13.05 13.40 -11.39
C GLY C 201 14.51 13.72 -11.24
N ILE C 202 15.13 13.13 -10.21
CA ILE C 202 16.52 13.40 -9.92
C ILE C 202 17.33 12.16 -10.20
N ARG C 203 18.42 12.30 -10.95
CA ARG C 203 19.41 11.22 -11.10
C ARG C 203 20.69 11.65 -10.42
N GLY C 204 21.35 10.71 -9.75
CA GLY C 204 22.67 10.99 -9.19
C GLY C 204 23.56 9.77 -9.39
N SER C 205 24.83 10.01 -9.72
CA SER C 205 25.79 8.95 -9.92
C SER C 205 27.06 9.23 -9.13
N TYR C 206 27.26 8.45 -8.06
CA TYR C 206 28.38 8.64 -7.15
C TYR C 206 29.52 7.68 -7.50
N SER C 207 30.76 8.08 -7.20
CA SER C 207 31.88 7.15 -7.28
C SER C 207 32.84 7.36 -6.11
N GLY C 208 33.57 6.30 -5.76
CA GLY C 208 34.42 6.31 -4.58
C GLY C 208 33.66 5.85 -3.35
N TYR C 209 32.76 4.89 -3.54
CA TYR C 209 31.99 4.35 -2.43
C TYR C 209 32.92 3.83 -1.34
N ALA C 210 32.59 4.14 -0.09
CA ALA C 210 33.18 3.48 1.07
C ALA C 210 32.14 3.39 2.17
N THR C 211 32.13 2.28 2.89
CA THR C 211 31.18 2.09 3.98
C THR C 211 31.23 3.26 4.96
N ASN C 212 30.05 3.79 5.27
CA ASN C 212 29.87 4.86 6.26
C ASN C 212 30.35 6.24 5.81
N LYS C 213 30.79 6.36 4.56
CA LYS C 213 31.23 7.66 4.04
C LYS C 213 30.05 8.63 4.05
N ALA C 214 30.32 9.86 4.48
CA ALA C 214 29.29 10.86 4.73
C ALA C 214 28.82 11.58 3.46
N ALA C 215 28.11 10.86 2.61
CA ALA C 215 27.56 11.44 1.38
C ALA C 215 26.21 10.80 1.05
N GLY C 216 25.42 11.51 0.25
CA GLY C 216 24.11 11.04 -0.17
C GLY C 216 23.70 11.85 -1.38
N CYS C 217 22.56 11.48 -1.96
CA CYS C 217 22.07 12.15 -3.15
C CYS C 217 21.21 13.35 -2.76
N VAL C 218 20.01 13.10 -2.26
CA VAL C 218 19.12 14.18 -1.81
C VAL C 218 19.02 14.18 -0.29
N LEU C 219 19.22 15.34 0.33
CA LEU C 219 19.01 15.52 1.77
C LEU C 219 18.02 16.64 2.01
N ALA C 220 16.90 16.30 2.65
CA ALA C 220 15.97 17.31 3.14
C ALA C 220 16.15 17.39 4.64
N ASP C 221 16.86 18.42 5.10
CA ASP C 221 17.12 18.62 6.52
C ASP C 221 16.04 19.51 7.11
N SER C 222 15.17 18.92 7.93
CA SER C 222 14.17 19.65 8.69
C SER C 222 13.12 20.35 7.80
N SER C 223 12.90 19.80 6.62
CA SER C 223 11.88 20.36 5.73
C SER C 223 10.47 19.98 6.21
N VAL C 224 9.50 20.80 5.86
CA VAL C 224 8.09 20.45 6.06
C VAL C 224 7.28 20.60 4.78
N ASN C 225 6.16 19.87 4.70
CA ASN C 225 5.22 19.96 3.58
C ASN C 225 5.91 19.90 2.22
N SER C 226 6.86 18.97 2.06
CA SER C 226 7.63 18.84 0.81
C SER C 226 7.48 17.46 0.17
N LEU C 227 7.64 17.44 -1.16
CA LEU C 227 7.51 16.24 -1.96
C LEU C 227 8.85 15.89 -2.60
N ILE C 228 9.25 14.64 -2.48
CA ILE C 228 10.46 14.15 -3.15
C ILE C 228 10.04 12.90 -3.92
N ASP C 229 10.09 12.96 -5.25
CA ASP C 229 9.43 11.94 -6.09
C ASP C 229 10.34 11.58 -7.26
N ASN C 230 10.43 10.28 -7.57
CA ASN C 230 11.13 9.83 -8.78
C ASN C 230 12.62 10.14 -8.75
N VAL C 231 13.34 9.41 -7.91
CA VAL C 231 14.78 9.59 -7.76
C VAL C 231 15.49 8.30 -8.14
N ILE C 232 16.57 8.41 -8.91
CA ILE C 232 17.40 7.23 -9.25
C ILE C 232 18.84 7.55 -8.87
N ALA C 233 19.33 6.87 -7.83
CA ALA C 233 20.64 7.17 -7.27
C ALA C 233 21.55 5.93 -7.35
N LYS C 234 22.79 6.11 -7.78
CA LYS C 234 23.71 4.98 -7.94
C LYS C 234 24.97 5.11 -7.10
N ASN C 235 25.23 4.10 -6.29
CA ASN C 235 26.50 3.93 -5.57
C ASN C 235 26.80 4.91 -4.43
N TYR C 236 25.76 5.55 -3.90
CA TYR C 236 25.94 6.46 -2.77
C TYR C 236 26.13 5.70 -1.45
N PRO C 237 26.96 6.25 -0.55
CA PRO C 237 27.25 5.58 0.71
C PRO C 237 26.23 5.86 1.83
N GLN C 238 26.67 6.39 2.96
CA GLN C 238 25.88 6.32 4.18
C GLN C 238 24.47 6.86 4.03
N PHE C 239 24.32 8.03 3.42
CA PHE C 239 23.00 8.66 3.41
C PHE C 239 22.16 8.33 2.18
N GLY C 240 22.70 7.46 1.33
CA GLY C 240 21.94 6.83 0.24
C GLY C 240 21.28 7.74 -0.77
N ALA C 241 20.08 7.37 -1.22
CA ALA C 241 19.38 8.13 -2.26
C ALA C 241 18.64 9.34 -1.71
N VAL C 242 17.91 9.13 -0.61
CA VAL C 242 17.15 10.21 0.03
C VAL C 242 17.32 10.10 1.53
N GLU C 243 17.80 11.19 2.14
CA GLU C 243 17.85 11.30 3.59
C GLU C 243 16.88 12.37 4.04
N LEU C 244 16.04 12.05 5.03
CA LEU C 244 15.31 13.08 5.78
C LEU C 244 16.05 13.25 7.10
N LYS C 245 16.19 14.48 7.56
CA LYS C 245 17.01 14.71 8.75
C LYS C 245 16.36 15.64 9.76
N GLY C 246 16.72 15.46 11.02
CA GLY C 246 16.28 16.38 12.05
C GLY C 246 14.77 16.41 12.24
N THR C 247 14.21 17.61 12.28
CA THR C 247 12.79 17.75 12.57
C THR C 247 11.92 17.63 11.33
N ALA C 248 12.46 17.03 10.27
CA ALA C 248 11.68 16.85 9.04
C ALA C 248 10.35 16.17 9.34
N SER C 249 9.25 16.77 8.87
CA SER C 249 7.92 16.22 9.11
C SER C 249 6.95 16.64 8.01
N TYR C 250 5.92 15.82 7.78
CA TYR C 250 4.88 16.13 6.79
C TYR C 250 5.44 16.18 5.37
N ASN C 251 6.47 15.37 5.10
CA ASN C 251 6.96 15.18 3.73
C ASN C 251 6.46 13.86 3.15
N ILE C 252 6.42 13.80 1.82
CA ILE C 252 6.18 12.54 1.11
C ILE C 252 7.42 12.25 0.26
N VAL C 253 8.00 11.06 0.44
CA VAL C 253 9.10 10.55 -0.36
C VAL C 253 8.55 9.36 -1.14
N SER C 254 8.66 9.41 -2.47
CA SER C 254 8.02 8.38 -3.31
C SER C 254 8.84 8.02 -4.54
N ASN C 255 8.76 6.75 -4.92
CA ASN C 255 9.39 6.25 -6.14
C ASN C 255 10.87 6.50 -6.15
N VAL C 256 11.56 5.85 -5.21
CA VAL C 256 13.00 6.02 -5.06
C VAL C 256 13.71 4.73 -5.42
N ILE C 257 14.61 4.80 -6.40
CA ILE C 257 15.46 3.65 -6.76
C ILE C 257 16.89 3.95 -6.31
N GLY C 258 17.46 3.04 -5.50
CA GLY C 258 18.88 3.11 -5.15
C GLY C 258 19.55 1.83 -5.60
N ALA C 259 20.62 1.97 -6.38
CA ALA C 259 21.38 0.80 -6.84
C ALA C 259 22.76 0.85 -6.21
N ASP C 260 23.16 -0.25 -5.57
CA ASP C 260 24.49 -0.39 -4.96
C ASP C 260 24.79 0.72 -3.94
N CYS C 261 23.76 1.17 -3.25
CA CYS C 261 23.91 2.19 -2.19
C CYS C 261 24.09 1.50 -0.85
N GLN C 262 24.60 2.21 0.15
CA GLN C 262 24.70 1.60 1.49
C GLN C 262 23.29 1.41 2.07
N HIS C 263 22.51 2.49 2.04
CA HIS C 263 21.10 2.50 2.41
C HIS C 263 20.38 3.20 1.26
N VAL C 264 19.09 2.91 1.04
CA VAL C 264 18.37 3.64 -0.01
C VAL C 264 17.66 4.90 0.53
N THR C 265 16.79 4.72 1.53
CA THR C 265 16.28 5.86 2.28
C THR C 265 16.78 5.81 3.72
N TYR C 266 17.04 6.99 4.27
CA TYR C 266 17.66 7.09 5.58
C TYR C 266 17.06 8.25 6.37
N ASN C 267 16.66 7.97 7.61
CA ASN C 267 16.14 9.02 8.50
C ASN C 267 17.13 9.22 9.63
N GLY C 268 17.76 10.39 9.68
CA GLY C 268 18.80 10.66 10.67
C GLY C 268 18.57 11.92 11.47
N THR C 269 19.37 12.09 12.51
CA THR C 269 19.32 13.33 13.27
C THR C 269 20.61 13.58 14.03
N GLU C 270 20.88 14.87 14.28
CA GLU C 270 21.98 15.29 15.16
C GLU C 270 21.42 15.94 16.42
N GLY C 271 20.10 16.05 16.50
CA GLY C 271 19.42 16.68 17.63
C GLY C 271 18.51 15.74 18.41
N PRO C 272 17.71 16.32 19.33
CA PRO C 272 16.87 15.51 20.20
C PRO C 272 15.66 14.90 19.50
N ILE C 273 15.27 15.47 18.34
CA ILE C 273 14.07 15.06 17.60
C ILE C 273 14.51 14.56 16.24
N ALA C 274 13.90 13.46 15.79
CA ALA C 274 14.22 12.84 14.50
C ALA C 274 13.02 12.88 13.55
N PRO C 275 13.24 12.58 12.26
CA PRO C 275 12.12 12.66 11.30
C PRO C 275 10.91 11.87 11.76
N SER C 276 9.75 12.52 11.70
CA SER C 276 8.49 11.98 12.22
C SER C 276 7.36 12.47 11.32
N ASN C 277 6.25 11.71 11.27
CA ASN C 277 5.10 12.11 10.46
C ASN C 277 5.46 12.30 8.98
N ASN C 278 6.30 11.41 8.44
CA ASN C 278 6.58 11.37 7.00
C ASN C 278 6.03 10.13 6.35
N LEU C 279 5.69 10.26 5.06
CA LEU C 279 5.25 9.12 4.27
C LEU C 279 6.35 8.78 3.29
N ILE C 280 6.80 7.53 3.31
CA ILE C 280 7.87 7.07 2.42
C ILE C 280 7.29 5.88 1.68
N LYS C 281 7.07 5.99 0.37
CA LYS C 281 6.32 4.98 -0.35
C LYS C 281 6.90 4.61 -1.72
N GLY C 282 7.16 3.32 -1.93
CA GLY C 282 7.69 2.87 -3.22
C GLY C 282 9.19 3.02 -3.24
N VAL C 283 9.88 2.15 -2.49
CA VAL C 283 11.34 2.12 -2.44
C VAL C 283 11.85 0.86 -3.11
N MET C 284 12.72 1.04 -4.10
CA MET C 284 13.34 -0.06 -4.82
C MET C 284 14.82 -0.10 -4.44
N ALA C 285 15.24 -1.17 -3.77
CA ALA C 285 16.62 -1.30 -3.32
C ALA C 285 17.31 -2.37 -4.12
N ASN C 286 18.01 -1.95 -5.16
CA ASN C 286 18.77 -2.85 -5.99
C ASN C 286 20.14 -3.10 -5.34
N ASN C 287 20.23 -4.18 -4.57
CA ASN C 287 21.49 -4.62 -3.99
C ASN C 287 22.20 -3.58 -3.12
N PRO C 288 21.51 -3.13 -2.06
CA PRO C 288 22.18 -2.21 -1.16
C PRO C 288 23.23 -2.99 -0.37
N LYS C 289 24.07 -2.27 0.38
CA LYS C 289 25.12 -2.93 1.15
C LYS C 289 24.74 -3.15 2.61
N TYR C 290 23.71 -2.47 3.10
CA TYR C 290 23.28 -2.64 4.49
C TYR C 290 21.77 -2.77 4.70
N ALA C 291 21.01 -1.81 4.19
CA ALA C 291 19.54 -1.84 4.37
C ALA C 291 18.84 -1.09 3.26
N ALA C 292 17.60 -1.49 2.96
CA ALA C 292 16.80 -0.70 2.05
C ALA C 292 16.41 0.61 2.72
N VAL C 293 15.87 0.50 3.94
CA VAL C 293 15.31 1.66 4.63
C VAL C 293 15.74 1.71 6.08
N VAL C 294 16.27 2.85 6.49
CA VAL C 294 16.59 3.12 7.88
C VAL C 294 15.52 4.10 8.36
N ALA C 295 14.57 3.59 9.15
CA ALA C 295 13.41 4.37 9.57
C ALA C 295 13.78 5.41 10.62
N GLY C 296 14.86 5.16 11.36
CA GLY C 296 15.39 6.16 12.30
C GLY C 296 14.76 6.15 13.68
N LYS C 297 15.08 7.19 14.45
CA LYS C 297 14.72 7.30 15.85
C LYS C 297 13.38 8.02 16.06
N GLY C 298 12.79 8.53 14.98
CA GLY C 298 11.56 9.31 15.07
C GLY C 298 10.33 8.46 15.16
N SER C 299 9.17 9.11 15.04
CA SER C 299 7.89 8.45 15.27
C SER C 299 6.83 8.73 14.21
N THR C 300 5.85 7.85 14.17
CA THR C 300 4.67 7.99 13.32
C THR C 300 5.01 8.29 11.87
N ASN C 301 6.03 7.60 11.36
CA ASN C 301 6.27 7.55 9.92
C ASN C 301 5.53 6.37 9.31
N LEU C 302 5.02 6.56 8.10
CA LEU C 302 4.36 5.48 7.34
C LEU C 302 5.24 5.16 6.15
N ILE C 303 5.85 3.97 6.17
CA ILE C 303 6.74 3.50 5.11
C ILE C 303 6.00 2.35 4.43
N SER C 304 5.90 2.39 3.12
CA SER C 304 5.00 1.48 2.42
C SER C 304 5.58 1.07 1.06
N ASP C 305 5.63 -0.25 0.85
CA ASP C 305 6.02 -0.88 -0.41
C ASP C 305 7.52 -0.75 -0.66
N VAL C 306 8.26 -1.69 -0.08
CA VAL C 306 9.72 -1.68 -0.13
C VAL C 306 10.17 -3.00 -0.74
N LEU C 307 10.87 -2.93 -1.88
CA LEU C 307 11.36 -4.13 -2.55
C LEU C 307 12.87 -4.12 -2.48
N VAL C 308 13.45 -5.18 -1.93
CA VAL C 308 14.90 -5.23 -1.82
C VAL C 308 15.47 -6.58 -2.26
N ASP C 309 16.51 -6.52 -3.09
CA ASP C 309 17.22 -7.73 -3.55
C ASP C 309 18.67 -7.64 -3.12
N TYR C 310 19.19 -8.75 -2.60
CA TYR C 310 20.60 -8.89 -2.23
C TYR C 310 21.37 -9.87 -3.11
N SER C 311 20.76 -10.37 -4.17
CA SER C 311 21.34 -11.50 -4.92
C SER C 311 22.77 -11.31 -5.42
N THR C 312 23.18 -10.07 -5.70
CA THR C 312 24.53 -9.81 -6.22
C THR C 312 25.32 -8.84 -5.33
N SER C 313 24.87 -8.68 -4.09
CA SER C 313 25.45 -7.66 -3.20
C SER C 313 26.62 -8.21 -2.39
N ASP C 314 27.57 -7.34 -2.06
CA ASP C 314 28.64 -7.73 -1.12
C ASP C 314 28.29 -7.45 0.36
N ALA C 315 27.01 -7.17 0.65
CA ALA C 315 26.57 -7.00 2.03
C ALA C 315 26.97 -8.20 2.89
N ARG C 316 27.47 -7.94 4.10
CA ARG C 316 27.73 -9.00 5.08
C ARG C 316 26.60 -9.12 6.10
N GLN C 317 25.89 -8.03 6.36
CA GLN C 317 24.74 -8.04 7.25
C GLN C 317 23.56 -7.41 6.54
N ALA C 318 22.83 -8.22 5.78
CA ALA C 318 21.76 -7.74 4.92
C ALA C 318 20.48 -7.45 5.73
N HIS C 319 19.93 -6.25 5.56
CA HIS C 319 18.68 -5.85 6.24
C HIS C 319 17.61 -5.37 5.28
N GLY C 320 16.35 -5.61 5.65
CA GLY C 320 15.23 -5.02 4.93
C GLY C 320 15.02 -3.60 5.40
N VAL C 321 14.38 -3.47 6.57
CA VAL C 321 14.17 -2.16 7.19
C VAL C 321 14.66 -2.24 8.63
N THR C 322 15.25 -1.15 9.13
CA THR C 322 15.54 -1.06 10.55
C THR C 322 14.74 0.09 11.12
N VAL C 323 14.43 -0.01 12.41
CA VAL C 323 13.71 1.06 13.07
C VAL C 323 14.15 1.18 14.53
N GLU C 324 14.38 2.42 14.96
CA GLU C 324 14.86 2.70 16.33
C GLU C 324 13.82 3.45 17.19
N GLY C 325 12.86 4.12 16.53
CA GLY C 325 11.88 4.97 17.20
C GLY C 325 10.58 4.25 17.54
N SER C 326 9.49 5.00 17.54
CA SER C 326 8.21 4.47 18.00
C SER C 326 7.04 4.74 17.06
N ASP C 327 6.07 3.84 17.07
CA ASP C 327 4.79 4.06 16.41
C ASP C 327 4.93 4.29 14.91
N ASN C 328 5.94 3.64 14.32
CA ASN C 328 6.10 3.64 12.87
C ASN C 328 5.43 2.44 12.23
N VAL C 329 4.99 2.63 10.99
CA VAL C 329 4.36 1.58 10.20
C VAL C 329 5.27 1.25 9.03
N ILE C 330 5.60 -0.03 8.88
CA ILE C 330 6.50 -0.49 7.83
C ILE C 330 5.75 -1.56 7.07
N ASN C 331 5.09 -1.17 5.98
CA ASN C 331 4.17 -2.08 5.29
C ASN C 331 4.75 -2.67 4.00
N ASN C 332 4.65 -3.99 3.85
CA ASN C 332 5.01 -4.67 2.61
C ASN C 332 6.48 -4.56 2.24
N VAL C 333 7.33 -5.17 3.08
CA VAL C 333 8.74 -5.30 2.76
C VAL C 333 8.96 -6.66 2.10
N LEU C 334 9.30 -6.64 0.81
CA LEU C 334 9.59 -7.87 0.09
C LEU C 334 11.10 -7.95 -0.12
N MET C 335 11.73 -8.95 0.50
CA MET C 335 13.18 -9.08 0.45
C MET C 335 13.55 -10.43 -0.12
N SER C 336 14.53 -10.44 -1.02
CA SER C 336 15.00 -11.70 -1.57
C SER C 336 16.51 -11.66 -1.83
N GLY C 337 17.06 -12.80 -2.23
CA GLY C 337 18.46 -12.89 -2.67
C GLY C 337 19.47 -13.08 -1.56
N CYS C 338 19.01 -13.55 -0.41
CA CYS C 338 19.87 -13.88 0.71
C CYS C 338 19.90 -15.39 0.95
N ASP C 339 20.98 -16.05 0.51
CA ASP C 339 21.10 -17.50 0.67
C ASP C 339 22.17 -17.91 1.68
N GLY C 340 22.69 -16.94 2.43
CA GLY C 340 23.70 -17.22 3.43
C GLY C 340 25.10 -16.77 3.07
N THR C 341 25.34 -16.50 1.79
CA THR C 341 26.68 -16.13 1.34
C THR C 341 26.56 -14.90 0.44
N ASN C 342 27.53 -13.99 0.51
CA ASN C 342 27.48 -12.81 -0.36
C ASN C 342 28.24 -13.03 -1.68
N SER C 343 28.36 -11.96 -2.46
CA SER C 343 28.95 -12.05 -3.79
C SER C 343 30.43 -12.40 -3.77
N LEU C 344 31.05 -12.25 -2.60
CA LEU C 344 32.49 -12.46 -2.41
C LEU C 344 32.76 -13.76 -1.67
N GLY C 345 31.72 -14.54 -1.41
CA GLY C 345 31.87 -15.82 -0.72
C GLY C 345 31.91 -15.74 0.79
N GLN C 346 31.65 -14.55 1.33
CA GLN C 346 31.60 -14.34 2.78
C GLN C 346 30.25 -14.71 3.38
N ARG C 347 30.21 -15.07 4.66
CA ARG C 347 28.90 -15.26 5.30
C ARG C 347 28.09 -13.96 5.22
N GLN C 348 26.80 -14.09 4.91
CA GLN C 348 25.93 -12.95 4.88
C GLN C 348 24.70 -13.29 5.73
N THR C 349 24.51 -12.56 6.83
CA THR C 349 23.31 -12.77 7.62
C THR C 349 22.15 -12.01 7.00
N ALA C 350 20.92 -12.43 7.33
CA ALA C 350 19.71 -11.77 6.85
C ALA C 350 18.81 -11.36 8.01
N THR C 351 18.22 -10.17 7.88
CA THR C 351 17.28 -9.64 8.88
C THR C 351 16.27 -8.76 8.12
N ILE C 352 15.05 -9.22 7.91
CA ILE C 352 14.10 -8.42 7.12
C ILE C 352 13.61 -7.20 7.91
N ALA C 353 13.55 -7.33 9.23
CA ALA C 353 13.14 -6.21 10.10
C ALA C 353 13.94 -6.28 11.39
N ARG C 354 14.67 -5.21 11.69
CA ARG C 354 15.39 -5.06 12.96
C ARG C 354 14.81 -3.93 13.79
N PHE C 355 14.48 -4.24 15.06
CA PHE C 355 13.95 -3.29 16.02
C PHE C 355 15.07 -2.95 17.00
N ILE C 356 15.64 -1.77 16.82
CA ILE C 356 16.87 -1.35 17.49
C ILE C 356 16.61 -0.67 18.84
N GLY C 357 17.41 -1.05 19.83
CA GLY C 357 17.39 -0.38 21.13
C GLY C 357 16.04 -0.46 21.80
N THR C 358 15.43 0.69 22.07
CA THR C 358 14.15 0.74 22.73
C THR C 358 12.98 0.89 21.75
N ALA C 359 13.24 0.64 20.47
CA ALA C 359 12.17 0.70 19.45
C ALA C 359 10.89 0.10 19.98
N ASN C 360 9.78 0.83 19.85
CA ASN C 360 8.54 0.37 20.46
C ASN C 360 7.29 0.75 19.71
N ASN C 361 6.27 -0.11 19.83
CA ASN C 361 4.94 0.19 19.27
C ASN C 361 4.94 0.35 17.74
N ASN C 362 5.88 -0.31 17.08
CA ASN C 362 5.93 -0.31 15.62
C ASN C 362 5.20 -1.51 15.02
N TYR C 363 4.89 -1.40 13.74
CA TYR C 363 4.25 -2.48 12.98
C TYR C 363 5.08 -2.75 11.73
N ALA C 364 5.28 -4.04 11.38
CA ALA C 364 5.91 -4.35 10.09
C ALA C 364 5.23 -5.53 9.44
N SER C 365 4.98 -5.44 8.15
CA SER C 365 4.49 -6.59 7.39
C SER C 365 5.55 -6.98 6.36
N VAL C 366 5.92 -8.25 6.37
CA VAL C 366 7.16 -8.64 5.70
C VAL C 366 7.05 -9.96 4.95
N PHE C 367 7.87 -10.07 3.91
CA PHE C 367 7.91 -11.25 3.04
C PHE C 367 9.38 -11.66 2.87
N PRO C 368 9.87 -12.53 3.76
CA PRO C 368 11.26 -13.02 3.69
C PRO C 368 11.39 -14.13 2.64
N SER C 369 11.41 -13.71 1.38
CA SER C 369 11.44 -14.65 0.25
C SER C 369 12.88 -15.03 -0.07
N TYR C 370 13.54 -15.66 0.89
CA TYR C 370 14.94 -16.03 0.77
C TYR C 370 15.22 -17.17 1.73
N SER C 371 16.34 -17.86 1.52
CA SER C 371 16.61 -19.09 2.27
C SER C 371 17.47 -18.92 3.53
N ALA C 372 18.25 -17.83 3.61
CA ALA C 372 19.00 -17.55 4.84
C ALA C 372 18.07 -17.64 6.07
N THR C 373 18.62 -18.09 7.18
CA THR C 373 17.84 -18.38 8.38
C THR C 373 17.22 -17.16 9.07
N GLY C 374 17.96 -16.06 9.12
CA GLY C 374 17.51 -14.88 9.90
C GLY C 374 16.31 -14.22 9.27
N VAL C 375 15.32 -13.87 10.08
CA VAL C 375 14.16 -13.10 9.60
C VAL C 375 13.94 -11.84 10.44
N ILE C 376 13.63 -12.00 11.73
CA ILE C 376 13.37 -10.85 12.60
C ILE C 376 14.42 -10.72 13.71
N THR C 377 14.86 -9.49 13.99
CA THR C 377 15.66 -9.24 15.18
C THR C 377 14.99 -8.21 16.07
N PHE C 378 14.54 -8.65 17.25
CA PHE C 378 14.02 -7.77 18.30
C PHE C 378 15.20 -7.57 19.25
N GLU C 379 15.78 -6.38 19.28
CA GLU C 379 16.80 -6.11 20.28
C GLU C 379 16.18 -6.16 21.68
N SER C 380 17.00 -6.42 22.70
CA SER C 380 16.48 -6.78 24.01
C SER C 380 15.56 -5.74 24.65
N GLY C 381 15.80 -4.46 24.33
CA GLY C 381 15.02 -3.37 24.94
C GLY C 381 13.76 -3.00 24.17
N SER C 382 13.52 -3.67 23.04
CA SER C 382 12.39 -3.32 22.16
C SER C 382 11.08 -3.91 22.70
N THR C 383 9.97 -3.19 22.52
CA THR C 383 8.69 -3.61 23.12
C THR C 383 7.49 -3.26 22.25
N ARG C 384 6.42 -4.05 22.37
CA ARG C 384 5.16 -3.76 21.69
C ARG C 384 5.29 -3.60 20.17
N ASN C 385 6.26 -4.29 19.57
CA ASN C 385 6.37 -4.32 18.11
C ASN C 385 5.63 -5.55 17.57
N PHE C 386 4.82 -5.36 16.53
CA PHE C 386 4.01 -6.42 15.93
C PHE C 386 4.50 -6.66 14.50
N VAL C 387 4.95 -7.89 14.22
CA VAL C 387 5.41 -8.26 12.87
C VAL C 387 4.47 -9.29 12.29
N GLU C 388 3.96 -9.02 11.09
CA GLU C 388 3.13 -9.95 10.36
C GLU C 388 3.98 -10.49 9.22
N VAL C 389 4.35 -11.76 9.30
CA VAL C 389 5.09 -12.40 8.20
C VAL C 389 4.02 -12.87 7.24
N LYS C 390 3.76 -12.07 6.22
CA LYS C 390 2.58 -12.32 5.34
C LYS C 390 2.78 -13.51 4.42
N HIS C 391 4.03 -13.78 4.04
CA HIS C 391 4.38 -15.07 3.43
C HIS C 391 5.72 -15.54 3.98
N PRO C 392 5.79 -16.79 4.46
CA PRO C 392 7.00 -17.28 5.13
C PRO C 392 8.11 -17.78 4.20
N GLY C 393 8.02 -17.50 2.90
CA GLY C 393 8.97 -18.12 1.96
C GLY C 393 8.77 -19.63 1.99
N ARG C 394 9.87 -20.40 2.08
CA ARG C 394 9.78 -21.87 2.14
C ARG C 394 9.69 -22.43 3.55
N ARG C 395 9.63 -21.55 4.55
CA ARG C 395 9.58 -22.01 5.94
C ARG C 395 8.21 -22.58 6.28
N ASN C 396 8.21 -23.62 7.09
CA ASN C 396 6.97 -24.22 7.57
C ASN C 396 6.68 -23.94 9.04
N ASP C 397 7.62 -23.31 9.74
CA ASP C 397 7.49 -23.09 11.18
C ASP C 397 8.52 -22.03 11.56
N LEU C 398 8.09 -20.87 12.09
CA LEU C 398 9.05 -19.82 12.40
C LEU C 398 9.82 -20.09 13.68
N LEU C 399 9.50 -21.19 14.35
CA LEU C 399 10.16 -21.54 15.61
C LEU C 399 11.08 -22.76 15.53
N SER C 400 11.11 -23.40 14.37
CA SER C 400 11.92 -24.62 14.24
C SER C 400 13.40 -24.30 14.43
N SER C 401 13.84 -23.17 13.86
CA SER C 401 15.18 -22.64 14.12
C SER C 401 15.12 -21.52 15.13
N ALA C 402 15.96 -21.58 16.16
CA ALA C 402 16.01 -20.52 17.17
C ALA C 402 16.47 -19.20 16.55
N SER C 403 17.08 -19.27 15.38
CA SER C 403 17.66 -18.09 14.76
C SER C 403 16.71 -17.33 13.82
N THR C 404 15.53 -17.88 13.57
CA THR C 404 14.53 -17.20 12.71
C THR C 404 14.08 -15.90 13.35
N ILE C 405 13.78 -15.95 14.64
CA ILE C 405 13.41 -14.76 15.41
C ILE C 405 14.46 -14.57 16.49
N ASP C 406 15.37 -13.63 16.29
CA ASP C 406 16.41 -13.35 17.27
C ASP C 406 15.80 -12.36 18.26
N GLY C 407 15.91 -12.63 19.55
CA GLY C 407 15.25 -11.81 20.57
C GLY C 407 13.90 -12.37 20.96
N ALA C 408 13.72 -13.69 20.82
CA ALA C 408 12.42 -14.30 21.15
C ALA C 408 11.98 -14.09 22.61
N ALA C 409 12.93 -13.88 23.52
CA ALA C 409 12.59 -13.66 24.93
C ALA C 409 11.76 -12.41 25.14
N THR C 410 11.82 -11.48 24.18
CA THR C 410 11.01 -10.26 24.26
C THR C 410 9.53 -10.50 23.94
N ILE C 411 9.22 -11.69 23.43
CA ILE C 411 7.83 -12.10 23.24
C ILE C 411 7.43 -12.78 24.55
N ASP C 412 6.91 -11.96 25.47
CA ASP C 412 6.70 -12.45 26.84
C ASP C 412 5.25 -12.44 27.31
N GLY C 413 4.31 -12.08 26.43
CA GLY C 413 2.91 -12.12 26.76
C GLY C 413 2.45 -11.03 27.71
N THR C 414 3.34 -10.11 28.06
CA THR C 414 2.97 -8.98 28.92
C THR C 414 2.53 -7.81 28.07
N SER C 415 2.12 -6.71 28.72
CA SER C 415 1.74 -5.52 27.96
C SER C 415 2.92 -4.95 27.15
N ASN C 416 4.14 -5.40 27.45
CA ASN C 416 5.34 -4.92 26.72
C ASN C 416 5.78 -5.90 25.62
N SER C 417 5.03 -7.00 25.46
CA SER C 417 5.43 -8.06 24.52
C SER C 417 5.63 -7.58 23.08
N ASN C 418 6.65 -8.10 22.42
CA ASN C 418 6.66 -8.12 20.96
C ASN C 418 5.77 -9.28 20.50
N VAL C 419 5.38 -9.30 19.23
CA VAL C 419 4.46 -10.31 18.72
C VAL C 419 4.81 -10.63 17.28
N VAL C 420 4.76 -11.90 16.91
CA VAL C 420 4.95 -12.31 15.51
C VAL C 420 3.81 -13.24 15.07
N HIS C 421 3.16 -12.90 13.95
CA HIS C 421 2.18 -13.81 13.31
C HIS C 421 2.69 -14.28 11.94
N ALA C 422 2.40 -15.54 11.58
CA ALA C 422 2.64 -16.05 10.22
C ALA C 422 1.37 -16.79 9.78
N PRO C 423 0.38 -16.03 9.31
CA PRO C 423 -0.95 -16.57 9.05
C PRO C 423 -0.98 -17.77 8.07
N ALA C 424 -0.11 -17.78 7.06
CA ALA C 424 -0.13 -18.90 6.10
C ALA C 424 0.22 -20.22 6.77
N LEU C 425 0.98 -20.13 7.86
CA LEU C 425 1.39 -21.28 8.66
C LEU C 425 0.45 -21.51 9.84
N GLY C 426 -0.57 -20.66 9.96
CA GLY C 426 -1.52 -20.72 11.08
C GLY C 426 -0.83 -20.50 12.42
N GLN C 427 0.25 -19.71 12.40
CA GLN C 427 1.15 -19.58 13.56
C GLN C 427 1.07 -18.20 14.22
N TYR C 428 0.71 -18.17 15.51
CA TYR C 428 0.51 -16.91 16.24
C TYR C 428 1.39 -16.94 17.47
N ILE C 429 2.37 -16.03 17.52
CA ILE C 429 3.41 -16.10 18.54
C ILE C 429 3.40 -14.83 19.40
N GLY C 430 2.78 -14.93 20.58
CA GLY C 430 2.69 -13.78 21.48
C GLY C 430 1.39 -12.99 21.39
N SER C 431 1.00 -12.39 22.51
CA SER C 431 -0.14 -11.45 22.54
C SER C 431 0.13 -10.38 23.56
N MET C 432 -0.07 -9.12 23.17
CA MET C 432 0.16 -7.98 24.06
C MET C 432 -0.96 -7.80 25.10
N SER C 433 -2.04 -8.57 24.95
CA SER C 433 -3.12 -8.58 25.94
C SER C 433 -2.98 -9.72 26.94
N GLY C 434 -2.02 -10.59 26.69
CA GLY C 434 -1.87 -11.79 27.51
C GLY C 434 -2.88 -12.88 27.20
N ARG C 435 -3.67 -12.70 26.14
CA ARG C 435 -4.64 -13.75 25.78
C ARG C 435 -5.02 -13.70 24.30
N PHE C 436 -5.71 -14.73 23.84
CA PHE C 436 -6.42 -14.70 22.57
C PHE C 436 -7.89 -14.81 22.88
N GLU C 437 -8.70 -13.93 22.29
CA GLU C 437 -10.13 -13.94 22.57
C GLU C 437 -10.96 -13.67 21.34
N TRP C 438 -12.00 -14.47 21.19
CA TRP C 438 -12.95 -14.35 20.09
C TRP C 438 -14.32 -14.14 20.69
N ARG C 439 -15.09 -13.25 20.07
CA ARG C 439 -16.53 -13.22 20.34
C ARG C 439 -17.33 -13.04 19.07
N ILE C 440 -18.46 -13.73 18.98
CA ILE C 440 -19.31 -13.68 17.80
C ILE C 440 -20.01 -12.32 17.65
N LYS C 441 -20.26 -11.68 18.79
CA LYS C 441 -20.96 -10.40 18.84
C LYS C 441 -20.57 -9.62 20.10
N SER C 442 -20.88 -8.32 20.14
CA SER C 442 -20.71 -7.55 21.37
C SER C 442 -21.59 -8.15 22.44
N MET C 443 -21.03 -8.29 23.65
CA MET C 443 -21.74 -8.92 24.74
C MET C 443 -21.08 -8.56 26.04
N SER C 444 -21.80 -8.75 27.14
CA SER C 444 -21.21 -8.59 28.45
C SER C 444 -20.87 -9.96 29.00
N LEU C 445 -19.92 -10.00 29.93
CA LEU C 445 -19.51 -11.23 30.60
C LEU C 445 -19.91 -11.15 32.06
N PRO C 446 -20.09 -12.31 32.70
CA PRO C 446 -20.41 -12.31 34.12
C PRO C 446 -19.20 -11.86 34.94
N SER C 447 -19.46 -11.06 35.96
CA SER C 447 -18.38 -10.50 36.77
C SER C 447 -17.69 -11.60 37.58
N GLY C 448 -16.38 -11.49 37.69
CA GLY C 448 -15.62 -12.38 38.57
C GLY C 448 -15.72 -13.85 38.22
N VAL C 449 -15.71 -14.15 36.92
CA VAL C 449 -15.61 -15.54 36.46
C VAL C 449 -14.27 -15.78 35.75
N LEU C 450 -14.05 -15.08 34.64
CA LEU C 450 -12.83 -15.25 33.87
C LEU C 450 -11.68 -14.55 34.58
N THR C 451 -10.49 -15.16 34.51
CA THR C 451 -9.29 -14.62 35.15
C THR C 451 -8.12 -14.59 34.15
N SER C 452 -6.95 -14.17 34.61
CA SER C 452 -5.75 -14.14 33.76
C SER C 452 -5.39 -15.54 33.26
N ALA C 453 -5.89 -16.57 33.94
CA ALA C 453 -5.64 -17.95 33.53
C ALA C 453 -6.37 -18.27 32.24
N ASP C 454 -7.47 -17.54 32.01
CA ASP C 454 -8.28 -17.77 30.81
C ASP C 454 -7.63 -17.05 29.64
N LYS C 455 -6.58 -17.69 29.14
CA LYS C 455 -5.72 -17.11 28.10
C LYS C 455 -6.29 -17.33 26.71
N TYR C 456 -7.33 -18.17 26.64
CA TYR C 456 -8.03 -18.48 25.39
C TYR C 456 -9.51 -18.40 25.68
N ARG C 457 -10.23 -17.56 24.95
CA ARG C 457 -11.66 -17.35 25.21
C ARG C 457 -12.45 -17.39 23.92
N MET C 458 -13.46 -18.26 23.87
CA MET C 458 -14.31 -18.42 22.73
C MET C 458 -15.72 -18.14 23.24
N LEU C 459 -16.21 -16.94 22.91
CA LEU C 459 -17.39 -16.36 23.55
C LEU C 459 -18.58 -16.17 22.63
N GLY C 460 -19.77 -16.27 23.20
CA GLY C 460 -21.01 -15.97 22.47
C GLY C 460 -22.16 -15.96 23.47
N ASP C 461 -23.34 -15.56 23.02
CA ASP C 461 -24.55 -15.74 23.83
C ASP C 461 -25.32 -16.97 23.37
N GLY C 462 -26.43 -17.27 24.05
CA GLY C 462 -27.23 -18.46 23.74
C GLY C 462 -26.42 -19.73 23.87
N ALA C 463 -26.64 -20.66 22.95
CA ALA C 463 -25.86 -21.90 22.96
C ALA C 463 -24.53 -21.67 22.29
N VAL C 464 -23.45 -22.06 22.97
CA VAL C 464 -22.11 -21.91 22.40
C VAL C 464 -21.39 -23.25 22.42
N SER C 465 -21.11 -23.76 21.23
CA SER C 465 -20.46 -25.05 21.07
C SER C 465 -19.15 -24.91 20.31
N LEU C 466 -18.08 -25.47 20.87
CA LEU C 466 -16.81 -25.61 20.17
C LEU C 466 -16.77 -27.03 19.61
N ALA C 467 -16.83 -27.14 18.28
CA ALA C 467 -16.81 -28.43 17.60
C ALA C 467 -15.40 -28.75 17.12
N VAL C 468 -14.94 -29.94 17.47
CA VAL C 468 -13.60 -30.40 17.11
C VAL C 468 -13.70 -31.75 16.39
N GLY C 469 -13.15 -31.83 15.18
CA GLY C 469 -13.11 -33.12 14.46
C GLY C 469 -13.48 -33.05 12.98
N GLY C 470 -14.23 -34.04 12.53
CA GLY C 470 -14.54 -34.18 11.12
C GLY C 470 -13.84 -35.38 10.49
N GLY C 471 -13.03 -36.07 11.28
CA GLY C 471 -12.21 -37.19 10.79
C GLY C 471 -12.60 -38.52 11.41
N THR C 472 -11.61 -39.26 11.87
CA THR C 472 -11.83 -40.61 12.42
C THR C 472 -11.69 -40.70 13.94
N SER C 473 -10.98 -39.76 14.54
CA SER C 473 -10.95 -39.64 15.99
C SER C 473 -10.77 -38.17 16.34
N SER C 474 -11.31 -37.77 17.47
CA SER C 474 -11.35 -36.35 17.84
C SER C 474 -11.13 -36.20 19.34
N GLN C 475 -10.30 -35.24 19.75
CA GLN C 475 -10.03 -35.13 21.17
C GLN C 475 -9.59 -33.76 21.62
N VAL C 476 -9.73 -33.50 22.92
CA VAL C 476 -9.02 -32.41 23.59
C VAL C 476 -7.90 -33.06 24.41
N ARG C 477 -6.66 -32.60 24.20
CA ARG C 477 -5.49 -33.07 24.97
C ARG C 477 -5.09 -31.97 25.95
N LEU C 478 -5.24 -32.22 27.25
CA LEU C 478 -4.74 -31.29 28.25
C LEU C 478 -3.33 -31.74 28.61
N PHE C 479 -2.35 -30.83 28.63
CA PHE C 479 -1.00 -31.26 28.96
C PHE C 479 -0.20 -30.18 29.68
N THR C 480 0.86 -30.59 30.38
CA THR C 480 1.68 -29.66 31.15
C THR C 480 3.16 -29.80 30.75
N SER C 481 3.99 -28.86 31.21
CA SER C 481 5.41 -28.77 30.81
C SER C 481 6.23 -29.99 31.23
N ASP C 482 5.76 -30.68 32.26
CA ASP C 482 6.40 -31.91 32.70
C ASP C 482 6.11 -33.12 31.81
N GLY C 483 5.32 -32.90 30.75
CA GLY C 483 5.02 -33.95 29.77
C GLY C 483 3.76 -34.76 30.07
N THR C 484 3.16 -34.51 31.23
CA THR C 484 1.91 -35.20 31.60
C THR C 484 0.81 -34.80 30.60
N SER C 485 0.09 -35.80 30.08
CA SER C 485 -0.93 -35.59 29.05
C SER C 485 -2.17 -36.42 29.40
N ARG C 486 -3.34 -35.82 29.28
CA ARG C 486 -4.61 -36.53 29.53
C ARG C 486 -5.62 -36.09 28.48
N THR C 487 -6.42 -37.03 27.98
CA THR C 487 -7.34 -36.68 26.89
C THR C 487 -8.81 -36.96 27.22
N VAL C 488 -9.67 -36.14 26.61
CA VAL C 488 -11.08 -36.44 26.49
C VAL C 488 -11.26 -36.67 25.00
N SER C 489 -11.50 -37.92 24.61
CA SER C 489 -11.45 -38.29 23.21
C SER C 489 -12.74 -39.00 22.76
N LEU C 490 -12.97 -38.98 21.45
CA LEU C 490 -14.02 -39.78 20.83
C LEU C 490 -13.29 -40.87 20.03
N THR C 491 -13.28 -42.08 20.60
CA THR C 491 -12.41 -43.16 20.15
C THR C 491 -13.27 -44.38 19.88
N ASN C 492 -13.19 -44.91 18.65
CA ASN C 492 -14.09 -45.99 18.22
C ASN C 492 -15.55 -45.69 18.57
N GLY C 493 -15.93 -44.43 18.46
CA GLY C 493 -17.33 -44.02 18.63
C GLY C 493 -17.82 -43.83 20.05
N ASN C 494 -16.92 -43.94 21.04
CA ASN C 494 -17.25 -43.68 22.45
C ASN C 494 -16.34 -42.62 23.04
N VAL C 495 -16.86 -41.85 24.00
CA VAL C 495 -16.00 -40.95 24.79
C VAL C 495 -15.08 -41.75 25.72
N ARG C 496 -13.80 -41.40 25.75
CA ARG C 496 -12.88 -41.95 26.75
C ARG C 496 -12.24 -40.82 27.52
N LEU C 497 -12.13 -41.00 28.84
CA LEU C 497 -11.56 -40.00 29.73
C LEU C 497 -10.29 -40.59 30.35
N SER C 498 -9.14 -39.95 30.12
CA SER C 498 -7.88 -40.53 30.62
C SER C 498 -7.80 -40.53 32.13
N THR C 499 -7.46 -41.69 32.69
CA THR C 499 -7.24 -41.83 34.13
C THR C 499 -5.75 -41.89 34.52
N SER C 500 -4.89 -42.11 33.53
CA SER C 500 -3.45 -42.13 33.77
C SER C 500 -2.75 -41.93 32.43
N SER C 501 -1.44 -42.12 32.40
CA SER C 501 -0.73 -42.01 31.13
C SER C 501 -1.26 -43.02 30.10
N THR C 502 -1.78 -44.15 30.57
CA THR C 502 -2.25 -45.22 29.66
C THR C 502 -3.73 -45.62 29.85
N GLY C 503 -4.28 -45.33 31.02
CA GLY C 503 -5.61 -45.86 31.38
C GLY C 503 -6.73 -44.90 31.06
N TYR C 504 -7.96 -45.41 31.05
CA TYR C 504 -9.11 -44.56 30.74
C TYR C 504 -10.41 -45.17 31.26
N LEU C 505 -11.43 -44.31 31.34
CA LEU C 505 -12.81 -44.72 31.53
C LEU C 505 -13.47 -44.55 30.15
N GLN C 506 -14.19 -45.57 29.69
CA GLN C 506 -14.87 -45.53 28.41
C GLN C 506 -16.38 -45.43 28.62
N LEU C 507 -17.00 -44.39 28.03
CA LEU C 507 -18.42 -44.16 28.20
C LEU C 507 -19.15 -44.82 27.03
N GLY C 508 -19.40 -46.11 27.16
CA GLY C 508 -20.10 -46.84 26.12
C GLY C 508 -21.60 -46.58 26.24
N ALA C 509 -22.36 -47.01 25.24
CA ALA C 509 -23.80 -46.75 25.25
C ALA C 509 -24.55 -47.44 26.36
N ASP C 510 -24.06 -48.60 26.82
CA ASP C 510 -24.73 -49.40 27.84
C ASP C 510 -24.02 -49.43 29.19
N ALA C 511 -22.73 -49.10 29.20
CA ALA C 511 -21.96 -49.17 30.44
C ALA C 511 -20.73 -48.28 30.36
N MET C 512 -20.31 -47.75 31.51
CA MET C 512 -19.02 -47.09 31.65
C MET C 512 -18.04 -48.14 32.15
N THR C 513 -16.90 -48.28 31.46
CA THR C 513 -15.95 -49.33 31.78
C THR C 513 -14.52 -48.81 31.93
N PRO C 514 -13.71 -49.47 32.78
CA PRO C 514 -12.29 -49.15 32.82
C PRO C 514 -11.55 -49.86 31.68
N ASP C 515 -10.34 -49.40 31.35
CA ASP C 515 -9.60 -50.02 30.25
C ASP C 515 -9.16 -51.44 30.56
N SER C 516 -9.00 -51.73 31.84
CA SER C 516 -8.57 -53.07 32.25
C SER C 516 -9.35 -53.53 33.47
N THR C 517 -9.46 -54.84 33.64
CA THR C 517 -10.34 -55.40 34.68
C THR C 517 -9.65 -55.57 36.02
N GLY C 518 -10.41 -55.36 37.10
CA GLY C 518 -9.97 -55.65 38.47
C GLY C 518 -8.83 -54.78 38.96
N THR C 519 -8.65 -53.60 38.34
CA THR C 519 -7.55 -52.72 38.73
C THR C 519 -7.95 -51.29 39.12
N TYR C 520 -9.14 -50.85 38.73
CA TYR C 520 -9.57 -49.45 38.95
C TYR C 520 -10.73 -49.41 39.94
N ALA C 521 -10.62 -48.56 40.96
CA ALA C 521 -11.66 -48.49 41.99
C ALA C 521 -12.57 -47.28 41.87
N LEU C 522 -13.80 -47.43 42.34
CA LEU C 522 -14.66 -46.26 42.48
C LEU C 522 -14.67 -45.87 43.94
N GLY C 523 -13.92 -44.80 44.24
CA GLY C 523 -13.73 -44.32 45.62
C GLY C 523 -12.45 -44.83 46.26
N SER C 524 -12.13 -44.27 47.42
CA SER C 524 -11.06 -44.79 48.27
C SER C 524 -11.53 -44.73 49.70
N ALA C 525 -10.79 -45.37 50.61
CA ALA C 525 -11.18 -45.35 52.01
C ALA C 525 -11.24 -43.92 52.55
N SER C 526 -10.35 -43.06 52.08
CA SER C 526 -10.29 -41.66 52.52
C SER C 526 -11.27 -40.75 51.79
N ARG C 527 -11.69 -41.19 50.61
CA ARG C 527 -12.64 -40.42 49.80
C ARG C 527 -13.72 -41.34 49.26
N ALA C 528 -14.70 -41.63 50.10
CA ALA C 528 -15.74 -42.61 49.81
C ALA C 528 -17.02 -41.93 49.37
N TRP C 529 -17.87 -42.64 48.63
CA TRP C 529 -19.16 -42.06 48.23
C TRP C 529 -20.05 -41.95 49.46
N SER C 530 -21.07 -41.10 49.39
CA SER C 530 -22.11 -41.11 50.43
C SER C 530 -22.90 -42.40 50.34
N GLY C 531 -23.06 -42.91 49.12
CA GLY C 531 -23.92 -44.06 48.83
C GLY C 531 -24.22 -44.03 47.34
N GLY C 532 -25.30 -44.68 46.95
CA GLY C 532 -25.60 -44.80 45.51
C GLY C 532 -26.86 -45.61 45.33
N PHE C 533 -27.33 -45.66 44.09
CA PHE C 533 -28.57 -46.32 43.77
C PHE C 533 -28.44 -47.17 42.51
N THR C 534 -28.79 -48.45 42.64
CA THR C 534 -28.73 -49.39 41.52
C THR C 534 -29.96 -50.30 41.54
N GLN C 535 -30.54 -50.58 40.38
CA GLN C 535 -31.78 -51.37 40.33
C GLN C 535 -31.51 -52.81 40.75
N ALA C 536 -30.40 -53.36 40.25
CA ALA C 536 -29.89 -54.68 40.67
C ALA C 536 -28.53 -54.49 41.36
N ALA C 537 -28.27 -55.26 42.41
CA ALA C 537 -27.00 -55.13 43.13
C ALA C 537 -25.84 -55.41 42.17
N PHE C 538 -24.73 -54.72 42.38
CA PHE C 538 -23.55 -54.95 41.55
C PHE C 538 -23.11 -56.41 41.64
N THR C 539 -22.73 -56.94 40.48
CA THR C 539 -22.28 -58.32 40.32
C THR C 539 -20.83 -58.42 40.73
N VAL C 540 -20.53 -59.36 41.63
CA VAL C 540 -19.16 -59.57 42.10
C VAL C 540 -18.53 -60.61 41.20
N THR C 541 -17.48 -60.22 40.48
CA THR C 541 -16.92 -61.03 39.42
C THR C 541 -15.78 -61.93 39.90
BR BR D . -6.23 -32.75 8.28
BR BR E . 22.22 35.18 -45.23
BR BR F . -5.75 -24.02 34.50
BR BR G . -21.67 14.59 -0.46
BR BR H . -1.33 11.14 21.96
BR BR I . 1.45 -17.48 29.54
BR BR J . 5.31 -14.74 -20.89
BR BR K . 20.14 8.92 13.93
BR BR L . 21.18 -15.51 8.82
BR BR M . -23.60 -15.41 19.75
BR BR N . 10.81 -24.65 8.59
BR BR O . 17.64 -17.08 -1.55
#